data_2LQQ
#
_entry.id   2LQQ
#
_entity_poly.entity_id   1
_entity_poly.type   'polypeptide(L)'
_entity_poly.pdbx_seq_one_letter_code
;MVTAALTIYTTSWCGYCLRLKTALTANRIAYDEVDIEHNRAAAEFVGSVNGGNRTVPTVKFADGSTLTNPSADEVKAKLV
KIAGLEHHHHHH
;
_entity_poly.pdbx_strand_id   A
#
# COMPACT_ATOMS: atom_id res chain seq x y z
N MET A 1 14.24 -12.15 -3.17
CA MET A 1 14.59 -11.05 -4.06
C MET A 1 13.36 -10.38 -4.66
N VAL A 2 12.17 -10.73 -4.18
CA VAL A 2 10.97 -10.07 -4.67
C VAL A 2 10.83 -8.70 -3.99
N THR A 3 11.22 -7.69 -4.71
CA THR A 3 11.24 -6.35 -4.20
C THR A 3 9.84 -5.74 -4.09
N ALA A 4 9.37 -5.65 -2.87
CA ALA A 4 8.10 -5.07 -2.58
C ALA A 4 8.28 -3.56 -2.47
N ALA A 5 7.93 -2.87 -3.52
CA ALA A 5 8.12 -1.42 -3.59
C ALA A 5 6.94 -0.65 -2.99
N LEU A 6 5.95 -1.39 -2.55
CA LEU A 6 4.78 -0.78 -1.98
C LEU A 6 4.72 -1.06 -0.52
N THR A 7 4.54 -0.05 0.24
CA THR A 7 4.31 -0.22 1.63
C THR A 7 2.82 0.00 1.87
N ILE A 8 2.12 -1.07 2.16
CA ILE A 8 0.68 -0.99 2.33
C ILE A 8 0.34 -1.13 3.78
N TYR A 9 -0.50 -0.28 4.25
CA TYR A 9 -0.92 -0.30 5.60
C TYR A 9 -2.10 -1.24 5.74
N THR A 10 -2.01 -2.17 6.69
CA THR A 10 -3.06 -3.13 6.89
C THR A 10 -3.29 -3.40 8.38
N THR A 11 -4.42 -4.00 8.69
CA THR A 11 -4.81 -4.41 10.02
C THR A 11 -5.62 -5.70 9.89
N SER A 12 -5.83 -6.38 11.00
CA SER A 12 -6.69 -7.54 11.00
C SER A 12 -8.13 -7.04 10.93
N TRP A 13 -8.32 -5.78 11.32
CA TRP A 13 -9.61 -5.13 11.28
C TRP A 13 -9.80 -4.64 9.85
N CYS A 14 -10.19 -5.53 8.99
CA CYS A 14 -10.15 -5.23 7.59
C CYS A 14 -11.43 -5.61 6.88
N GLY A 15 -11.58 -5.08 5.69
CA GLY A 15 -12.68 -5.32 4.82
C GLY A 15 -12.35 -4.80 3.45
N TYR A 16 -12.51 -3.50 3.28
CA TYR A 16 -12.20 -2.78 2.04
C TYR A 16 -10.71 -2.93 1.63
N CYS A 17 -9.85 -3.04 2.63
CA CYS A 17 -8.43 -3.23 2.40
C CYS A 17 -8.14 -4.56 1.71
N LEU A 18 -8.91 -5.58 2.06
CA LEU A 18 -8.71 -6.91 1.55
C LEU A 18 -9.05 -6.97 0.08
N ARG A 19 -10.01 -6.16 -0.34
CA ARG A 19 -10.42 -6.08 -1.74
C ARG A 19 -9.22 -5.71 -2.61
N LEU A 20 -8.61 -4.58 -2.27
CA LEU A 20 -7.46 -4.06 -3.00
C LEU A 20 -6.27 -5.02 -2.87
N LYS A 21 -6.11 -5.57 -1.68
CA LYS A 21 -5.03 -6.50 -1.37
C LYS A 21 -5.13 -7.75 -2.26
N THR A 22 -6.34 -8.18 -2.56
CA THR A 22 -6.57 -9.32 -3.42
C THR A 22 -6.21 -8.93 -4.87
N ALA A 23 -6.66 -7.74 -5.27
CA ALA A 23 -6.43 -7.22 -6.60
C ALA A 23 -4.94 -7.09 -6.92
N LEU A 24 -4.19 -6.54 -5.99
CA LEU A 24 -2.76 -6.33 -6.20
C LEU A 24 -2.00 -7.65 -6.25
N THR A 25 -2.41 -8.61 -5.44
CA THR A 25 -1.76 -9.92 -5.43
C THR A 25 -2.04 -10.65 -6.76
N ALA A 26 -3.27 -10.55 -7.26
CA ALA A 26 -3.66 -11.17 -8.51
C ALA A 26 -2.99 -10.47 -9.70
N ASN A 27 -2.66 -9.23 -9.50
CA ASN A 27 -1.98 -8.41 -10.52
C ASN A 27 -0.48 -8.55 -10.45
N ARG A 28 -0.01 -9.48 -9.58
CA ARG A 28 1.42 -9.82 -9.41
C ARG A 28 2.21 -8.66 -8.84
N ILE A 29 1.55 -7.83 -8.08
CA ILE A 29 2.16 -6.69 -7.48
C ILE A 29 2.68 -7.06 -6.10
N ALA A 30 3.97 -6.83 -5.89
CA ALA A 30 4.63 -7.13 -4.65
C ALA A 30 4.50 -5.97 -3.68
N TYR A 31 4.01 -6.24 -2.52
CA TYR A 31 3.79 -5.22 -1.52
C TYR A 31 4.25 -5.69 -0.16
N ASP A 32 4.54 -4.76 0.68
CA ASP A 32 4.95 -5.02 2.03
C ASP A 32 3.94 -4.38 2.94
N GLU A 33 3.23 -5.19 3.69
CA GLU A 33 2.21 -4.67 4.56
C GLU A 33 2.78 -4.38 5.95
N VAL A 34 2.26 -3.34 6.56
CA VAL A 34 2.81 -2.83 7.80
C VAL A 34 2.16 -3.49 9.05
N ASP A 35 2.93 -3.52 10.09
CA ASP A 35 2.65 -4.12 11.41
C ASP A 35 1.85 -3.22 12.34
N ILE A 36 1.44 -2.04 11.85
CA ILE A 36 0.85 -0.90 12.66
C ILE A 36 -0.15 -1.30 13.77
N GLU A 37 -0.84 -2.41 13.60
CA GLU A 37 -1.78 -2.89 14.60
C GLU A 37 -1.04 -3.16 15.91
N HIS A 38 0.12 -3.75 15.77
CA HIS A 38 0.94 -4.12 16.88
C HIS A 38 2.06 -3.09 17.06
N ASN A 39 2.56 -2.58 15.94
CA ASN A 39 3.65 -1.61 15.93
C ASN A 39 3.09 -0.19 15.95
N ARG A 40 3.10 0.40 17.13
CA ARG A 40 2.45 1.68 17.41
C ARG A 40 3.05 2.88 16.65
N ALA A 41 4.37 2.91 16.50
CA ALA A 41 5.06 4.06 15.90
C ALA A 41 4.65 4.28 14.44
N ALA A 42 4.30 3.22 13.76
CA ALA A 42 3.90 3.32 12.39
C ALA A 42 2.41 3.62 12.30
N ALA A 43 1.67 3.26 13.34
CA ALA A 43 0.23 3.46 13.38
C ALA A 43 -0.09 4.94 13.44
N GLU A 44 0.69 5.65 14.23
CA GLU A 44 0.53 7.07 14.40
C GLU A 44 0.84 7.80 13.09
N PHE A 45 1.77 7.23 12.34
CA PHE A 45 2.20 7.76 11.06
C PHE A 45 1.07 7.67 10.02
N VAL A 46 0.21 6.66 10.15
CA VAL A 46 -0.94 6.50 9.26
C VAL A 46 -1.86 7.70 9.43
N GLY A 47 -2.05 8.09 10.68
CA GLY A 47 -2.87 9.24 10.99
C GLY A 47 -2.32 10.50 10.36
N SER A 48 -1.01 10.57 10.28
CA SER A 48 -0.33 11.69 9.67
C SER A 48 -0.56 11.74 8.15
N VAL A 49 -0.40 10.61 7.48
CA VAL A 49 -0.50 10.57 6.02
C VAL A 49 -1.95 10.68 5.54
N ASN A 50 -2.90 10.24 6.33
CA ASN A 50 -4.31 10.36 5.95
C ASN A 50 -4.85 11.71 6.39
N GLY A 51 -4.31 12.23 7.47
CA GLY A 51 -4.73 13.52 7.97
C GLY A 51 -5.80 13.41 9.02
N GLY A 52 -5.45 12.83 10.15
CA GLY A 52 -6.39 12.71 11.26
C GLY A 52 -7.18 11.43 11.21
N ASN A 53 -7.11 10.76 10.09
CA ASN A 53 -7.81 9.49 9.90
C ASN A 53 -6.81 8.40 9.80
N ARG A 54 -7.26 7.19 10.00
CA ARG A 54 -6.45 6.04 9.80
C ARG A 54 -7.18 5.09 8.89
N THR A 55 -7.02 5.34 7.63
CA THR A 55 -7.63 4.60 6.58
C THR A 55 -6.72 3.42 6.30
N VAL A 56 -7.27 2.22 6.21
CA VAL A 56 -6.42 1.07 6.08
C VAL A 56 -5.65 1.00 4.82
N PRO A 57 -6.30 0.81 3.61
CA PRO A 57 -5.53 0.43 2.50
C PRO A 57 -4.82 1.62 1.82
N THR A 58 -4.02 2.22 2.59
CA THR A 58 -3.21 3.28 2.25
C THR A 58 -1.89 2.70 1.78
N VAL A 59 -1.46 3.10 0.63
CA VAL A 59 -0.25 2.60 0.07
C VAL A 59 0.77 3.73 -0.05
N LYS A 60 1.96 3.46 0.38
CA LYS A 60 3.03 4.39 0.22
C LYS A 60 4.04 3.74 -0.69
N PHE A 61 4.41 4.41 -1.72
CA PHE A 61 5.33 3.87 -2.70
C PHE A 61 6.74 4.19 -2.31
N ALA A 62 7.68 3.64 -3.07
CA ALA A 62 9.11 3.93 -2.92
C ALA A 62 9.39 5.39 -3.30
N ASP A 63 8.37 6.00 -3.89
CA ASP A 63 8.37 7.39 -4.29
C ASP A 63 8.13 8.30 -3.08
N GLY A 64 7.60 7.73 -2.01
CA GLY A 64 7.33 8.49 -0.81
C GLY A 64 5.88 8.96 -0.74
N SER A 65 5.22 9.04 -1.88
CA SER A 65 3.85 9.49 -1.93
C SER A 65 2.90 8.39 -1.43
N THR A 66 1.80 8.82 -0.86
CA THR A 66 0.81 7.95 -0.32
C THR A 66 -0.49 8.07 -1.11
N LEU A 67 -1.14 6.96 -1.35
CA LEU A 67 -2.43 6.99 -1.99
C LEU A 67 -3.43 6.36 -1.05
N THR A 68 -4.34 7.16 -0.59
CA THR A 68 -5.39 6.72 0.31
C THR A 68 -6.56 6.20 -0.54
N ASN A 69 -6.79 4.89 -0.45
CA ASN A 69 -7.85 4.19 -1.23
C ASN A 69 -7.67 4.36 -2.75
N PRO A 70 -6.59 3.83 -3.33
CA PRO A 70 -6.37 3.92 -4.78
C PRO A 70 -7.06 2.78 -5.53
N SER A 71 -7.04 2.86 -6.82
CA SER A 71 -7.53 1.82 -7.66
C SER A 71 -6.35 0.91 -8.02
N ALA A 72 -6.60 -0.35 -8.32
CA ALA A 72 -5.52 -1.30 -8.62
C ALA A 72 -4.77 -0.90 -9.89
N ASP A 73 -5.53 -0.36 -10.83
CA ASP A 73 -5.01 0.11 -12.12
C ASP A 73 -3.97 1.21 -11.91
N GLU A 74 -4.29 2.16 -11.02
CA GLU A 74 -3.41 3.26 -10.68
C GLU A 74 -2.11 2.73 -10.11
N VAL A 75 -2.26 1.85 -9.13
CA VAL A 75 -1.13 1.27 -8.43
C VAL A 75 -0.19 0.55 -9.39
N LYS A 76 -0.76 -0.23 -10.27
CA LYS A 76 0.02 -1.00 -11.22
C LYS A 76 0.73 -0.09 -12.23
N ALA A 77 0.06 0.98 -12.66
CA ALA A 77 0.64 1.91 -13.63
C ALA A 77 1.71 2.79 -12.98
N LYS A 78 1.53 3.07 -11.71
CA LYS A 78 2.51 3.83 -10.97
C LYS A 78 3.70 2.93 -10.62
N LEU A 79 3.41 1.66 -10.30
CA LEU A 79 4.43 0.68 -9.96
C LEU A 79 5.43 0.56 -11.10
N VAL A 80 4.90 0.32 -12.29
CA VAL A 80 5.72 0.11 -13.47
C VAL A 80 6.62 1.31 -13.79
N LYS A 81 6.17 2.52 -13.48
CA LYS A 81 7.01 3.68 -13.72
C LYS A 81 8.03 3.89 -12.58
N ILE A 82 7.61 3.70 -11.32
CA ILE A 82 8.51 3.95 -10.20
C ILE A 82 9.55 2.86 -10.02
N ALA A 83 9.24 1.67 -10.49
CA ALA A 83 10.18 0.57 -10.45
C ALA A 83 11.00 0.54 -11.71
N GLY A 84 10.39 0.95 -12.80
CA GLY A 84 11.06 0.94 -14.09
C GLY A 84 11.26 -0.49 -14.58
N LEU A 85 10.36 -1.35 -14.18
CA LEU A 85 10.42 -2.75 -14.50
C LEU A 85 9.00 -3.23 -14.65
N GLU A 86 8.78 -4.28 -15.45
CA GLU A 86 7.44 -4.82 -15.77
C GLU A 86 6.63 -3.80 -16.54
N HIS A 87 7.37 -2.88 -17.15
CA HIS A 87 6.81 -1.74 -17.83
C HIS A 87 6.56 -2.10 -19.28
N HIS A 88 7.40 -2.95 -19.82
CA HIS A 88 7.32 -3.35 -21.18
C HIS A 88 7.62 -4.82 -21.26
N MET A 1 16.16 -9.96 -2.43
CA MET A 1 15.01 -9.75 -1.55
C MET A 1 13.75 -10.04 -2.34
N VAL A 2 12.59 -9.82 -1.74
CA VAL A 2 11.31 -10.07 -2.41
C VAL A 2 10.97 -8.99 -3.45
N THR A 3 11.73 -7.89 -3.42
CA THR A 3 11.57 -6.79 -4.36
C THR A 3 10.19 -6.12 -4.15
N ALA A 4 9.85 -5.90 -2.89
CA ALA A 4 8.58 -5.29 -2.54
C ALA A 4 8.69 -3.77 -2.68
N ALA A 5 8.35 -3.28 -3.85
CA ALA A 5 8.43 -1.86 -4.16
C ALA A 5 7.17 -1.14 -3.74
N LEU A 6 6.26 -1.88 -3.16
CA LEU A 6 5.03 -1.33 -2.73
C LEU A 6 4.79 -1.75 -1.31
N THR A 7 4.36 -0.84 -0.49
CA THR A 7 4.08 -1.14 0.88
C THR A 7 2.62 -0.77 1.18
N ILE A 8 1.86 -1.73 1.63
CA ILE A 8 0.46 -1.52 1.91
C ILE A 8 0.21 -1.60 3.39
N TYR A 9 -0.54 -0.65 3.88
CA TYR A 9 -0.91 -0.65 5.26
C TYR A 9 -2.18 -1.46 5.45
N THR A 10 -2.14 -2.37 6.39
CA THR A 10 -3.26 -3.22 6.67
C THR A 10 -3.50 -3.30 8.18
N THR A 11 -4.65 -3.81 8.56
CA THR A 11 -5.01 -3.97 9.93
C THR A 11 -5.93 -5.19 10.00
N SER A 12 -5.84 -5.98 11.08
CA SER A 12 -6.73 -7.12 11.27
C SER A 12 -8.19 -6.70 11.19
N TRP A 13 -8.53 -5.60 11.84
CA TRP A 13 -9.86 -5.09 11.73
C TRP A 13 -9.95 -4.18 10.50
N CYS A 14 -10.27 -4.79 9.40
CA CYS A 14 -10.40 -4.12 8.14
C CYS A 14 -11.15 -5.00 7.17
N GLY A 15 -11.79 -4.39 6.20
CA GLY A 15 -12.49 -5.12 5.19
C GLY A 15 -12.22 -4.54 3.82
N TYR A 16 -12.26 -3.23 3.72
CA TYR A 16 -12.09 -2.51 2.45
C TYR A 16 -10.69 -2.74 1.87
N CYS A 17 -9.71 -2.87 2.74
CA CYS A 17 -8.33 -3.08 2.32
C CYS A 17 -8.15 -4.42 1.61
N LEU A 18 -8.91 -5.42 2.05
CA LEU A 18 -8.81 -6.77 1.55
C LEU A 18 -9.14 -6.86 0.08
N ARG A 19 -10.18 -6.14 -0.32
CA ARG A 19 -10.64 -6.12 -1.72
C ARG A 19 -9.52 -5.63 -2.64
N LEU A 20 -8.86 -4.57 -2.24
CA LEU A 20 -7.80 -3.99 -3.04
C LEU A 20 -6.53 -4.83 -2.94
N LYS A 21 -6.25 -5.35 -1.76
CA LYS A 21 -5.04 -6.10 -1.51
C LYS A 21 -5.01 -7.38 -2.37
N THR A 22 -6.14 -8.07 -2.44
CA THR A 22 -6.22 -9.28 -3.25
C THR A 22 -6.18 -8.92 -4.75
N ALA A 23 -6.66 -7.71 -5.09
CA ALA A 23 -6.65 -7.25 -6.47
C ALA A 23 -5.24 -7.02 -6.94
N LEU A 24 -4.43 -6.45 -6.08
CA LEU A 24 -3.04 -6.20 -6.41
C LEU A 24 -2.26 -7.50 -6.48
N THR A 25 -2.62 -8.45 -5.63
CA THR A 25 -1.99 -9.76 -5.65
C THR A 25 -2.35 -10.48 -6.97
N ALA A 26 -3.62 -10.37 -7.38
CA ALA A 26 -4.10 -10.93 -8.64
C ALA A 26 -3.47 -10.20 -9.81
N ASN A 27 -3.20 -8.92 -9.62
CA ASN A 27 -2.53 -8.11 -10.62
C ASN A 27 -1.03 -8.35 -10.62
N ARG A 28 -0.59 -9.24 -9.73
CA ARG A 28 0.80 -9.72 -9.63
C ARG A 28 1.74 -8.64 -9.13
N ILE A 29 1.20 -7.74 -8.35
CA ILE A 29 1.93 -6.65 -7.77
C ILE A 29 2.56 -7.06 -6.44
N ALA A 30 3.87 -6.94 -6.35
CA ALA A 30 4.60 -7.29 -5.14
C ALA A 30 4.56 -6.17 -4.15
N TYR A 31 3.98 -6.43 -3.02
CA TYR A 31 3.86 -5.46 -1.97
C TYR A 31 4.17 -6.11 -0.65
N ASP A 32 4.42 -5.32 0.35
CA ASP A 32 4.56 -5.82 1.70
C ASP A 32 3.49 -5.16 2.54
N GLU A 33 2.87 -5.91 3.41
CA GLU A 33 1.79 -5.39 4.25
C GLU A 33 2.33 -5.11 5.65
N VAL A 34 1.92 -4.00 6.24
CA VAL A 34 2.54 -3.52 7.48
C VAL A 34 1.81 -3.94 8.77
N ASP A 35 2.64 -4.30 9.72
CA ASP A 35 2.39 -4.71 11.11
C ASP A 35 1.71 -3.66 12.00
N ILE A 36 1.35 -2.47 11.46
CA ILE A 36 1.02 -1.22 12.27
C ILE A 36 0.18 -1.40 13.53
N GLU A 37 -0.65 -2.40 13.61
CA GLU A 37 -1.44 -2.60 14.81
C GLU A 37 -0.53 -3.03 15.99
N HIS A 38 0.59 -3.62 15.66
CA HIS A 38 1.59 -4.05 16.62
C HIS A 38 2.85 -3.21 16.46
N ASN A 39 2.75 -2.18 15.66
CA ASN A 39 3.89 -1.32 15.39
C ASN A 39 3.42 0.12 15.26
N ARG A 40 3.40 0.80 16.40
CA ARG A 40 2.85 2.14 16.51
C ARG A 40 3.62 3.19 15.73
N ALA A 41 4.92 2.99 15.55
CA ALA A 41 5.77 3.96 14.85
C ALA A 41 5.27 4.20 13.42
N ALA A 42 4.80 3.14 12.80
CA ALA A 42 4.25 3.25 11.47
C ALA A 42 2.76 3.62 11.54
N ALA A 43 2.09 3.18 12.61
CA ALA A 43 0.65 3.44 12.79
C ALA A 43 0.36 4.92 12.96
N GLU A 44 1.19 5.58 13.74
CA GLU A 44 1.05 7.01 13.97
C GLU A 44 1.40 7.78 12.69
N PHE A 45 2.28 7.20 11.87
CA PHE A 45 2.64 7.77 10.57
C PHE A 45 1.45 7.68 9.60
N VAL A 46 0.73 6.56 9.66
CA VAL A 46 -0.47 6.31 8.85
C VAL A 46 -1.47 7.45 9.03
N GLY A 47 -1.75 7.76 10.27
CA GLY A 47 -2.69 8.80 10.57
C GLY A 47 -2.24 10.15 10.07
N SER A 48 -0.94 10.36 10.08
CA SER A 48 -0.36 11.62 9.67
C SER A 48 -0.60 11.90 8.17
N VAL A 49 -0.63 10.83 7.36
CA VAL A 49 -0.83 10.99 5.92
C VAL A 49 -2.29 10.81 5.51
N ASN A 50 -3.11 10.36 6.43
CA ASN A 50 -4.54 10.20 6.16
C ASN A 50 -5.29 11.42 6.66
N GLY A 51 -5.05 11.77 7.90
CA GLY A 51 -5.74 12.86 8.54
C GLY A 51 -6.23 12.45 9.91
N GLY A 52 -7.42 12.85 10.25
CA GLY A 52 -7.99 12.48 11.53
C GLY A 52 -8.55 11.08 11.51
N ASN A 53 -8.85 10.61 10.33
CA ASN A 53 -9.41 9.28 10.13
C ASN A 53 -8.32 8.35 9.63
N ARG A 54 -7.97 7.36 10.43
CA ARG A 54 -6.97 6.38 10.01
C ARG A 54 -7.57 5.51 8.93
N THR A 55 -7.05 5.60 7.77
CA THR A 55 -7.52 4.87 6.64
C THR A 55 -6.63 3.66 6.45
N VAL A 56 -7.21 2.49 6.24
CA VAL A 56 -6.38 1.32 6.13
C VAL A 56 -5.66 1.20 4.88
N PRO A 57 -6.32 1.05 3.66
CA PRO A 57 -5.57 0.67 2.54
C PRO A 57 -4.80 1.84 1.92
N THR A 58 -3.90 2.30 2.66
CA THR A 58 -3.03 3.31 2.35
C THR A 58 -1.79 2.66 1.77
N VAL A 59 -1.47 3.01 0.57
CA VAL A 59 -0.36 2.42 -0.07
C VAL A 59 0.81 3.39 -0.11
N LYS A 60 1.97 2.90 0.15
CA LYS A 60 3.18 3.65 0.11
C LYS A 60 4.07 3.09 -0.98
N PHE A 61 4.41 3.93 -1.90
CA PHE A 61 5.27 3.57 -2.99
C PHE A 61 6.72 3.74 -2.58
N ALA A 62 7.59 3.09 -3.33
CA ALA A 62 9.04 3.03 -3.06
C ALA A 62 9.70 4.39 -2.79
N ASP A 63 9.22 5.45 -3.40
CA ASP A 63 9.86 6.75 -3.24
C ASP A 63 9.25 7.54 -2.06
N GLY A 64 8.20 7.01 -1.47
CA GLY A 64 7.58 7.69 -0.35
C GLY A 64 6.21 8.28 -0.68
N SER A 65 5.74 8.07 -1.90
CA SER A 65 4.41 8.55 -2.27
C SER A 65 3.34 7.67 -1.61
N THR A 66 2.42 8.26 -0.89
CA THR A 66 1.38 7.49 -0.25
C THR A 66 0.04 7.86 -0.86
N LEU A 67 -0.77 6.87 -1.09
CA LEU A 67 -2.10 7.08 -1.64
C LEU A 67 -3.14 6.50 -0.70
N THR A 68 -3.99 7.35 -0.21
CA THR A 68 -5.04 6.99 0.69
C THR A 68 -6.28 6.57 -0.13
N ASN A 69 -6.62 5.28 -0.06
CA ASN A 69 -7.73 4.67 -0.82
C ASN A 69 -7.57 4.82 -2.33
N PRO A 70 -6.58 4.17 -2.94
CA PRO A 70 -6.40 4.20 -4.38
C PRO A 70 -7.24 3.12 -5.10
N SER A 71 -7.04 3.02 -6.39
CA SER A 71 -7.67 2.01 -7.20
C SER A 71 -6.59 1.11 -7.81
N ALA A 72 -6.92 -0.15 -8.05
CA ALA A 72 -5.97 -1.17 -8.51
C ALA A 72 -5.20 -0.78 -9.77
N ASP A 73 -5.92 -0.32 -10.79
CA ASP A 73 -5.29 0.01 -12.07
C ASP A 73 -4.46 1.27 -11.98
N GLU A 74 -4.79 2.11 -11.02
CA GLU A 74 -3.98 3.28 -10.76
C GLU A 74 -2.70 2.88 -10.12
N VAL A 75 -2.79 2.02 -9.12
CA VAL A 75 -1.61 1.55 -8.40
C VAL A 75 -0.66 0.85 -9.35
N LYS A 76 -1.22 0.02 -10.21
CA LYS A 76 -0.46 -0.72 -11.20
C LYS A 76 0.24 0.24 -12.19
N ALA A 77 -0.49 1.26 -12.64
CA ALA A 77 0.05 2.25 -13.57
C ALA A 77 1.10 3.15 -12.89
N LYS A 78 1.04 3.22 -11.57
CA LYS A 78 2.04 3.95 -10.82
C LYS A 78 3.25 3.06 -10.59
N LEU A 79 2.98 1.77 -10.32
CA LEU A 79 4.04 0.78 -10.08
C LEU A 79 4.98 0.74 -11.27
N VAL A 80 4.40 0.64 -12.45
CA VAL A 80 5.16 0.53 -13.68
C VAL A 80 6.06 1.76 -13.92
N LYS A 81 5.59 2.94 -13.51
CA LYS A 81 6.35 4.15 -13.71
C LYS A 81 7.42 4.33 -12.63
N ILE A 82 7.14 3.87 -11.41
CA ILE A 82 8.10 4.03 -10.32
C ILE A 82 9.16 2.93 -10.35
N ALA A 83 8.92 1.91 -11.15
CA ALA A 83 9.85 0.81 -11.31
C ALA A 83 10.80 1.09 -12.48
N GLY A 84 10.68 2.26 -13.05
CA GLY A 84 11.53 2.66 -14.13
C GLY A 84 11.01 2.17 -15.46
N LEU A 85 11.81 1.38 -16.12
CA LEU A 85 11.43 0.84 -17.41
C LEU A 85 11.08 -0.65 -17.26
N GLU A 86 11.17 -1.15 -16.04
CA GLU A 86 10.86 -2.54 -15.77
C GLU A 86 9.37 -2.74 -15.54
N HIS A 87 8.69 -3.11 -16.60
CA HIS A 87 7.25 -3.29 -16.58
C HIS A 87 6.89 -4.75 -16.35
N HIS A 88 7.75 -5.64 -16.79
CA HIS A 88 7.45 -7.06 -16.80
C HIS A 88 8.33 -7.79 -15.84
N MET A 1 13.15 -9.44 -9.53
CA MET A 1 12.10 -9.06 -10.47
C MET A 1 10.96 -8.36 -9.73
N VAL A 2 10.12 -9.11 -9.05
CA VAL A 2 9.02 -8.51 -8.35
C VAL A 2 9.13 -8.72 -6.84
N THR A 3 9.63 -7.71 -6.19
CA THR A 3 9.85 -7.72 -4.77
C THR A 3 8.82 -6.77 -4.12
N ALA A 4 8.77 -6.74 -2.80
CA ALA A 4 7.83 -5.88 -2.09
C ALA A 4 8.31 -4.44 -2.14
N ALA A 5 7.91 -3.74 -3.17
CA ALA A 5 8.30 -2.36 -3.36
C ALA A 5 7.25 -1.42 -2.83
N LEU A 6 6.20 -1.97 -2.28
CA LEU A 6 5.11 -1.19 -1.76
C LEU A 6 4.94 -1.48 -0.31
N THR A 7 4.73 -0.47 0.46
CA THR A 7 4.44 -0.62 1.83
C THR A 7 2.95 -0.32 2.02
N ILE A 8 2.19 -1.32 2.39
CA ILE A 8 0.77 -1.17 2.54
C ILE A 8 0.39 -1.29 3.98
N TYR A 9 -0.30 -0.31 4.44
CA TYR A 9 -0.75 -0.28 5.79
C TYR A 9 -2.00 -1.12 5.95
N THR A 10 -1.99 -2.03 6.92
CA THR A 10 -3.05 -3.00 7.11
C THR A 10 -3.34 -3.23 8.61
N THR A 11 -4.32 -4.06 8.90
CA THR A 11 -4.70 -4.43 10.25
C THR A 11 -5.42 -5.80 10.14
N SER A 12 -5.50 -6.59 11.24
CA SER A 12 -6.25 -7.85 11.22
C SER A 12 -7.72 -7.49 10.99
N TRP A 13 -8.19 -6.57 11.82
CA TRP A 13 -9.45 -5.92 11.62
C TRP A 13 -9.30 -5.10 10.33
N CYS A 14 -9.97 -5.55 9.29
CA CYS A 14 -9.78 -5.01 7.98
C CYS A 14 -10.97 -5.32 7.10
N GLY A 15 -11.48 -4.30 6.43
CA GLY A 15 -12.60 -4.48 5.55
C GLY A 15 -12.27 -4.06 4.13
N TYR A 16 -12.27 -2.76 3.90
CA TYR A 16 -12.01 -2.20 2.56
C TYR A 16 -10.56 -2.48 2.15
N CYS A 17 -9.67 -2.47 3.14
CA CYS A 17 -8.26 -2.75 2.91
C CYS A 17 -8.04 -4.13 2.29
N LEU A 18 -8.83 -5.10 2.72
CA LEU A 18 -8.71 -6.50 2.32
C LEU A 18 -9.08 -6.64 0.84
N ARG A 19 -10.05 -5.85 0.41
CA ARG A 19 -10.51 -5.86 -0.97
C ARG A 19 -9.38 -5.48 -1.92
N LEU A 20 -8.75 -4.35 -1.62
CA LEU A 20 -7.66 -3.86 -2.46
C LEU A 20 -6.45 -4.79 -2.34
N LYS A 21 -6.22 -5.26 -1.13
CA LYS A 21 -5.10 -6.12 -0.82
C LYS A 21 -5.17 -7.42 -1.65
N THR A 22 -6.35 -7.99 -1.76
CA THR A 22 -6.55 -9.20 -2.54
C THR A 22 -6.37 -8.89 -4.05
N ALA A 23 -6.85 -7.71 -4.47
CA ALA A 23 -6.75 -7.28 -5.87
C ALA A 23 -5.32 -7.12 -6.28
N LEU A 24 -4.52 -6.54 -5.42
CA LEU A 24 -3.12 -6.33 -5.71
C LEU A 24 -2.37 -7.66 -5.76
N THR A 25 -2.73 -8.56 -4.86
CA THR A 25 -2.13 -9.89 -4.82
C THR A 25 -2.50 -10.68 -6.11
N ALA A 26 -3.72 -10.47 -6.59
CA ALA A 26 -4.20 -11.10 -7.82
C ALA A 26 -3.53 -10.50 -9.05
N ASN A 27 -3.10 -9.27 -8.93
CA ASN A 27 -2.45 -8.53 -10.01
C ASN A 27 -0.92 -8.66 -9.94
N ARG A 28 -0.45 -9.59 -9.10
CA ARG A 28 1.00 -9.89 -8.91
C ARG A 28 1.76 -8.72 -8.30
N ILE A 29 1.07 -7.89 -7.61
CA ILE A 29 1.69 -6.75 -7.00
C ILE A 29 2.18 -7.13 -5.62
N ALA A 30 3.47 -7.07 -5.44
CA ALA A 30 4.10 -7.44 -4.20
C ALA A 30 4.21 -6.26 -3.27
N TYR A 31 3.75 -6.44 -2.07
CA TYR A 31 3.71 -5.40 -1.09
C TYR A 31 4.15 -5.94 0.27
N ASP A 32 4.37 -5.06 1.18
CA ASP A 32 4.72 -5.36 2.53
C ASP A 32 3.66 -4.79 3.45
N GLU A 33 3.03 -5.65 4.25
CA GLU A 33 1.97 -5.23 5.15
C GLU A 33 2.55 -4.88 6.54
N VAL A 34 2.07 -3.78 7.10
CA VAL A 34 2.69 -3.18 8.29
C VAL A 34 2.06 -3.64 9.63
N ASP A 35 2.87 -3.52 10.68
CA ASP A 35 2.60 -3.88 12.09
C ASP A 35 1.71 -2.88 12.84
N ILE A 36 1.29 -1.80 12.16
CA ILE A 36 0.57 -0.63 12.79
C ILE A 36 -0.56 -0.97 13.79
N GLU A 37 -1.12 -2.17 13.73
CA GLU A 37 -2.19 -2.57 14.64
C GLU A 37 -1.71 -2.43 16.09
N HIS A 38 -0.57 -3.02 16.39
CA HIS A 38 0.00 -2.90 17.70
C HIS A 38 1.07 -1.81 17.70
N ASN A 39 1.83 -1.72 16.61
CA ASN A 39 2.91 -0.74 16.53
C ASN A 39 2.37 0.67 16.41
N ARG A 40 2.51 1.42 17.47
CA ARG A 40 1.99 2.76 17.52
C ARG A 40 2.85 3.74 16.71
N ALA A 41 4.10 3.38 16.48
CA ALA A 41 5.00 4.27 15.77
C ALA A 41 4.67 4.41 14.30
N ALA A 42 4.40 3.31 13.63
CA ALA A 42 4.01 3.38 12.24
C ALA A 42 2.55 3.77 12.11
N ALA A 43 1.78 3.48 13.15
CA ALA A 43 0.38 3.86 13.19
C ALA A 43 0.24 5.36 13.25
N GLU A 44 1.22 5.99 13.87
CA GLU A 44 1.25 7.42 14.00
C GLU A 44 1.49 8.05 12.64
N PHE A 45 2.26 7.36 11.79
CA PHE A 45 2.50 7.82 10.43
C PHE A 45 1.17 7.83 9.67
N VAL A 46 0.42 6.77 9.86
CA VAL A 46 -0.89 6.61 9.23
C VAL A 46 -1.81 7.73 9.69
N GLY A 47 -1.84 7.96 10.99
CA GLY A 47 -2.65 9.01 11.57
C GLY A 47 -2.19 10.40 11.15
N SER A 48 -0.95 10.51 10.73
CA SER A 48 -0.40 11.75 10.23
C SER A 48 -0.74 11.98 8.75
N VAL A 49 -0.62 10.94 7.93
CA VAL A 49 -0.83 11.06 6.48
C VAL A 49 -2.32 11.21 6.11
N ASN A 50 -3.20 10.59 6.87
CA ASN A 50 -4.62 10.76 6.65
C ASN A 50 -5.26 11.36 7.88
N GLY A 51 -6.37 12.03 7.68
CA GLY A 51 -7.00 12.72 8.77
C GLY A 51 -8.33 12.13 9.16
N GLY A 52 -8.71 12.36 10.40
CA GLY A 52 -9.98 11.92 10.91
C GLY A 52 -10.04 10.44 11.10
N ASN A 53 -10.72 9.77 10.21
CA ASN A 53 -10.89 8.34 10.27
C ASN A 53 -9.64 7.72 9.69
N ARG A 54 -8.93 6.93 10.50
CA ARG A 54 -7.69 6.28 10.12
C ARG A 54 -7.94 5.41 8.89
N THR A 55 -7.42 5.83 7.78
CA THR A 55 -7.58 5.12 6.56
C THR A 55 -6.59 3.99 6.53
N VAL A 56 -7.07 2.77 6.37
CA VAL A 56 -6.17 1.66 6.37
C VAL A 56 -5.39 1.54 5.14
N PRO A 57 -6.02 1.32 3.91
CA PRO A 57 -5.25 0.91 2.82
C PRO A 57 -4.48 2.06 2.17
N THR A 58 -3.51 2.45 2.85
CA THR A 58 -2.65 3.47 2.52
C THR A 58 -1.38 2.82 2.00
N VAL A 59 -1.03 3.11 0.78
CA VAL A 59 0.11 2.50 0.16
C VAL A 59 1.21 3.52 -0.08
N LYS A 60 2.40 3.16 0.29
CA LYS A 60 3.55 3.97 0.07
C LYS A 60 4.42 3.30 -0.98
N PHE A 61 4.74 4.04 -2.02
CA PHE A 61 5.56 3.53 -3.10
C PHE A 61 7.02 3.81 -2.85
N ALA A 62 7.86 3.28 -3.72
CA ALA A 62 9.32 3.46 -3.64
C ALA A 62 9.72 4.93 -3.79
N ASP A 63 8.81 5.74 -4.34
CA ASP A 63 9.04 7.18 -4.49
C ASP A 63 8.93 7.87 -3.14
N GLY A 64 8.32 7.19 -2.20
CA GLY A 64 8.10 7.76 -0.89
C GLY A 64 6.71 8.33 -0.81
N SER A 65 6.07 8.45 -1.95
CA SER A 65 4.76 8.97 -2.05
C SER A 65 3.71 7.98 -1.57
N THR A 66 2.68 8.49 -0.98
CA THR A 66 1.62 7.70 -0.46
C THR A 66 0.33 7.93 -1.22
N LEU A 67 -0.39 6.88 -1.48
CA LEU A 67 -1.68 6.94 -2.13
C LEU A 67 -2.73 6.42 -1.17
N THR A 68 -3.72 7.23 -0.91
CA THR A 68 -4.76 6.91 0.04
C THR A 68 -6.02 6.43 -0.72
N ASN A 69 -6.34 5.15 -0.54
CA ASN A 69 -7.47 4.47 -1.24
C ASN A 69 -7.35 4.51 -2.78
N PRO A 70 -6.28 3.95 -3.35
CA PRO A 70 -6.13 3.89 -4.82
C PRO A 70 -6.85 2.66 -5.41
N SER A 71 -6.82 2.57 -6.71
CA SER A 71 -7.36 1.43 -7.41
C SER A 71 -6.19 0.63 -8.02
N ALA A 72 -6.40 -0.68 -8.18
CA ALA A 72 -5.36 -1.61 -8.65
C ALA A 72 -4.73 -1.21 -10.00
N ASP A 73 -5.53 -0.63 -10.88
CA ASP A 73 -5.06 -0.21 -12.20
C ASP A 73 -3.99 0.88 -12.09
N GLU A 74 -4.15 1.78 -11.14
CA GLU A 74 -3.14 2.80 -10.90
C GLU A 74 -1.94 2.22 -10.23
N VAL A 75 -2.19 1.34 -9.27
CA VAL A 75 -1.12 0.74 -8.50
C VAL A 75 -0.17 -0.04 -9.41
N LYS A 76 -0.73 -0.76 -10.38
CA LYS A 76 0.07 -1.54 -11.32
C LYS A 76 0.92 -0.61 -12.21
N ALA A 77 0.31 0.43 -12.73
CA ALA A 77 0.99 1.37 -13.64
C ALA A 77 2.04 2.20 -12.90
N LYS A 78 1.76 2.55 -11.68
CA LYS A 78 2.69 3.30 -10.87
C LYS A 78 3.77 2.38 -10.32
N LEU A 79 3.48 1.08 -10.25
CA LEU A 79 4.47 0.11 -9.82
C LEU A 79 5.52 -0.05 -10.90
N VAL A 80 5.07 -0.20 -12.14
CA VAL A 80 5.96 -0.41 -13.25
C VAL A 80 6.88 0.77 -13.52
N LYS A 81 6.44 1.98 -13.20
CA LYS A 81 7.30 3.14 -13.43
C LYS A 81 8.41 3.20 -12.35
N ILE A 82 8.11 2.69 -11.16
CA ILE A 82 9.05 2.75 -10.06
C ILE A 82 10.03 1.58 -10.09
N ALA A 83 9.67 0.57 -10.85
CA ALA A 83 10.51 -0.61 -11.03
C ALA A 83 11.62 -0.32 -12.03
N GLY A 84 11.38 0.63 -12.90
CA GLY A 84 12.33 0.99 -13.91
C GLY A 84 11.82 0.63 -15.27
N LEU A 85 12.71 0.46 -16.21
CA LEU A 85 12.31 0.12 -17.56
C LEU A 85 12.34 -1.39 -17.76
N GLU A 86 11.32 -2.05 -17.29
CA GLU A 86 11.19 -3.47 -17.46
C GLU A 86 10.18 -3.70 -18.56
N HIS A 87 9.03 -3.09 -18.41
CA HIS A 87 8.00 -3.13 -19.40
C HIS A 87 8.17 -1.94 -20.32
N HIS A 88 9.10 -2.08 -21.21
CA HIS A 88 9.43 -1.04 -22.13
C HIS A 88 9.84 -1.68 -23.44
N MET A 1 12.61 -10.59 2.35
CA MET A 1 11.66 -11.70 2.36
C MET A 1 11.20 -11.99 0.96
N VAL A 2 10.63 -10.99 0.33
CA VAL A 2 10.16 -11.09 -1.02
C VAL A 2 10.47 -9.74 -1.68
N THR A 3 10.77 -9.75 -2.96
CA THR A 3 11.05 -8.51 -3.66
C THR A 3 9.78 -7.67 -3.81
N ALA A 4 9.59 -6.77 -2.88
CA ALA A 4 8.42 -5.94 -2.83
C ALA A 4 8.83 -4.50 -2.92
N ALA A 5 8.28 -3.80 -3.88
CA ALA A 5 8.61 -2.42 -4.11
C ALA A 5 7.49 -1.52 -3.59
N LEU A 6 6.48 -2.12 -3.03
CA LEU A 6 5.33 -1.37 -2.59
C LEU A 6 5.16 -1.50 -1.08
N THR A 7 4.87 -0.40 -0.42
CA THR A 7 4.66 -0.39 1.01
C THR A 7 3.17 -0.11 1.29
N ILE A 8 2.48 -1.04 1.90
CA ILE A 8 1.05 -0.85 2.20
C ILE A 8 0.84 -0.94 3.70
N TYR A 9 -0.06 -0.16 4.20
CA TYR A 9 -0.39 -0.17 5.60
C TYR A 9 -1.64 -0.99 5.78
N THR A 10 -1.61 -1.97 6.68
CA THR A 10 -2.73 -2.88 6.84
C THR A 10 -3.07 -3.17 8.30
N THR A 11 -4.09 -3.97 8.47
CA THR A 11 -4.52 -4.49 9.74
C THR A 11 -5.00 -5.89 9.43
N SER A 12 -4.85 -6.82 10.35
CA SER A 12 -5.26 -8.20 10.11
C SER A 12 -6.77 -8.26 9.84
N TRP A 13 -7.53 -7.51 10.62
CA TRP A 13 -8.94 -7.45 10.45
C TRP A 13 -9.33 -6.29 9.55
N CYS A 14 -9.45 -6.58 8.28
CA CYS A 14 -9.88 -5.58 7.33
C CYS A 14 -10.32 -6.26 6.06
N GLY A 15 -11.58 -6.11 5.73
CA GLY A 15 -12.10 -6.71 4.52
C GLY A 15 -11.91 -5.80 3.33
N TYR A 16 -11.98 -4.51 3.59
CA TYR A 16 -11.86 -3.50 2.55
C TYR A 16 -10.43 -3.49 2.01
N CYS A 17 -9.51 -3.88 2.85
CA CYS A 17 -8.11 -3.96 2.49
C CYS A 17 -7.88 -5.13 1.53
N LEU A 18 -8.72 -6.17 1.68
CA LEU A 18 -8.61 -7.38 0.87
C LEU A 18 -9.04 -7.09 -0.55
N ARG A 19 -9.95 -6.13 -0.68
CA ARG A 19 -10.46 -5.65 -1.95
C ARG A 19 -9.27 -5.17 -2.81
N LEU A 20 -8.37 -4.43 -2.19
CA LEU A 20 -7.20 -3.92 -2.88
C LEU A 20 -6.13 -5.02 -3.01
N LYS A 21 -5.94 -5.80 -1.94
CA LYS A 21 -4.94 -6.88 -1.93
C LYS A 21 -5.14 -7.88 -3.07
N THR A 22 -6.39 -8.29 -3.27
CA THR A 22 -6.73 -9.24 -4.32
C THR A 22 -6.43 -8.62 -5.69
N ALA A 23 -6.71 -7.34 -5.81
CA ALA A 23 -6.51 -6.60 -7.05
C ALA A 23 -5.05 -6.46 -7.39
N LEU A 24 -4.24 -6.15 -6.40
CA LEU A 24 -2.82 -5.97 -6.60
C LEU A 24 -2.13 -7.28 -6.92
N THR A 25 -2.50 -8.33 -6.22
CA THR A 25 -1.92 -9.63 -6.46
C THR A 25 -2.39 -10.19 -7.84
N ALA A 26 -3.53 -9.70 -8.32
CA ALA A 26 -4.04 -10.09 -9.64
C ALA A 26 -3.39 -9.26 -10.74
N ASN A 27 -2.71 -8.22 -10.33
CA ASN A 27 -2.03 -7.30 -11.25
C ASN A 27 -0.53 -7.45 -11.16
N ARG A 28 -0.10 -8.53 -10.52
CA ARG A 28 1.32 -8.86 -10.29
C ARG A 28 2.03 -7.70 -9.57
N ILE A 29 1.56 -7.43 -8.40
CA ILE A 29 2.14 -6.41 -7.58
C ILE A 29 2.56 -7.02 -6.27
N ALA A 30 3.85 -7.00 -6.03
CA ALA A 30 4.39 -7.49 -4.80
C ALA A 30 4.40 -6.37 -3.79
N TYR A 31 3.60 -6.50 -2.79
CA TYR A 31 3.46 -5.50 -1.79
C TYR A 31 3.90 -5.99 -0.43
N ASP A 32 4.48 -5.11 0.31
CA ASP A 32 4.92 -5.38 1.65
C ASP A 32 4.08 -4.54 2.59
N GLU A 33 3.37 -5.19 3.46
CA GLU A 33 2.48 -4.50 4.35
C GLU A 33 3.17 -4.24 5.69
N VAL A 34 2.80 -3.15 6.33
CA VAL A 34 3.47 -2.68 7.53
C VAL A 34 2.76 -3.11 8.82
N ASP A 35 3.58 -3.37 9.83
CA ASP A 35 3.25 -3.81 11.21
C ASP A 35 2.34 -2.82 11.98
N ILE A 36 1.98 -1.69 11.35
CA ILE A 36 1.24 -0.54 11.98
C ILE A 36 0.04 -0.92 12.86
N GLU A 37 -0.51 -2.11 12.68
CA GLU A 37 -1.58 -2.62 13.53
C GLU A 37 -1.13 -2.58 15.01
N HIS A 38 0.04 -3.09 15.27
CA HIS A 38 0.56 -3.14 16.62
C HIS A 38 1.75 -2.19 16.78
N ASN A 39 2.49 -1.97 15.71
CA ASN A 39 3.62 -1.04 15.78
C ASN A 39 3.10 0.38 15.73
N ARG A 40 3.08 1.04 16.87
CA ARG A 40 2.57 2.40 16.87
C ARG A 40 3.54 3.34 16.19
N ALA A 41 4.83 3.00 16.18
CA ALA A 41 5.84 3.89 15.62
C ALA A 41 5.60 4.23 14.16
N ALA A 42 5.23 3.26 13.37
CA ALA A 42 4.93 3.54 11.98
C ALA A 42 3.46 3.96 11.84
N ALA A 43 2.65 3.58 12.83
CA ALA A 43 1.23 3.89 12.83
C ALA A 43 0.98 5.37 13.00
N GLU A 44 1.86 6.03 13.75
CA GLU A 44 1.76 7.47 13.96
C GLU A 44 1.90 8.20 12.62
N PHE A 45 2.77 7.67 11.74
CA PHE A 45 2.96 8.24 10.41
C PHE A 45 1.69 8.07 9.57
N VAL A 46 1.03 6.94 9.75
CA VAL A 46 -0.23 6.66 9.06
C VAL A 46 -1.29 7.66 9.52
N GLY A 47 -1.30 7.91 10.82
CA GLY A 47 -2.23 8.84 11.41
C GLY A 47 -1.95 10.28 10.99
N SER A 48 -0.74 10.52 10.52
CA SER A 48 -0.35 11.82 10.04
C SER A 48 -0.85 12.01 8.59
N VAL A 49 -0.77 10.95 7.80
CA VAL A 49 -1.17 11.04 6.39
C VAL A 49 -2.69 10.96 6.22
N ASN A 50 -3.33 10.17 7.06
CA ASN A 50 -4.78 10.08 7.03
C ASN A 50 -5.35 11.21 7.84
N GLY A 51 -6.37 11.85 7.34
CA GLY A 51 -6.98 12.93 8.07
C GLY A 51 -8.21 12.47 8.80
N GLY A 52 -8.38 12.94 10.01
CA GLY A 52 -9.54 12.57 10.80
C GLY A 52 -9.39 11.18 11.40
N ASN A 53 -9.78 10.18 10.65
CA ASN A 53 -9.68 8.81 11.08
C ASN A 53 -8.80 8.00 10.17
N ARG A 54 -8.07 7.06 10.75
CA ARG A 54 -7.14 6.21 10.01
C ARG A 54 -7.87 5.39 8.95
N THR A 55 -7.34 5.43 7.77
CA THR A 55 -7.84 4.70 6.65
C THR A 55 -6.82 3.61 6.42
N VAL A 56 -7.23 2.37 6.36
CA VAL A 56 -6.24 1.33 6.31
C VAL A 56 -5.54 1.22 5.03
N PRO A 57 -6.22 0.86 3.86
CA PRO A 57 -5.47 0.54 2.73
C PRO A 57 -4.84 1.79 2.06
N THR A 58 -3.78 2.18 2.62
CA THR A 58 -3.03 3.30 2.26
C THR A 58 -1.69 2.77 1.79
N VAL A 59 -1.26 3.24 0.66
CA VAL A 59 -0.04 2.75 0.06
C VAL A 59 1.01 3.86 -0.05
N LYS A 60 2.23 3.50 0.16
CA LYS A 60 3.35 4.40 0.04
C LYS A 60 4.22 3.89 -1.10
N PHE A 61 4.58 4.77 -2.00
CA PHE A 61 5.42 4.40 -3.11
C PHE A 61 6.82 4.92 -2.89
N ALA A 62 7.72 4.63 -3.83
CA ALA A 62 9.11 5.10 -3.79
C ALA A 62 9.17 6.63 -3.90
N ASP A 63 8.04 7.20 -4.29
CA ASP A 63 7.85 8.64 -4.37
C ASP A 63 7.87 9.27 -2.97
N GLY A 64 7.65 8.44 -1.96
CA GLY A 64 7.69 8.90 -0.60
C GLY A 64 6.33 9.31 -0.08
N SER A 65 5.44 9.64 -0.96
CA SER A 65 4.14 10.06 -0.56
C SER A 65 3.20 8.84 -0.51
N THR A 66 2.06 9.02 0.12
CA THR A 66 1.11 7.97 0.29
C THR A 66 -0.18 8.27 -0.47
N LEU A 67 -0.73 7.25 -1.06
CA LEU A 67 -2.01 7.36 -1.72
C LEU A 67 -3.06 6.64 -0.90
N THR A 68 -4.07 7.36 -0.51
CA THR A 68 -5.13 6.83 0.29
C THR A 68 -6.31 6.48 -0.60
N ASN A 69 -6.61 5.18 -0.68
CA ASN A 69 -7.70 4.64 -1.52
C ASN A 69 -7.51 4.92 -3.03
N PRO A 70 -6.43 4.40 -3.63
CA PRO A 70 -6.20 4.55 -5.07
C PRO A 70 -6.81 3.37 -5.83
N SER A 71 -6.80 3.42 -7.12
CA SER A 71 -7.29 2.32 -7.90
C SER A 71 -6.12 1.37 -8.16
N ALA A 72 -6.41 0.09 -8.32
CA ALA A 72 -5.39 -0.92 -8.59
C ALA A 72 -4.64 -0.61 -9.89
N ASP A 73 -5.38 -0.11 -10.87
CA ASP A 73 -4.82 0.32 -12.17
C ASP A 73 -3.76 1.37 -11.95
N GLU A 74 -4.06 2.31 -11.08
CA GLU A 74 -3.17 3.41 -10.77
C GLU A 74 -1.96 2.89 -10.04
N VAL A 75 -2.18 2.01 -9.06
CA VAL A 75 -1.09 1.43 -8.28
C VAL A 75 -0.13 0.66 -9.18
N LYS A 76 -0.69 -0.10 -10.12
CA LYS A 76 0.10 -0.90 -11.05
C LYS A 76 0.92 0.05 -11.95
N ALA A 77 0.26 1.10 -12.42
CA ALA A 77 0.89 2.09 -13.29
C ALA A 77 1.96 2.90 -12.54
N LYS A 78 1.74 3.18 -11.28
CA LYS A 78 2.73 3.89 -10.48
C LYS A 78 3.87 2.94 -10.14
N LEU A 79 3.54 1.67 -9.89
CA LEU A 79 4.52 0.67 -9.55
C LEU A 79 5.51 0.50 -10.68
N VAL A 80 4.98 0.28 -11.86
CA VAL A 80 5.80 0.00 -13.03
C VAL A 80 6.73 1.14 -13.40
N LYS A 81 6.30 2.38 -13.21
CA LYS A 81 7.15 3.50 -13.53
C LYS A 81 8.26 3.65 -12.52
N ILE A 82 7.98 3.33 -11.27
CA ILE A 82 8.99 3.47 -10.26
C ILE A 82 9.91 2.23 -10.23
N ALA A 83 9.35 1.09 -10.59
CA ALA A 83 10.12 -0.15 -10.63
C ALA A 83 10.97 -0.21 -11.90
N GLY A 84 10.39 0.18 -13.02
CA GLY A 84 11.14 0.25 -14.26
C GLY A 84 11.14 -1.03 -15.07
N LEU A 85 11.37 -2.16 -14.42
CA LEU A 85 11.53 -3.46 -15.10
C LEU A 85 10.22 -4.04 -15.67
N GLU A 86 9.12 -3.40 -15.42
CA GLU A 86 7.85 -3.88 -15.91
C GLU A 86 7.01 -2.68 -16.29
N HIS A 87 6.09 -2.86 -17.19
CA HIS A 87 5.11 -1.86 -17.55
C HIS A 87 3.76 -2.55 -17.73
N HIS A 88 3.66 -3.35 -18.78
CA HIS A 88 2.49 -4.15 -19.10
C HIS A 88 2.71 -4.77 -20.47
N MET A 1 8.47 -2.80 0.51
CA MET A 1 9.44 -2.53 1.59
C MET A 1 10.69 -3.36 1.40
N VAL A 2 10.56 -4.66 1.35
CA VAL A 2 11.69 -5.53 1.16
C VAL A 2 11.55 -6.28 -0.16
N THR A 3 12.20 -5.76 -1.17
CA THR A 3 12.17 -6.29 -2.54
C THR A 3 10.83 -5.98 -3.24
N ALA A 4 9.74 -5.99 -2.50
CA ALA A 4 8.44 -5.64 -3.03
C ALA A 4 8.36 -4.12 -3.13
N ALA A 5 7.88 -3.65 -4.27
CA ALA A 5 7.79 -2.22 -4.56
C ALA A 5 6.73 -1.53 -3.72
N LEU A 6 5.82 -2.30 -3.17
CA LEU A 6 4.73 -1.77 -2.38
C LEU A 6 4.89 -2.09 -0.92
N THR A 7 4.54 -1.14 -0.13
CA THR A 7 4.45 -1.30 1.27
C THR A 7 3.04 -0.86 1.65
N ILE A 8 2.21 -1.79 1.99
CA ILE A 8 0.83 -1.53 2.23
C ILE A 8 0.49 -1.61 3.70
N TYR A 9 -0.25 -0.66 4.13
CA TYR A 9 -0.71 -0.58 5.47
C TYR A 9 -2.04 -1.30 5.56
N THR A 10 -2.07 -2.42 6.26
CA THR A 10 -3.27 -3.21 6.42
C THR A 10 -3.47 -3.71 7.85
N THR A 11 -4.69 -3.76 8.28
CA THR A 11 -5.07 -4.31 9.53
C THR A 11 -6.21 -5.28 9.29
N SER A 12 -6.51 -6.11 10.24
CA SER A 12 -7.63 -7.01 10.13
C SER A 12 -8.92 -6.32 10.60
N TRP A 13 -8.79 -5.06 11.01
CA TRP A 13 -9.89 -4.30 11.62
C TRP A 13 -10.81 -3.68 10.55
N CYS A 14 -10.67 -4.11 9.33
CA CYS A 14 -11.43 -3.54 8.25
C CYS A 14 -11.76 -4.59 7.20
N GLY A 15 -12.60 -4.23 6.26
CA GLY A 15 -12.95 -5.09 5.17
C GLY A 15 -12.50 -4.52 3.84
N TYR A 16 -12.59 -3.18 3.69
CA TYR A 16 -12.22 -2.52 2.42
C TYR A 16 -10.73 -2.67 2.09
N CYS A 17 -9.95 -2.90 3.12
CA CYS A 17 -8.54 -3.12 2.99
C CYS A 17 -8.27 -4.47 2.33
N LEU A 18 -9.02 -5.49 2.76
CA LEU A 18 -8.88 -6.83 2.24
C LEU A 18 -9.25 -6.92 0.78
N ARG A 19 -10.18 -6.07 0.36
CA ARG A 19 -10.63 -6.04 -1.03
C ARG A 19 -9.47 -5.70 -1.95
N LEU A 20 -8.79 -4.61 -1.64
CA LEU A 20 -7.65 -4.19 -2.44
C LEU A 20 -6.50 -5.18 -2.30
N LYS A 21 -6.29 -5.62 -1.07
CA LYS A 21 -5.21 -6.52 -0.72
C LYS A 21 -5.28 -7.81 -1.56
N THR A 22 -6.46 -8.42 -1.58
CA THR A 22 -6.67 -9.64 -2.34
C THR A 22 -6.58 -9.40 -3.85
N ALA A 23 -7.04 -8.22 -4.28
CA ALA A 23 -6.99 -7.84 -5.69
C ALA A 23 -5.56 -7.79 -6.18
N LEU A 24 -4.71 -7.12 -5.42
CA LEU A 24 -3.30 -7.02 -5.77
C LEU A 24 -2.64 -8.39 -5.75
N THR A 25 -3.06 -9.22 -4.81
CA THR A 25 -2.57 -10.59 -4.70
C THR A 25 -2.89 -11.36 -5.99
N ALA A 26 -4.13 -11.26 -6.45
CA ALA A 26 -4.59 -11.95 -7.64
C ALA A 26 -3.94 -11.40 -8.89
N ASN A 27 -3.70 -10.11 -8.90
CA ASN A 27 -3.13 -9.41 -10.05
C ASN A 27 -1.60 -9.52 -10.12
N ARG A 28 -1.01 -10.33 -9.22
CA ARG A 28 0.44 -10.61 -9.18
C ARG A 28 1.27 -9.40 -8.74
N ILE A 29 0.66 -8.51 -8.02
CA ILE A 29 1.35 -7.35 -7.54
C ILE A 29 1.87 -7.63 -6.14
N ALA A 30 3.18 -7.65 -5.99
CA ALA A 30 3.81 -7.92 -4.71
C ALA A 30 3.76 -6.71 -3.80
N TYR A 31 3.60 -6.94 -2.52
CA TYR A 31 3.47 -5.89 -1.55
C TYR A 31 3.80 -6.42 -0.17
N ASP A 32 4.40 -5.59 0.64
CA ASP A 32 4.67 -5.94 2.02
C ASP A 32 3.66 -5.26 2.89
N GLU A 33 3.08 -5.98 3.80
CA GLU A 33 2.10 -5.38 4.70
C GLU A 33 2.81 -4.92 5.97
N VAL A 34 2.39 -3.81 6.51
CA VAL A 34 3.05 -3.23 7.66
C VAL A 34 2.49 -3.78 8.98
N ASP A 35 3.38 -3.93 9.94
CA ASP A 35 3.19 -4.50 11.30
C ASP A 35 2.24 -3.66 12.20
N ILE A 36 1.75 -2.52 11.67
CA ILE A 36 0.95 -1.47 12.42
C ILE A 36 -0.15 -1.99 13.35
N GLU A 37 -0.67 -3.20 13.11
CA GLU A 37 -1.72 -3.76 13.94
C GLU A 37 -1.18 -4.01 15.35
N HIS A 38 0.12 -4.19 15.42
CA HIS A 38 0.83 -4.34 16.67
C HIS A 38 1.72 -3.12 16.87
N ASN A 39 2.44 -2.76 15.82
CA ASN A 39 3.41 -1.66 15.88
C ASN A 39 2.73 -0.33 15.99
N ARG A 40 2.88 0.30 17.11
CA ARG A 40 2.28 1.57 17.38
C ARG A 40 3.02 2.69 16.62
N ALA A 41 4.29 2.45 16.29
CA ALA A 41 5.09 3.49 15.66
C ALA A 41 4.66 3.81 14.25
N ALA A 42 4.61 2.80 13.40
CA ALA A 42 4.21 3.02 12.02
C ALA A 42 2.72 3.31 11.92
N ALA A 43 1.98 2.91 12.95
CA ALA A 43 0.54 3.12 13.00
C ALA A 43 0.21 4.62 13.03
N GLU A 44 1.01 5.37 13.76
CA GLU A 44 0.84 6.82 13.83
C GLU A 44 1.28 7.48 12.52
N PHE A 45 2.24 6.85 11.86
CA PHE A 45 2.72 7.32 10.57
C PHE A 45 1.63 7.14 9.50
N VAL A 46 0.83 6.09 9.66
CA VAL A 46 -0.32 5.82 8.80
C VAL A 46 -1.24 7.02 8.80
N GLY A 47 -1.67 7.42 10.00
CA GLY A 47 -2.56 8.55 10.13
C GLY A 47 -1.97 9.81 9.57
N SER A 48 -0.67 9.94 9.71
CA SER A 48 0.05 11.11 9.23
C SER A 48 0.01 11.24 7.69
N VAL A 49 0.19 10.13 6.98
CA VAL A 49 0.20 10.18 5.51
C VAL A 49 -1.21 10.19 4.95
N ASN A 50 -2.16 9.77 5.75
CA ASN A 50 -3.57 9.83 5.37
C ASN A 50 -4.06 11.26 5.53
N GLY A 51 -3.78 11.81 6.70
CA GLY A 51 -4.17 13.16 7.00
C GLY A 51 -4.43 13.31 8.48
N GLY A 52 -5.70 13.38 8.83
CA GLY A 52 -6.08 13.52 10.22
C GLY A 52 -6.60 12.21 10.77
N ASN A 53 -7.30 11.49 9.94
CA ASN A 53 -7.90 10.22 10.33
C ASN A 53 -7.10 9.11 9.71
N ARG A 54 -7.02 7.98 10.38
CA ARG A 54 -6.35 6.83 9.80
C ARG A 54 -7.27 6.18 8.81
N THR A 55 -6.73 5.85 7.71
CA THR A 55 -7.41 5.12 6.70
C THR A 55 -6.62 3.85 6.58
N VAL A 56 -7.20 2.75 6.15
CA VAL A 56 -6.37 1.59 6.10
C VAL A 56 -5.61 1.44 4.86
N PRO A 57 -6.24 1.09 3.69
CA PRO A 57 -5.46 0.60 2.64
C PRO A 57 -4.68 1.70 1.93
N THR A 58 -3.54 1.91 2.45
CA THR A 58 -2.68 2.93 2.06
C THR A 58 -1.40 2.26 1.60
N VAL A 59 -0.93 2.64 0.46
CA VAL A 59 0.22 2.04 -0.11
C VAL A 59 1.35 3.05 -0.25
N LYS A 60 2.50 2.66 0.18
CA LYS A 60 3.68 3.44 0.03
C LYS A 60 4.52 2.79 -1.05
N PHE A 61 4.74 3.50 -2.12
CA PHE A 61 5.52 2.98 -3.22
C PHE A 61 6.98 3.28 -2.99
N ALA A 62 7.84 2.46 -3.61
CA ALA A 62 9.30 2.62 -3.53
C ALA A 62 9.75 3.98 -4.09
N ASP A 63 8.90 4.57 -4.91
CA ASP A 63 9.17 5.89 -5.51
C ASP A 63 9.04 7.00 -4.45
N GLY A 64 8.43 6.65 -3.32
CA GLY A 64 8.29 7.59 -2.23
C GLY A 64 6.87 8.04 -2.03
N SER A 65 6.06 7.89 -3.04
CA SER A 65 4.68 8.32 -3.02
C SER A 65 3.82 7.42 -2.12
N THR A 66 2.92 8.03 -1.38
CA THR A 66 1.98 7.29 -0.61
C THR A 66 0.59 7.57 -1.19
N LEU A 67 -0.21 6.54 -1.29
CA LEU A 67 -1.54 6.65 -1.84
C LEU A 67 -2.54 6.04 -0.89
N THR A 68 -3.49 6.83 -0.51
CA THR A 68 -4.55 6.38 0.36
C THR A 68 -5.78 6.02 -0.50
N ASN A 69 -6.19 4.76 -0.41
CA ASN A 69 -7.36 4.21 -1.15
C ASN A 69 -7.28 4.35 -2.68
N PRO A 70 -6.35 3.64 -3.35
CA PRO A 70 -6.32 3.57 -4.80
C PRO A 70 -7.04 2.30 -5.32
N SER A 71 -7.26 2.23 -6.61
CA SER A 71 -7.80 1.03 -7.20
C SER A 71 -6.64 0.16 -7.68
N ALA A 72 -6.87 -1.14 -7.79
CA ALA A 72 -5.83 -2.10 -8.19
C ALA A 72 -5.25 -1.74 -9.55
N ASP A 73 -6.09 -1.25 -10.44
CA ASP A 73 -5.66 -0.87 -11.79
C ASP A 73 -4.75 0.36 -11.74
N GLU A 74 -5.05 1.26 -10.82
CA GLU A 74 -4.27 2.47 -10.63
C GLU A 74 -2.90 2.10 -10.10
N VAL A 75 -2.87 1.08 -9.25
CA VAL A 75 -1.65 0.56 -8.69
C VAL A 75 -0.79 -0.08 -9.80
N LYS A 76 -1.43 -0.90 -10.62
CA LYS A 76 -0.78 -1.57 -11.76
C LYS A 76 -0.05 -0.56 -12.67
N ALA A 77 -0.70 0.57 -12.94
CA ALA A 77 -0.12 1.61 -13.78
C ALA A 77 1.09 2.27 -13.12
N LYS A 78 1.19 2.14 -11.81
CA LYS A 78 2.34 2.63 -11.12
C LYS A 78 3.46 1.62 -11.16
N LEU A 79 3.14 0.32 -11.02
CA LEU A 79 4.16 -0.75 -11.07
C LEU A 79 4.96 -0.72 -12.34
N VAL A 80 4.29 -0.49 -13.44
CA VAL A 80 4.94 -0.44 -14.72
C VAL A 80 5.96 0.72 -14.79
N LYS A 81 5.58 1.87 -14.23
CA LYS A 81 6.44 3.02 -14.23
C LYS A 81 7.50 3.05 -13.11
N ILE A 82 7.07 2.90 -11.85
CA ILE A 82 7.96 3.11 -10.70
C ILE A 82 9.04 2.06 -10.56
N ALA A 83 8.86 0.94 -11.22
CA ALA A 83 9.84 -0.12 -11.20
C ALA A 83 10.97 0.20 -12.17
N GLY A 84 10.75 1.21 -13.01
CA GLY A 84 11.70 1.58 -14.02
C GLY A 84 11.90 0.44 -14.98
N LEU A 85 10.82 0.03 -15.59
CA LEU A 85 10.89 -1.10 -16.47
C LEU A 85 10.13 -0.78 -17.75
N GLU A 86 8.82 -0.71 -17.63
CA GLU A 86 7.96 -0.54 -18.79
C GLU A 86 7.73 0.97 -19.04
N HIS A 87 8.42 1.76 -18.26
CA HIS A 87 8.46 3.20 -18.36
C HIS A 87 9.60 3.64 -17.46
N HIS A 88 10.44 4.48 -17.96
CA HIS A 88 11.54 5.03 -17.20
C HIS A 88 11.30 6.51 -17.01
N MET A 1 12.50 -7.40 4.59
CA MET A 1 13.35 -6.46 3.89
C MET A 1 12.56 -5.92 2.74
N VAL A 2 13.08 -4.95 2.03
CA VAL A 2 12.36 -4.37 0.92
C VAL A 2 12.38 -5.32 -0.30
N THR A 3 11.46 -6.25 -0.28
CA THR A 3 11.30 -7.22 -1.34
C THR A 3 10.01 -6.91 -2.09
N ALA A 4 9.40 -5.81 -1.75
CA ALA A 4 8.17 -5.40 -2.35
C ALA A 4 8.28 -3.95 -2.70
N ALA A 5 7.73 -3.60 -3.82
CA ALA A 5 7.79 -2.24 -4.33
C ALA A 5 6.67 -1.38 -3.76
N LEU A 6 5.72 -2.02 -3.13
CA LEU A 6 4.62 -1.34 -2.51
C LEU A 6 4.40 -1.81 -1.10
N THR A 7 4.42 -0.89 -0.21
CA THR A 7 4.20 -1.13 1.18
C THR A 7 2.77 -0.68 1.52
N ILE A 8 1.93 -1.60 1.87
CA ILE A 8 0.54 -1.30 2.15
C ILE A 8 0.31 -1.29 3.64
N TYR A 9 -0.40 -0.35 4.11
CA TYR A 9 -0.74 -0.27 5.49
C TYR A 9 -2.08 -1.00 5.71
N THR A 10 -2.07 -2.05 6.50
CA THR A 10 -3.26 -2.84 6.75
C THR A 10 -3.54 -3.01 8.25
N THR A 11 -4.51 -3.86 8.54
CA THR A 11 -4.90 -4.20 9.88
C THR A 11 -5.58 -5.59 9.76
N SER A 12 -5.44 -6.48 10.77
CA SER A 12 -6.11 -7.80 10.76
C SER A 12 -7.60 -7.57 10.59
N TRP A 13 -8.13 -6.65 11.39
CA TRP A 13 -9.42 -6.10 11.15
C TRP A 13 -9.30 -5.32 9.83
N CYS A 14 -9.95 -5.82 8.83
CA CYS A 14 -9.85 -5.27 7.52
C CYS A 14 -11.12 -5.51 6.76
N GLY A 15 -11.75 -4.43 6.34
CA GLY A 15 -12.97 -4.55 5.59
C GLY A 15 -12.78 -4.06 4.18
N TYR A 16 -12.63 -2.77 4.05
CA TYR A 16 -12.52 -2.12 2.76
C TYR A 16 -11.13 -2.39 2.14
N CYS A 17 -10.13 -2.55 2.97
CA CYS A 17 -8.77 -2.83 2.51
C CYS A 17 -8.66 -4.17 1.75
N LEU A 18 -9.55 -5.11 2.07
CA LEU A 18 -9.57 -6.46 1.48
C LEU A 18 -9.84 -6.36 -0.02
N ARG A 19 -10.69 -5.39 -0.38
CA ARG A 19 -11.12 -5.12 -1.77
C ARG A 19 -9.91 -4.97 -2.70
N LEU A 20 -8.95 -4.23 -2.24
CA LEU A 20 -7.76 -3.94 -3.02
C LEU A 20 -6.76 -5.07 -2.87
N LYS A 21 -6.63 -5.53 -1.63
CA LYS A 21 -5.67 -6.56 -1.25
C LYS A 21 -5.78 -7.83 -2.11
N THR A 22 -6.98 -8.32 -2.29
CA THR A 22 -7.16 -9.53 -3.06
C THR A 22 -6.98 -9.27 -4.57
N ALA A 23 -7.29 -8.04 -5.01
CA ALA A 23 -7.18 -7.66 -6.40
C ALA A 23 -5.75 -7.66 -6.85
N LEU A 24 -4.89 -7.13 -5.99
CA LEU A 24 -3.48 -7.06 -6.28
C LEU A 24 -2.87 -8.44 -6.38
N THR A 25 -3.26 -9.28 -5.44
CA THR A 25 -2.79 -10.64 -5.37
C THR A 25 -3.17 -11.42 -6.65
N ALA A 26 -4.41 -11.24 -7.11
CA ALA A 26 -4.90 -11.93 -8.31
C ALA A 26 -4.29 -11.34 -9.59
N ASN A 27 -3.64 -10.23 -9.45
CA ASN A 27 -3.03 -9.53 -10.58
C ASN A 27 -1.51 -9.61 -10.55
N ARG A 28 -0.99 -10.54 -9.74
CA ARG A 28 0.47 -10.82 -9.60
C ARG A 28 1.23 -9.67 -8.95
N ILE A 29 0.52 -8.80 -8.30
CA ILE A 29 1.14 -7.68 -7.65
C ILE A 29 1.47 -8.08 -6.22
N ALA A 30 2.74 -8.07 -5.91
CA ALA A 30 3.19 -8.41 -4.59
C ALA A 30 3.35 -7.16 -3.78
N TYR A 31 2.94 -7.21 -2.56
CA TYR A 31 2.99 -6.07 -1.69
C TYR A 31 3.47 -6.48 -0.33
N ASP A 32 3.74 -5.53 0.50
CA ASP A 32 4.12 -5.81 1.85
C ASP A 32 3.25 -5.02 2.77
N GLU A 33 2.50 -5.69 3.59
CA GLU A 33 1.59 -5.03 4.49
C GLU A 33 2.23 -4.83 5.87
N VAL A 34 2.07 -3.64 6.40
CA VAL A 34 2.77 -3.22 7.60
C VAL A 34 2.08 -3.63 8.92
N ASP A 35 2.93 -4.03 9.85
CA ASP A 35 2.67 -4.47 11.24
C ASP A 35 1.94 -3.42 12.14
N ILE A 36 1.61 -2.23 11.59
CA ILE A 36 1.12 -1.01 12.35
C ILE A 36 0.08 -1.24 13.47
N GLU A 37 -0.63 -2.33 13.45
CA GLU A 37 -1.59 -2.57 14.51
C GLU A 37 -0.85 -2.96 15.80
N HIS A 38 0.34 -3.46 15.64
CA HIS A 38 1.22 -3.77 16.75
C HIS A 38 2.31 -2.70 16.80
N ASN A 39 2.89 -2.42 15.64
CA ASN A 39 3.99 -1.46 15.53
C ASN A 39 3.48 -0.04 15.56
N ARG A 40 3.57 0.58 16.71
CA ARG A 40 3.09 1.95 16.87
C ARG A 40 3.94 2.93 16.06
N ALA A 41 5.23 2.61 15.88
CA ALA A 41 6.16 3.48 15.18
C ALA A 41 5.71 3.82 13.77
N ALA A 42 5.26 2.83 13.03
CA ALA A 42 4.78 3.08 11.68
C ALA A 42 3.31 3.50 11.70
N ALA A 43 2.60 3.12 12.76
CA ALA A 43 1.20 3.46 12.91
C ALA A 43 1.03 4.96 13.05
N GLU A 44 1.93 5.56 13.81
CA GLU A 44 1.97 7.00 14.02
C GLU A 44 2.29 7.74 12.71
N PHE A 45 2.95 7.05 11.78
CA PHE A 45 3.25 7.60 10.48
C PHE A 45 1.97 7.62 9.65
N VAL A 46 1.17 6.57 9.80
CA VAL A 46 -0.10 6.46 9.10
C VAL A 46 -1.06 7.54 9.57
N GLY A 47 -1.07 7.77 10.87
CA GLY A 47 -1.91 8.81 11.44
C GLY A 47 -1.45 10.21 11.06
N SER A 48 -0.18 10.32 10.71
CA SER A 48 0.38 11.57 10.30
C SER A 48 0.05 11.84 8.81
N VAL A 49 0.15 10.81 7.97
CA VAL A 49 -0.14 10.97 6.55
C VAL A 49 -1.66 11.03 6.32
N ASN A 50 -2.41 10.25 7.06
CA ASN A 50 -3.84 10.27 7.00
C ASN A 50 -4.37 10.97 8.21
N GLY A 51 -4.57 12.26 8.08
CA GLY A 51 -4.99 13.06 9.20
C GLY A 51 -6.47 12.98 9.44
N GLY A 52 -6.84 13.00 10.69
CA GLY A 52 -8.24 12.94 11.06
C GLY A 52 -8.68 11.52 11.28
N ASN A 53 -8.63 10.73 10.25
CA ASN A 53 -9.03 9.35 10.32
C ASN A 53 -7.91 8.49 9.83
N ARG A 54 -7.75 7.33 10.39
CA ARG A 54 -6.74 6.45 9.93
C ARG A 54 -7.32 5.59 8.81
N THR A 55 -7.22 6.10 7.60
CA THR A 55 -7.66 5.39 6.43
C THR A 55 -6.76 4.16 6.30
N VAL A 56 -7.33 2.98 6.05
CA VAL A 56 -6.50 1.81 5.99
C VAL A 56 -5.72 1.68 4.75
N PRO A 57 -6.37 1.39 3.55
CA PRO A 57 -5.61 0.93 2.47
C PRO A 57 -4.79 2.04 1.79
N THR A 58 -3.69 2.27 2.39
CA THR A 58 -2.79 3.28 2.04
C THR A 58 -1.53 2.57 1.59
N VAL A 59 -1.08 2.88 0.42
CA VAL A 59 0.09 2.22 -0.11
C VAL A 59 1.21 3.23 -0.37
N LYS A 60 2.40 2.83 -0.01
CA LYS A 60 3.59 3.61 -0.24
C LYS A 60 4.43 2.87 -1.27
N PHE A 61 4.68 3.51 -2.38
CA PHE A 61 5.51 2.93 -3.42
C PHE A 61 6.93 3.39 -3.25
N ALA A 62 7.84 2.75 -3.97
CA ALA A 62 9.27 3.11 -3.99
C ALA A 62 9.48 4.53 -4.55
N ASP A 63 8.42 5.09 -5.13
CA ASP A 63 8.44 6.45 -5.68
C ASP A 63 8.41 7.47 -4.52
N GLY A 64 8.01 6.99 -3.35
CA GLY A 64 7.96 7.82 -2.17
C GLY A 64 6.59 8.40 -1.93
N SER A 65 5.79 8.34 -2.94
CA SER A 65 4.46 8.83 -2.88
C SER A 65 3.56 7.79 -2.25
N THR A 66 2.53 8.24 -1.62
CA THR A 66 1.58 7.39 -1.02
C THR A 66 0.26 7.54 -1.75
N LEU A 67 -0.39 6.45 -1.96
CA LEU A 67 -1.63 6.43 -2.68
C LEU A 67 -2.68 5.83 -1.74
N THR A 68 -3.70 6.58 -1.45
CA THR A 68 -4.69 6.16 -0.49
C THR A 68 -5.99 5.79 -1.19
N ASN A 69 -6.49 4.58 -0.93
CA ASN A 69 -7.73 4.05 -1.54
C ASN A 69 -7.70 4.11 -3.08
N PRO A 70 -6.73 3.44 -3.74
CA PRO A 70 -6.66 3.43 -5.19
C PRO A 70 -7.44 2.29 -5.84
N SER A 71 -7.42 2.28 -7.14
CA SER A 71 -8.00 1.23 -7.93
C SER A 71 -6.87 0.26 -8.29
N ALA A 72 -7.21 -0.95 -8.74
CA ALA A 72 -6.21 -1.96 -9.06
C ALA A 72 -5.31 -1.49 -10.22
N ASP A 73 -5.93 -0.84 -11.20
CA ASP A 73 -5.23 -0.34 -12.38
C ASP A 73 -4.22 0.75 -12.01
N GLU A 74 -4.54 1.53 -10.98
CA GLU A 74 -3.67 2.61 -10.54
C GLU A 74 -2.40 2.04 -9.93
N VAL A 75 -2.56 0.97 -9.19
CA VAL A 75 -1.44 0.30 -8.56
C VAL A 75 -0.54 -0.30 -9.63
N LYS A 76 -1.15 -0.96 -10.60
CA LYS A 76 -0.43 -1.57 -11.71
C LYS A 76 0.37 -0.52 -12.51
N ALA A 77 -0.25 0.62 -12.79
CA ALA A 77 0.40 1.70 -13.52
C ALA A 77 1.57 2.29 -12.73
N LYS A 78 1.43 2.38 -11.42
CA LYS A 78 2.52 2.84 -10.57
C LYS A 78 3.62 1.80 -10.50
N LEU A 79 3.22 0.54 -10.46
CA LEU A 79 4.17 -0.57 -10.35
C LEU A 79 5.10 -0.59 -11.56
N VAL A 80 4.52 -0.47 -12.74
CA VAL A 80 5.30 -0.53 -13.97
C VAL A 80 6.27 0.65 -14.12
N LYS A 81 5.90 1.82 -13.60
CA LYS A 81 6.77 2.98 -13.70
C LYS A 81 7.91 2.91 -12.71
N ILE A 82 7.61 2.50 -11.48
CA ILE A 82 8.64 2.46 -10.45
C ILE A 82 9.62 1.32 -10.65
N ALA A 83 9.26 0.39 -11.51
CA ALA A 83 10.12 -0.70 -11.86
C ALA A 83 11.23 -0.21 -12.80
N GLY A 84 10.92 0.88 -13.54
CA GLY A 84 11.85 1.44 -14.50
C GLY A 84 12.24 0.41 -15.53
N LEU A 85 11.23 -0.22 -16.08
CA LEU A 85 11.43 -1.32 -17.00
C LEU A 85 10.24 -1.44 -17.93
N GLU A 86 9.07 -1.46 -17.35
CA GLU A 86 7.83 -1.61 -18.09
C GLU A 86 7.23 -0.25 -18.41
N HIS A 87 7.85 0.74 -17.84
CA HIS A 87 7.53 2.12 -18.04
C HIS A 87 8.68 2.87 -17.44
N HIS A 88 9.05 3.96 -18.05
CA HIS A 88 10.10 4.80 -17.56
C HIS A 88 9.52 6.18 -17.34
N MET A 1 8.77 -1.54 0.19
CA MET A 1 9.70 -0.73 -0.64
C MET A 1 10.96 -1.51 -1.04
N VAL A 2 10.93 -2.84 -1.00
CA VAL A 2 12.07 -3.64 -1.44
C VAL A 2 11.76 -4.43 -2.72
N THR A 3 11.48 -5.71 -2.60
CA THR A 3 11.06 -6.49 -3.74
C THR A 3 9.59 -6.22 -3.96
N ALA A 4 8.91 -6.04 -2.85
CA ALA A 4 7.57 -5.58 -2.85
C ALA A 4 7.66 -4.08 -2.70
N ALA A 5 7.47 -3.39 -3.79
CA ALA A 5 7.63 -1.96 -3.84
C ALA A 5 6.52 -1.26 -3.07
N LEU A 6 5.29 -1.51 -3.46
CA LEU A 6 4.15 -0.92 -2.80
C LEU A 6 3.98 -1.47 -1.41
N THR A 7 4.02 -0.57 -0.49
CA THR A 7 3.90 -0.88 0.89
C THR A 7 2.49 -0.48 1.33
N ILE A 8 1.68 -1.46 1.65
CA ILE A 8 0.28 -1.24 1.97
C ILE A 8 0.06 -1.31 3.46
N TYR A 9 -0.74 -0.44 3.96
CA TYR A 9 -1.08 -0.42 5.35
C TYR A 9 -2.35 -1.25 5.56
N THR A 10 -2.28 -2.26 6.43
CA THR A 10 -3.39 -3.16 6.69
C THR A 10 -3.54 -3.48 8.18
N THR A 11 -4.55 -4.24 8.49
CA THR A 11 -4.81 -4.75 9.81
C THR A 11 -5.48 -6.10 9.58
N SER A 12 -5.43 -7.00 10.52
CA SER A 12 -6.06 -8.30 10.36
C SER A 12 -7.57 -8.11 10.40
N TRP A 13 -8.03 -7.31 11.36
CA TRP A 13 -9.43 -6.98 11.43
C TRP A 13 -9.72 -5.77 10.57
N CYS A 14 -10.16 -6.04 9.39
CA CYS A 14 -10.43 -5.03 8.42
C CYS A 14 -11.29 -5.63 7.33
N GLY A 15 -12.10 -4.81 6.69
CA GLY A 15 -12.91 -5.29 5.62
C GLY A 15 -12.62 -4.59 4.32
N TYR A 16 -12.71 -3.28 4.32
CA TYR A 16 -12.58 -2.49 3.09
C TYR A 16 -11.17 -2.48 2.50
N CYS A 17 -10.18 -2.88 3.27
CA CYS A 17 -8.82 -2.95 2.75
C CYS A 17 -8.65 -4.22 1.92
N LEU A 18 -9.49 -5.23 2.23
CA LEU A 18 -9.41 -6.53 1.60
C LEU A 18 -9.81 -6.45 0.13
N ARG A 19 -10.56 -5.41 -0.20
CA ARG A 19 -11.03 -5.15 -1.56
C ARG A 19 -9.82 -4.98 -2.47
N LEU A 20 -9.01 -3.98 -2.17
CA LEU A 20 -7.81 -3.68 -2.95
C LEU A 20 -6.79 -4.81 -2.82
N LYS A 21 -6.64 -5.29 -1.61
CA LYS A 21 -5.69 -6.34 -1.27
C LYS A 21 -5.88 -7.61 -2.13
N THR A 22 -7.12 -8.06 -2.28
CA THR A 22 -7.37 -9.25 -3.08
C THR A 22 -7.19 -8.98 -4.57
N ALA A 23 -7.53 -7.76 -4.99
CA ALA A 23 -7.37 -7.31 -6.38
C ALA A 23 -5.92 -7.32 -6.78
N LEU A 24 -5.08 -6.77 -5.93
CA LEU A 24 -3.66 -6.71 -6.21
C LEU A 24 -3.05 -8.09 -6.24
N THR A 25 -3.52 -8.96 -5.36
CA THR A 25 -3.08 -10.32 -5.33
C THR A 25 -3.50 -11.05 -6.63
N ALA A 26 -4.71 -10.75 -7.11
CA ALA A 26 -5.23 -11.33 -8.35
C ALA A 26 -4.51 -10.76 -9.56
N ASN A 27 -4.01 -9.56 -9.42
CA ASN A 27 -3.26 -8.89 -10.47
C ASN A 27 -1.78 -9.25 -10.40
N ARG A 28 -1.43 -10.14 -9.44
CA ARG A 28 -0.06 -10.64 -9.23
C ARG A 28 0.89 -9.48 -8.86
N ILE A 29 0.34 -8.50 -8.21
CA ILE A 29 1.10 -7.36 -7.81
C ILE A 29 1.74 -7.63 -6.44
N ALA A 30 3.06 -7.67 -6.44
CA ALA A 30 3.82 -7.96 -5.24
C ALA A 30 3.80 -6.79 -4.26
N TYR A 31 2.96 -6.90 -3.26
CA TYR A 31 2.87 -5.87 -2.25
C TYR A 31 3.34 -6.41 -0.92
N ASP A 32 3.61 -5.50 -0.02
CA ASP A 32 3.98 -5.83 1.34
C ASP A 32 3.13 -5.02 2.27
N GLU A 33 2.54 -5.65 3.23
CA GLU A 33 1.67 -4.96 4.15
C GLU A 33 2.40 -4.66 5.47
N VAL A 34 2.14 -3.49 6.01
CA VAL A 34 2.85 -2.99 7.16
C VAL A 34 2.37 -3.62 8.49
N ASP A 35 3.34 -3.76 9.40
CA ASP A 35 3.23 -4.34 10.75
C ASP A 35 2.37 -3.53 11.73
N ILE A 36 1.83 -2.39 11.28
CA ILE A 36 1.14 -1.35 12.15
C ILE A 36 0.16 -1.89 13.23
N GLU A 37 -0.35 -3.07 13.04
CA GLU A 37 -1.24 -3.67 14.02
C GLU A 37 -0.44 -4.01 15.30
N HIS A 38 0.82 -4.33 15.11
CA HIS A 38 1.74 -4.65 16.18
C HIS A 38 2.66 -3.45 16.43
N ASN A 39 3.17 -2.90 15.35
CA ASN A 39 4.15 -1.81 15.40
C ASN A 39 3.48 -0.45 15.48
N ARG A 40 3.68 0.24 16.59
CA ARG A 40 3.10 1.57 16.74
C ARG A 40 3.84 2.58 15.87
N ALA A 41 5.13 2.35 15.63
CA ALA A 41 5.95 3.33 14.91
C ALA A 41 5.46 3.64 13.51
N ALA A 42 5.04 2.63 12.80
CA ALA A 42 4.49 2.86 11.47
C ALA A 42 3.00 3.16 11.55
N ALA A 43 2.37 2.73 12.63
CA ALA A 43 0.93 2.92 12.83
C ALA A 43 0.60 4.38 13.00
N GLU A 44 1.45 5.06 13.72
CA GLU A 44 1.30 6.47 13.95
C GLU A 44 1.68 7.27 12.70
N PHE A 45 2.46 6.65 11.83
CA PHE A 45 2.81 7.26 10.57
C PHE A 45 1.58 7.33 9.66
N VAL A 46 0.69 6.34 9.81
CA VAL A 46 -0.58 6.32 9.06
C VAL A 46 -1.37 7.58 9.38
N GLY A 47 -1.39 7.93 10.67
CA GLY A 47 -2.09 9.11 11.10
C GLY A 47 -1.41 10.36 10.60
N SER A 48 -0.11 10.32 10.51
CA SER A 48 0.67 11.43 10.03
C SER A 48 0.39 11.68 8.52
N VAL A 49 0.46 10.63 7.72
CA VAL A 49 0.34 10.75 6.26
C VAL A 49 -1.14 10.95 5.80
N ASN A 50 -2.09 10.43 6.56
CA ASN A 50 -3.52 10.61 6.21
C ASN A 50 -4.17 11.74 6.99
N GLY A 51 -3.39 12.40 7.81
CA GLY A 51 -3.87 13.59 8.53
C GLY A 51 -4.88 13.29 9.61
N GLY A 52 -4.49 12.51 10.58
CA GLY A 52 -5.34 12.22 11.72
C GLY A 52 -6.23 11.03 11.48
N ASN A 53 -6.86 10.99 10.34
CA ASN A 53 -7.79 9.93 9.99
C ASN A 53 -7.00 8.70 9.59
N ARG A 54 -7.21 7.60 10.25
CA ARG A 54 -6.50 6.40 9.89
C ARG A 54 -7.28 5.54 8.93
N THR A 55 -7.23 5.93 7.69
CA THR A 55 -7.78 5.18 6.62
C THR A 55 -6.86 3.98 6.41
N VAL A 56 -7.39 2.76 6.37
CA VAL A 56 -6.51 1.61 6.31
C VAL A 56 -5.80 1.44 5.03
N PRO A 57 -6.50 1.16 3.87
CA PRO A 57 -5.80 0.67 2.76
C PRO A 57 -5.05 1.79 2.00
N THR A 58 -3.99 2.16 2.57
CA THR A 58 -3.17 3.18 2.15
C THR A 58 -1.91 2.56 1.58
N VAL A 59 -1.40 3.10 0.50
CA VAL A 59 -0.25 2.54 -0.14
C VAL A 59 0.87 3.57 -0.26
N LYS A 60 2.04 3.14 0.10
CA LYS A 60 3.25 3.91 0.02
C LYS A 60 4.13 3.32 -1.07
N PHE A 61 4.43 4.12 -2.06
CA PHE A 61 5.27 3.70 -3.15
C PHE A 61 6.73 4.11 -2.88
N ALA A 62 7.63 3.65 -3.72
CA ALA A 62 9.06 3.83 -3.52
C ALA A 62 9.54 5.26 -3.77
N ASP A 63 8.80 5.99 -4.56
CA ASP A 63 9.22 7.34 -4.98
C ASP A 63 8.74 8.40 -4.00
N GLY A 64 7.90 8.00 -3.07
CA GLY A 64 7.39 8.93 -2.11
C GLY A 64 5.91 9.19 -2.32
N SER A 65 5.34 8.65 -3.38
CA SER A 65 3.94 8.83 -3.64
C SER A 65 3.12 7.93 -2.70
N THR A 66 2.21 8.52 -1.99
CA THR A 66 1.33 7.79 -1.15
C THR A 66 -0.09 7.98 -1.64
N LEU A 67 -0.84 6.92 -1.64
CA LEU A 67 -2.21 6.93 -2.12
C LEU A 67 -3.10 6.28 -1.12
N THR A 68 -4.29 6.75 -1.01
CA THR A 68 -5.21 6.21 -0.07
C THR A 68 -6.39 5.58 -0.82
N ASN A 69 -6.51 4.27 -0.72
CA ASN A 69 -7.58 3.48 -1.35
C ASN A 69 -7.86 3.84 -2.84
N PRO A 70 -6.93 3.48 -3.75
CA PRO A 70 -7.08 3.72 -5.17
C PRO A 70 -7.54 2.45 -5.92
N SER A 71 -7.63 2.53 -7.22
CA SER A 71 -7.96 1.40 -8.02
C SER A 71 -6.71 0.55 -8.26
N ALA A 72 -6.92 -0.72 -8.49
CA ALA A 72 -5.85 -1.67 -8.76
C ALA A 72 -5.13 -1.30 -10.05
N ASP A 73 -5.91 -0.77 -11.00
CA ASP A 73 -5.36 -0.32 -12.28
C ASP A 73 -4.39 0.81 -12.06
N GLU A 74 -4.81 1.74 -11.21
CA GLU A 74 -3.98 2.87 -10.83
C GLU A 74 -2.69 2.39 -10.24
N VAL A 75 -2.79 1.44 -9.32
CA VAL A 75 -1.64 0.89 -8.65
C VAL A 75 -0.65 0.29 -9.65
N LYS A 76 -1.14 -0.46 -10.64
CA LYS A 76 -0.26 -1.09 -11.61
C LYS A 76 0.53 -0.06 -12.45
N ALA A 77 -0.12 0.97 -12.92
CA ALA A 77 0.56 1.99 -13.73
C ALA A 77 1.45 2.89 -12.89
N LYS A 78 1.17 2.96 -11.60
CA LYS A 78 2.05 3.70 -10.72
C LYS A 78 3.22 2.81 -10.35
N LEU A 79 2.96 1.52 -10.23
CA LEU A 79 3.98 0.54 -9.90
C LEU A 79 5.10 0.57 -10.91
N VAL A 80 4.74 0.56 -12.17
CA VAL A 80 5.71 0.53 -13.25
C VAL A 80 6.63 1.76 -13.25
N LYS A 81 6.09 2.91 -12.84
CA LYS A 81 6.88 4.11 -12.80
C LYS A 81 7.73 4.19 -11.54
N ILE A 82 7.19 3.75 -10.41
CA ILE A 82 7.88 3.87 -9.13
C ILE A 82 8.95 2.82 -8.95
N ALA A 83 8.73 1.64 -9.51
CA ALA A 83 9.70 0.58 -9.42
C ALA A 83 10.85 0.89 -10.34
N GLY A 84 10.51 1.37 -11.53
CA GLY A 84 11.50 1.76 -12.49
C GLY A 84 12.04 0.60 -13.28
N LEU A 85 12.43 -0.43 -12.58
CA LEU A 85 12.98 -1.61 -13.15
C LEU A 85 11.91 -2.60 -13.62
N GLU A 86 12.37 -3.57 -14.39
CA GLU A 86 11.60 -4.70 -14.88
C GLU A 86 10.42 -4.29 -15.76
N HIS A 87 10.58 -3.22 -16.48
CA HIS A 87 9.59 -2.83 -17.42
C HIS A 87 10.15 -3.11 -18.80
N HIS A 88 10.10 -4.36 -19.17
CA HIS A 88 10.67 -4.81 -20.43
C HIS A 88 9.56 -5.42 -21.28
N MET A 1 16.14 -12.13 -1.43
CA MET A 1 15.73 -10.78 -1.83
C MET A 1 14.25 -10.76 -2.12
N VAL A 2 13.57 -9.81 -1.55
CA VAL A 2 12.18 -9.54 -1.88
C VAL A 2 12.09 -8.08 -2.19
N THR A 3 11.29 -7.74 -3.14
CA THR A 3 11.18 -6.38 -3.52
C THR A 3 9.74 -5.93 -3.59
N ALA A 4 9.39 -5.05 -2.71
CA ALA A 4 8.09 -4.48 -2.66
C ALA A 4 8.20 -3.03 -3.02
N ALA A 5 7.64 -2.68 -4.14
CA ALA A 5 7.69 -1.30 -4.62
C ALA A 5 6.55 -0.49 -4.03
N LEU A 6 5.77 -1.15 -3.21
CA LEU A 6 4.66 -0.56 -2.52
C LEU A 6 4.49 -1.18 -1.17
N THR A 7 4.41 -0.35 -0.20
CA THR A 7 4.19 -0.73 1.14
C THR A 7 2.72 -0.43 1.45
N ILE A 8 1.97 -1.43 1.80
CA ILE A 8 0.56 -1.27 2.03
C ILE A 8 0.26 -1.41 3.49
N TYR A 9 -0.43 -0.46 4.01
CA TYR A 9 -0.81 -0.51 5.38
C TYR A 9 -2.03 -1.40 5.53
N THR A 10 -1.97 -2.36 6.44
CA THR A 10 -3.02 -3.33 6.60
C THR A 10 -3.37 -3.59 8.07
N THR A 11 -4.62 -3.84 8.31
CA THR A 11 -5.12 -4.27 9.59
C THR A 11 -6.17 -5.32 9.29
N SER A 12 -6.51 -6.11 10.26
CA SER A 12 -7.53 -7.11 10.08
C SER A 12 -8.93 -6.54 10.32
N TRP A 13 -8.96 -5.25 10.66
CA TRP A 13 -10.21 -4.58 11.01
C TRP A 13 -10.99 -4.22 9.74
N CYS A 14 -10.26 -3.97 8.69
CA CYS A 14 -10.85 -3.53 7.45
C CYS A 14 -10.88 -4.63 6.40
N GLY A 15 -12.02 -4.81 5.78
CA GLY A 15 -12.19 -5.78 4.73
C GLY A 15 -11.81 -5.21 3.39
N TYR A 16 -11.97 -3.89 3.23
CA TYR A 16 -11.64 -3.23 1.96
C TYR A 16 -10.14 -3.32 1.72
N CYS A 17 -9.37 -3.22 2.80
CA CYS A 17 -7.93 -3.36 2.75
C CYS A 17 -7.57 -4.70 2.11
N LEU A 18 -8.25 -5.75 2.58
CA LEU A 18 -8.03 -7.11 2.13
C LEU A 18 -8.48 -7.27 0.68
N ARG A 19 -9.57 -6.64 0.32
CA ARG A 19 -10.08 -6.70 -1.07
C ARG A 19 -9.07 -6.19 -2.07
N LEU A 20 -8.57 -4.98 -1.86
CA LEU A 20 -7.58 -4.38 -2.76
C LEU A 20 -6.31 -5.22 -2.76
N LYS A 21 -5.96 -5.67 -1.58
CA LYS A 21 -4.79 -6.50 -1.32
C LYS A 21 -4.86 -7.78 -2.20
N THR A 22 -6.04 -8.39 -2.22
CA THR A 22 -6.30 -9.60 -2.99
C THR A 22 -6.12 -9.33 -4.49
N ALA A 23 -6.64 -8.19 -4.94
CA ALA A 23 -6.55 -7.77 -6.34
C ALA A 23 -5.10 -7.63 -6.78
N LEU A 24 -4.32 -6.96 -5.96
CA LEU A 24 -2.92 -6.72 -6.26
C LEU A 24 -2.13 -8.02 -6.27
N THR A 25 -2.51 -8.94 -5.37
CA THR A 25 -1.85 -10.23 -5.29
C THR A 25 -2.07 -11.01 -6.60
N ALA A 26 -3.32 -11.01 -7.09
CA ALA A 26 -3.69 -11.71 -8.33
C ALA A 26 -3.01 -11.07 -9.53
N ASN A 27 -2.89 -9.76 -9.46
CA ASN A 27 -2.29 -8.97 -10.53
C ASN A 27 -0.78 -8.92 -10.42
N ARG A 28 -0.20 -9.90 -9.72
CA ARG A 28 1.28 -10.12 -9.55
C ARG A 28 2.03 -8.90 -8.99
N ILE A 29 1.30 -8.01 -8.35
CA ILE A 29 1.88 -6.83 -7.79
C ILE A 29 2.43 -7.14 -6.40
N ALA A 30 3.74 -7.03 -6.27
CA ALA A 30 4.43 -7.34 -5.03
C ALA A 30 4.40 -6.16 -4.07
N TYR A 31 3.77 -6.37 -2.94
CA TYR A 31 3.60 -5.34 -1.95
C TYR A 31 4.08 -5.84 -0.60
N ASP A 32 4.37 -4.93 0.28
CA ASP A 32 4.75 -5.24 1.64
C ASP A 32 3.67 -4.76 2.58
N GLU A 33 3.01 -5.67 3.24
CA GLU A 33 1.94 -5.34 4.16
C GLU A 33 2.51 -4.97 5.54
N VAL A 34 2.00 -3.91 6.14
CA VAL A 34 2.55 -3.45 7.39
C VAL A 34 1.81 -3.99 8.61
N ASP A 35 2.62 -4.23 9.58
CA ASP A 35 2.36 -4.70 10.92
C ASP A 35 1.64 -3.69 11.86
N ILE A 36 1.33 -2.47 11.36
CA ILE A 36 0.80 -1.31 12.18
C ILE A 36 -0.28 -1.68 13.20
N GLU A 37 -1.04 -2.75 12.95
CA GLU A 37 -2.10 -3.17 13.85
C GLU A 37 -1.51 -3.46 15.23
N HIS A 38 -0.32 -4.01 15.24
CA HIS A 38 0.34 -4.44 16.45
C HIS A 38 1.24 -3.34 17.00
N ASN A 39 1.84 -2.58 16.11
CA ASN A 39 2.78 -1.54 16.52
C ASN A 39 2.34 -0.14 16.17
N ARG A 40 2.08 0.63 17.24
CA ARG A 40 1.65 2.02 17.13
C ARG A 40 2.70 2.90 16.46
N ALA A 41 3.96 2.49 16.57
CA ALA A 41 5.08 3.25 15.99
C ALA A 41 4.87 3.51 14.50
N ALA A 42 4.39 2.49 13.82
CA ALA A 42 4.11 2.62 12.42
C ALA A 42 2.71 3.17 12.20
N ALA A 43 1.80 2.87 13.13
CA ALA A 43 0.41 3.29 13.04
C ALA A 43 0.28 4.81 13.11
N GLU A 44 1.14 5.44 13.89
CA GLU A 44 1.13 6.90 14.02
C GLU A 44 1.55 7.57 12.73
N PHE A 45 2.47 6.94 11.99
CA PHE A 45 2.92 7.47 10.72
C PHE A 45 1.76 7.45 9.73
N VAL A 46 0.97 6.39 9.82
CA VAL A 46 -0.24 6.21 9.01
C VAL A 46 -1.21 7.37 9.26
N GLY A 47 -1.28 7.79 10.49
CA GLY A 47 -2.12 8.89 10.86
C GLY A 47 -1.59 10.17 10.30
N SER A 48 -0.30 10.41 10.49
CA SER A 48 0.37 11.62 10.03
C SER A 48 0.29 11.78 8.49
N VAL A 49 0.41 10.68 7.77
CA VAL A 49 0.41 10.73 6.30
C VAL A 49 -1.03 10.86 5.75
N ASN A 50 -2.00 10.71 6.63
CA ASN A 50 -3.40 10.86 6.26
C ASN A 50 -3.96 12.17 6.76
N GLY A 51 -4.08 12.29 8.06
CA GLY A 51 -4.67 13.45 8.65
C GLY A 51 -5.58 13.04 9.77
N GLY A 52 -6.86 13.26 9.58
CA GLY A 52 -7.83 12.94 10.61
C GLY A 52 -8.23 11.49 10.58
N ASN A 53 -8.56 11.02 9.39
CA ASN A 53 -9.01 9.65 9.21
C ASN A 53 -7.82 8.79 8.90
N ARG A 54 -7.54 7.84 9.77
CA ARG A 54 -6.43 6.95 9.59
C ARG A 54 -6.85 5.86 8.63
N THR A 55 -6.77 6.16 7.36
CA THR A 55 -7.15 5.25 6.32
C THR A 55 -6.11 4.15 6.25
N VAL A 56 -6.54 2.92 6.34
CA VAL A 56 -5.59 1.85 6.37
C VAL A 56 -5.00 1.54 5.03
N PRO A 57 -5.81 1.21 3.93
CA PRO A 57 -5.23 0.73 2.69
C PRO A 57 -4.50 1.82 1.87
N THR A 58 -3.77 2.60 2.54
CA THR A 58 -2.97 3.60 2.02
C THR A 58 -1.71 2.93 1.52
N VAL A 59 -1.49 3.03 0.25
CA VAL A 59 -0.34 2.42 -0.33
C VAL A 59 0.79 3.45 -0.42
N LYS A 60 1.92 3.08 0.05
CA LYS A 60 3.10 3.90 0.04
C LYS A 60 4.00 3.37 -1.04
N PHE A 61 4.29 4.16 -2.03
CA PHE A 61 5.12 3.71 -3.11
C PHE A 61 6.58 3.93 -2.83
N ALA A 62 7.41 3.26 -3.63
CA ALA A 62 8.86 3.31 -3.52
C ALA A 62 9.42 4.73 -3.72
N ASP A 63 8.62 5.61 -4.32
CA ASP A 63 9.04 7.00 -4.52
C ASP A 63 8.90 7.79 -3.22
N GLY A 64 8.14 7.26 -2.28
CA GLY A 64 7.95 7.91 -1.01
C GLY A 64 6.56 8.46 -0.81
N SER A 65 5.86 8.70 -1.90
CA SER A 65 4.52 9.22 -1.80
C SER A 65 3.52 8.10 -1.54
N THR A 66 2.40 8.46 -1.04
CA THR A 66 1.37 7.53 -0.71
C THR A 66 0.17 7.76 -1.62
N LEU A 67 -0.77 6.86 -1.54
CA LEU A 67 -1.98 6.98 -2.27
C LEU A 67 -3.08 6.39 -1.38
N THR A 68 -3.92 7.23 -0.89
CA THR A 68 -4.96 6.86 0.02
C THR A 68 -6.21 6.39 -0.74
N ASN A 69 -6.63 5.15 -0.47
CA ASN A 69 -7.81 4.51 -1.10
C ASN A 69 -7.73 4.45 -2.62
N PRO A 70 -6.77 3.70 -3.17
CA PRO A 70 -6.67 3.53 -4.61
C PRO A 70 -7.44 2.31 -5.11
N SER A 71 -7.27 2.04 -6.38
CA SER A 71 -7.81 0.88 -7.03
C SER A 71 -6.64 0.20 -7.73
N ALA A 72 -6.80 -1.04 -8.19
CA ALA A 72 -5.72 -1.80 -8.82
C ALA A 72 -5.06 -1.02 -9.97
N ASP A 73 -5.88 -0.44 -10.84
CA ASP A 73 -5.38 0.32 -11.99
C ASP A 73 -4.59 1.56 -11.53
N GLU A 74 -5.04 2.19 -10.46
CA GLU A 74 -4.36 3.37 -9.88
C GLU A 74 -2.98 3.01 -9.38
N VAL A 75 -2.90 1.87 -8.73
CA VAL A 75 -1.67 1.38 -8.16
C VAL A 75 -0.68 1.03 -9.25
N LYS A 76 -1.17 0.27 -10.23
CA LYS A 76 -0.35 -0.15 -11.33
C LYS A 76 0.20 1.05 -12.15
N ALA A 77 -0.56 2.13 -12.20
CA ALA A 77 -0.16 3.34 -12.92
C ALA A 77 1.01 4.07 -12.22
N LYS A 78 1.15 3.88 -10.92
CA LYS A 78 2.32 4.42 -10.23
C LYS A 78 3.45 3.44 -10.34
N LEU A 79 3.10 2.16 -10.28
CA LEU A 79 4.06 1.07 -10.34
C LEU A 79 4.92 1.19 -11.58
N VAL A 80 4.26 1.37 -12.71
CA VAL A 80 4.92 1.47 -14.01
C VAL A 80 5.93 2.60 -14.09
N LYS A 81 5.65 3.70 -13.44
CA LYS A 81 6.57 4.80 -13.53
C LYS A 81 7.73 4.64 -12.55
N ILE A 82 7.45 4.20 -11.33
CA ILE A 82 8.46 4.12 -10.29
C ILE A 82 9.39 2.92 -10.47
N ALA A 83 8.92 1.92 -11.19
CA ALA A 83 9.70 0.72 -11.47
C ALA A 83 10.57 0.90 -12.71
N GLY A 84 10.54 2.09 -13.26
CA GLY A 84 11.35 2.40 -14.42
C GLY A 84 10.78 1.82 -15.67
N LEU A 85 11.37 0.74 -16.14
CA LEU A 85 10.89 0.06 -17.33
C LEU A 85 10.67 -1.42 -17.05
N GLU A 86 10.91 -1.82 -15.83
CA GLU A 86 10.74 -3.20 -15.46
C GLU A 86 9.34 -3.36 -14.90
N HIS A 87 8.40 -3.63 -15.77
CA HIS A 87 7.00 -3.77 -15.43
C HIS A 87 6.30 -4.46 -16.58
N HIS A 88 5.04 -4.76 -16.39
CA HIS A 88 4.25 -5.36 -17.42
C HIS A 88 3.00 -4.52 -17.60
N MET A 1 8.62 -7.40 5.34
CA MET A 1 10.07 -7.67 5.47
C MET A 1 10.72 -7.78 4.08
N VAL A 2 10.22 -8.67 3.24
CA VAL A 2 10.72 -8.79 1.88
C VAL A 2 10.37 -7.49 1.17
N THR A 3 11.38 -6.73 0.82
CA THR A 3 11.15 -5.43 0.28
C THR A 3 10.69 -5.48 -1.17
N ALA A 4 9.39 -5.46 -1.33
CA ALA A 4 8.75 -5.42 -2.62
C ALA A 4 8.62 -3.95 -3.03
N ALA A 5 8.18 -3.73 -4.24
CA ALA A 5 8.03 -2.37 -4.75
C ALA A 5 6.92 -1.61 -4.04
N LEU A 6 5.98 -2.33 -3.46
CA LEU A 6 4.87 -1.69 -2.79
C LEU A 6 4.92 -1.95 -1.32
N THR A 7 4.95 -0.91 -0.56
CA THR A 7 4.86 -1.02 0.85
C THR A 7 3.44 -0.63 1.25
N ILE A 8 2.66 -1.58 1.66
CA ILE A 8 1.26 -1.32 1.95
C ILE A 8 0.99 -1.36 3.44
N TYR A 9 0.28 -0.38 3.89
CA TYR A 9 -0.10 -0.27 5.26
C TYR A 9 -1.51 -0.84 5.41
N THR A 10 -1.61 -2.01 6.03
CA THR A 10 -2.87 -2.69 6.25
C THR A 10 -2.98 -3.24 7.68
N THR A 11 -4.21 -3.47 8.12
CA THR A 11 -4.49 -4.05 9.41
C THR A 11 -5.54 -5.13 9.24
N SER A 12 -5.84 -5.84 10.29
CA SER A 12 -6.89 -6.81 10.31
C SER A 12 -8.23 -6.12 10.65
N TRP A 13 -8.14 -4.84 10.98
CA TRP A 13 -9.29 -4.07 11.41
C TRP A 13 -10.20 -3.70 10.25
N CYS A 14 -9.63 -3.49 9.11
CA CYS A 14 -10.39 -3.04 7.96
C CYS A 14 -10.89 -4.22 7.14
N GLY A 15 -11.82 -3.96 6.25
CA GLY A 15 -12.33 -4.97 5.37
C GLY A 15 -11.95 -4.70 3.93
N TYR A 16 -12.07 -3.43 3.52
CA TYR A 16 -11.76 -3.05 2.14
C TYR A 16 -10.29 -3.28 1.79
N CYS A 17 -9.44 -3.26 2.79
CA CYS A 17 -8.03 -3.55 2.57
C CYS A 17 -7.84 -4.92 1.92
N LEU A 18 -8.61 -5.91 2.37
CA LEU A 18 -8.52 -7.26 1.83
C LEU A 18 -9.12 -7.36 0.44
N ARG A 19 -10.03 -6.46 0.15
CA ARG A 19 -10.69 -6.42 -1.15
C ARG A 19 -9.68 -5.93 -2.19
N LEU A 20 -8.83 -5.03 -1.77
CA LEU A 20 -7.77 -4.52 -2.62
C LEU A 20 -6.66 -5.56 -2.74
N LYS A 21 -6.40 -6.26 -1.63
CA LYS A 21 -5.40 -7.33 -1.58
C LYS A 21 -5.69 -8.41 -2.60
N THR A 22 -6.93 -8.83 -2.70
CA THR A 22 -7.31 -9.83 -3.66
C THR A 22 -7.15 -9.34 -5.09
N ALA A 23 -7.51 -8.09 -5.32
CA ALA A 23 -7.38 -7.47 -6.64
C ALA A 23 -5.92 -7.43 -7.06
N LEU A 24 -5.06 -6.96 -6.18
CA LEU A 24 -3.64 -6.85 -6.48
C LEU A 24 -3.01 -8.23 -6.67
N THR A 25 -3.39 -9.18 -5.83
CA THR A 25 -2.86 -10.52 -5.90
C THR A 25 -3.32 -11.24 -7.18
N ALA A 26 -4.56 -11.01 -7.58
CA ALA A 26 -5.12 -11.59 -8.80
C ALA A 26 -4.48 -10.99 -10.03
N ASN A 27 -4.02 -9.77 -9.87
CA ASN A 27 -3.35 -9.06 -10.94
C ASN A 27 -1.83 -9.24 -10.86
N ARG A 28 -1.42 -10.19 -9.99
CA ARG A 28 -0.01 -10.60 -9.81
C ARG A 28 0.89 -9.45 -9.38
N ILE A 29 0.33 -8.50 -8.67
CA ILE A 29 1.10 -7.37 -8.21
C ILE A 29 1.72 -7.70 -6.84
N ALA A 30 3.02 -7.58 -6.75
CA ALA A 30 3.75 -7.92 -5.54
C ALA A 30 3.81 -6.76 -4.58
N TYR A 31 3.46 -7.01 -3.34
CA TYR A 31 3.44 -6.00 -2.32
C TYR A 31 3.87 -6.59 -0.99
N ASP A 32 4.34 -5.75 -0.11
CA ASP A 32 4.71 -6.18 1.22
C ASP A 32 4.00 -5.28 2.21
N GLU A 33 3.26 -5.86 3.11
CA GLU A 33 2.48 -5.08 4.03
C GLU A 33 3.19 -4.87 5.35
N VAL A 34 2.97 -3.74 5.95
CA VAL A 34 3.65 -3.34 7.17
C VAL A 34 3.00 -3.99 8.41
N ASP A 35 3.81 -4.14 9.42
CA ASP A 35 3.54 -4.80 10.71
C ASP A 35 2.65 -3.97 11.66
N ILE A 36 2.25 -2.75 11.22
CA ILE A 36 1.55 -1.72 12.05
C ILE A 36 0.42 -2.26 12.97
N GLU A 37 -0.15 -3.41 12.64
CA GLU A 37 -1.18 -4.08 13.44
C GLU A 37 -0.66 -4.25 14.88
N HIS A 38 0.61 -4.56 14.99
CA HIS A 38 1.23 -4.78 16.28
C HIS A 38 2.37 -3.79 16.51
N ASN A 39 2.36 -2.71 15.77
CA ASN A 39 3.41 -1.71 15.92
C ASN A 39 2.85 -0.33 15.86
N ARG A 40 2.80 0.31 17.00
CA ARG A 40 2.30 1.66 17.09
C ARG A 40 3.21 2.67 16.35
N ALA A 41 4.52 2.39 16.29
CA ALA A 41 5.45 3.36 15.74
C ALA A 41 5.26 3.59 14.24
N ALA A 42 4.98 2.54 13.52
CA ALA A 42 4.72 2.69 12.09
C ALA A 42 3.25 3.01 11.87
N ALA A 43 2.42 2.68 12.85
CA ALA A 43 1.00 2.94 12.78
C ALA A 43 0.72 4.43 12.79
N GLU A 44 1.44 5.14 13.62
CA GLU A 44 1.30 6.59 13.70
C GLU A 44 1.85 7.28 12.44
N PHE A 45 2.73 6.58 11.73
CA PHE A 45 3.26 7.09 10.47
C PHE A 45 2.13 7.09 9.43
N VAL A 46 1.23 6.11 9.56
CA VAL A 46 0.08 6.00 8.67
C VAL A 46 -0.78 7.26 8.79
N GLY A 47 -0.92 7.77 10.01
CA GLY A 47 -1.70 8.98 10.24
C GLY A 47 -1.03 10.20 9.65
N SER A 48 0.28 10.19 9.64
CA SER A 48 1.08 11.28 9.11
C SER A 48 0.86 11.42 7.59
N VAL A 49 0.58 10.31 6.94
CA VAL A 49 0.34 10.30 5.51
C VAL A 49 -1.14 10.08 5.20
N ASN A 50 -1.98 10.28 6.20
CA ASN A 50 -3.40 10.04 6.05
C ASN A 50 -4.16 11.34 6.21
N GLY A 51 -5.47 11.28 6.22
CA GLY A 51 -6.28 12.46 6.36
C GLY A 51 -6.94 12.55 7.70
N GLY A 52 -6.15 12.90 8.70
CA GLY A 52 -6.66 13.02 10.05
C GLY A 52 -6.79 11.68 10.71
N ASN A 53 -7.96 11.11 10.61
CA ASN A 53 -8.20 9.80 11.16
C ASN A 53 -7.65 8.77 10.22
N ARG A 54 -6.99 7.78 10.77
CA ARG A 54 -6.36 6.75 9.98
C ARG A 54 -7.35 5.89 9.22
N THR A 55 -7.47 6.18 7.95
CA THR A 55 -8.20 5.37 7.02
C THR A 55 -7.18 4.31 6.65
N VAL A 56 -7.56 3.10 6.24
CA VAL A 56 -6.48 2.18 6.04
C VAL A 56 -5.83 2.19 4.69
N PRO A 57 -6.27 1.30 3.71
CA PRO A 57 -5.34 0.78 2.73
C PRO A 57 -4.45 1.82 2.07
N THR A 58 -3.30 1.97 2.66
CA THR A 58 -2.38 2.96 2.31
C THR A 58 -1.19 2.33 1.60
N VAL A 59 -1.08 2.58 0.35
CA VAL A 59 0.02 2.04 -0.42
C VAL A 59 1.06 3.13 -0.66
N LYS A 60 2.28 2.85 -0.33
CA LYS A 60 3.36 3.77 -0.52
C LYS A 60 4.21 3.33 -1.70
N PHE A 61 4.41 4.23 -2.62
CA PHE A 61 5.18 3.97 -3.82
C PHE A 61 6.58 4.60 -3.68
N ALA A 62 7.48 4.29 -4.62
CA ALA A 62 8.90 4.72 -4.56
C ALA A 62 9.13 6.24 -4.66
N ASP A 63 8.11 6.99 -5.07
CA ASP A 63 8.24 8.47 -5.10
C ASP A 63 8.06 9.02 -3.70
N GLY A 64 7.58 8.17 -2.81
CA GLY A 64 7.25 8.58 -1.47
C GLY A 64 5.79 8.91 -1.39
N SER A 65 5.13 8.77 -2.53
CA SER A 65 3.72 9.00 -2.67
C SER A 65 2.98 7.92 -1.90
N THR A 66 2.00 8.30 -1.14
CA THR A 66 1.22 7.32 -0.46
C THR A 66 -0.22 7.53 -0.91
N LEU A 67 -0.91 6.46 -1.17
CA LEU A 67 -2.28 6.53 -1.61
C LEU A 67 -3.20 5.82 -0.66
N THR A 68 -4.12 6.57 -0.10
CA THR A 68 -5.10 6.03 0.78
C THR A 68 -6.33 5.67 -0.05
N ASN A 69 -6.67 4.39 -0.08
CA ASN A 69 -7.85 3.87 -0.80
C ASN A 69 -7.75 4.15 -2.34
N PRO A 70 -6.83 3.47 -3.05
CA PRO A 70 -6.71 3.61 -4.49
C PRO A 70 -7.49 2.53 -5.25
N SER A 71 -7.21 2.42 -6.51
CA SER A 71 -7.79 1.42 -7.37
C SER A 71 -6.64 0.53 -7.85
N ALA A 72 -6.92 -0.74 -8.11
CA ALA A 72 -5.91 -1.71 -8.55
C ALA A 72 -5.18 -1.24 -9.81
N ASP A 73 -5.94 -0.67 -10.73
CA ASP A 73 -5.41 -0.16 -12.00
C ASP A 73 -4.46 0.99 -11.75
N GLU A 74 -4.82 1.82 -10.77
CA GLU A 74 -3.96 2.92 -10.34
C GLU A 74 -2.67 2.39 -9.83
N VAL A 75 -2.77 1.40 -8.96
CA VAL A 75 -1.60 0.80 -8.35
C VAL A 75 -0.67 0.23 -9.41
N LYS A 76 -1.21 -0.42 -10.42
CA LYS A 76 -0.41 -1.02 -11.47
C LYS A 76 0.29 0.07 -12.33
N ALA A 77 -0.41 1.16 -12.61
CA ALA A 77 0.16 2.23 -13.44
C ALA A 77 1.15 3.07 -12.62
N LYS A 78 0.93 3.16 -11.34
CA LYS A 78 1.86 3.84 -10.47
C LYS A 78 3.07 2.95 -10.22
N LEU A 79 2.82 1.65 -10.22
CA LEU A 79 3.85 0.65 -10.03
C LEU A 79 4.91 0.78 -11.11
N VAL A 80 4.47 0.82 -12.35
CA VAL A 80 5.38 0.89 -13.48
C VAL A 80 6.28 2.12 -13.47
N LYS A 81 5.74 3.27 -13.07
CA LYS A 81 6.55 4.49 -13.05
C LYS A 81 7.55 4.45 -11.88
N ILE A 82 7.15 3.82 -10.78
CA ILE A 82 8.01 3.77 -9.61
C ILE A 82 9.03 2.67 -9.70
N ALA A 83 8.84 1.79 -10.67
CA ALA A 83 9.78 0.74 -10.97
C ALA A 83 10.93 1.32 -11.78
N GLY A 84 10.79 2.58 -12.18
CA GLY A 84 11.82 3.28 -12.90
C GLY A 84 11.81 2.94 -14.36
N LEU A 85 12.22 1.75 -14.66
CA LEU A 85 12.32 1.26 -16.01
C LEU A 85 11.04 0.53 -16.42
N GLU A 86 10.00 0.75 -15.61
CA GLU A 86 8.65 0.21 -15.80
C GLU A 86 8.60 -1.31 -15.81
N HIS A 87 8.86 -1.87 -16.97
CA HIS A 87 8.72 -3.27 -17.31
C HIS A 87 8.71 -3.26 -18.83
N HIS A 88 8.32 -2.11 -19.35
CA HIS A 88 8.30 -1.83 -20.77
C HIS A 88 9.71 -1.51 -21.23
N MET A 1 14.99 -7.28 5.08
CA MET A 1 13.93 -8.25 5.29
C MET A 1 12.59 -7.69 4.85
N VAL A 2 11.97 -8.35 3.85
CA VAL A 2 10.66 -7.96 3.30
C VAL A 2 10.75 -6.60 2.61
N THR A 3 11.01 -6.61 1.34
CA THR A 3 11.12 -5.40 0.60
C THR A 3 10.39 -5.51 -0.74
N ALA A 4 9.47 -4.63 -0.97
CA ALA A 4 8.78 -4.57 -2.21
C ALA A 4 8.86 -3.16 -2.74
N ALA A 5 8.39 -2.93 -3.93
CA ALA A 5 8.39 -1.61 -4.52
C ALA A 5 7.08 -0.91 -4.20
N LEU A 6 6.24 -1.61 -3.47
CA LEU A 6 4.95 -1.10 -3.11
C LEU A 6 4.66 -1.53 -1.69
N THR A 7 4.56 -0.60 -0.80
CA THR A 7 4.28 -0.91 0.57
C THR A 7 2.84 -0.52 0.91
N ILE A 8 2.11 -1.44 1.46
CA ILE A 8 0.72 -1.23 1.79
C ILE A 8 0.50 -1.38 3.28
N TYR A 9 -0.24 -0.48 3.83
CA TYR A 9 -0.57 -0.53 5.22
C TYR A 9 -1.85 -1.36 5.42
N THR A 10 -1.79 -2.35 6.32
CA THR A 10 -2.89 -3.28 6.56
C THR A 10 -3.18 -3.48 8.05
N THR A 11 -4.42 -3.80 8.38
CA THR A 11 -4.84 -4.11 9.75
C THR A 11 -5.83 -5.25 9.71
N SER A 12 -6.04 -5.88 10.84
CA SER A 12 -6.95 -6.98 10.97
C SER A 12 -8.42 -6.47 11.01
N TRP A 13 -8.59 -5.15 11.09
CA TRP A 13 -9.93 -4.57 11.21
C TRP A 13 -10.48 -4.28 9.82
N CYS A 14 -9.60 -4.09 8.90
CA CYS A 14 -9.95 -3.57 7.62
C CYS A 14 -10.25 -4.66 6.60
N GLY A 15 -11.47 -4.66 6.10
CA GLY A 15 -11.86 -5.61 5.07
C GLY A 15 -11.64 -5.02 3.69
N TYR A 16 -11.82 -3.71 3.57
CA TYR A 16 -11.65 -3.03 2.30
C TYR A 16 -10.18 -3.00 1.85
N CYS A 17 -9.28 -3.23 2.79
CA CYS A 17 -7.87 -3.37 2.49
C CYS A 17 -7.63 -4.66 1.71
N LEU A 18 -8.37 -5.71 2.11
CA LEU A 18 -8.27 -7.03 1.51
C LEU A 18 -8.79 -7.00 0.08
N ARG A 19 -9.74 -6.11 -0.17
CA ARG A 19 -10.30 -5.90 -1.49
C ARG A 19 -9.21 -5.43 -2.45
N LEU A 20 -8.37 -4.54 -1.96
CA LEU A 20 -7.29 -4.01 -2.76
C LEU A 20 -6.19 -5.06 -2.92
N LYS A 21 -5.92 -5.79 -1.84
CA LYS A 21 -4.92 -6.85 -1.83
C LYS A 21 -5.18 -7.90 -2.90
N THR A 22 -6.39 -8.43 -2.91
CA THR A 22 -6.79 -9.44 -3.87
C THR A 22 -6.68 -8.92 -5.30
N ALA A 23 -7.11 -7.68 -5.49
CA ALA A 23 -7.04 -7.01 -6.77
C ALA A 23 -5.61 -6.89 -7.25
N LEU A 24 -4.74 -6.43 -6.39
CA LEU A 24 -3.35 -6.24 -6.76
C LEU A 24 -2.66 -7.57 -7.01
N THR A 25 -3.00 -8.57 -6.23
CA THR A 25 -2.41 -9.89 -6.38
C THR A 25 -2.83 -10.51 -7.74
N ALA A 26 -4.10 -10.36 -8.09
CA ALA A 26 -4.65 -10.90 -9.33
C ALA A 26 -4.21 -10.07 -10.56
N ASN A 27 -3.56 -8.95 -10.31
CA ASN A 27 -3.05 -8.07 -11.35
C ASN A 27 -1.54 -8.15 -11.43
N ARG A 28 -0.98 -9.10 -10.68
CA ARG A 28 0.46 -9.34 -10.54
C ARG A 28 1.20 -8.11 -10.02
N ILE A 29 0.85 -7.73 -8.84
CA ILE A 29 1.50 -6.64 -8.18
C ILE A 29 2.07 -7.15 -6.87
N ALA A 30 3.36 -7.09 -6.74
CA ALA A 30 4.02 -7.51 -5.55
C ALA A 30 4.10 -6.36 -4.58
N TYR A 31 3.54 -6.54 -3.43
CA TYR A 31 3.49 -5.51 -2.42
C TYR A 31 3.87 -6.08 -1.08
N ASP A 32 4.33 -5.25 -0.19
CA ASP A 32 4.64 -5.67 1.16
C ASP A 32 3.71 -4.94 2.10
N GLU A 33 3.12 -5.67 3.01
CA GLU A 33 2.22 -5.08 3.97
C GLU A 33 2.95 -4.78 5.28
N VAL A 34 2.49 -3.78 5.98
CA VAL A 34 3.19 -3.31 7.18
C VAL A 34 2.64 -3.94 8.47
N ASP A 35 3.57 -4.16 9.39
CA ASP A 35 3.42 -4.76 10.73
C ASP A 35 2.49 -3.94 11.69
N ILE A 36 1.97 -2.78 11.22
CA ILE A 36 1.16 -1.81 12.04
C ILE A 36 0.09 -2.42 12.94
N GLU A 37 -0.35 -3.63 12.65
CA GLU A 37 -1.32 -4.33 13.48
C GLU A 37 -0.81 -4.45 14.93
N HIS A 38 0.50 -4.49 15.09
CA HIS A 38 1.07 -4.48 16.41
C HIS A 38 2.15 -3.37 16.51
N ASN A 39 2.72 -2.97 15.39
CA ASN A 39 3.72 -1.91 15.39
C ASN A 39 3.04 -0.55 15.27
N ARG A 40 2.64 0.00 16.42
CA ARG A 40 1.87 1.25 16.45
C ARG A 40 2.68 2.45 15.97
N ALA A 41 3.99 2.37 16.05
CA ALA A 41 4.85 3.48 15.65
C ALA A 41 4.64 3.82 14.17
N ALA A 42 4.38 2.82 13.38
CA ALA A 42 4.09 3.03 11.97
C ALA A 42 2.60 3.29 11.78
N ALA A 43 1.81 2.88 12.75
CA ALA A 43 0.36 3.07 12.70
C ALA A 43 0.00 4.53 12.96
N GLU A 44 0.78 5.20 13.82
CA GLU A 44 0.62 6.63 14.04
C GLU A 44 0.95 7.40 12.77
N PHE A 45 1.89 6.88 11.99
CA PHE A 45 2.25 7.47 10.71
C PHE A 45 1.05 7.43 9.76
N VAL A 46 0.36 6.30 9.78
CA VAL A 46 -0.86 6.08 9.00
C VAL A 46 -1.89 7.14 9.33
N GLY A 47 -2.05 7.38 10.62
CA GLY A 47 -2.97 8.38 11.08
C GLY A 47 -2.53 9.76 10.68
N SER A 48 -1.28 10.08 11.00
CA SER A 48 -0.71 11.38 10.78
C SER A 48 -0.71 11.78 9.29
N VAL A 49 -0.43 10.84 8.40
CA VAL A 49 -0.37 11.18 6.97
C VAL A 49 -1.78 11.50 6.41
N ASN A 50 -2.81 10.97 7.04
CA ASN A 50 -4.17 11.26 6.63
C ASN A 50 -4.74 12.43 7.42
N GLY A 51 -4.23 12.60 8.61
CA GLY A 51 -4.60 13.69 9.47
C GLY A 51 -4.50 13.26 10.91
N GLY A 52 -5.31 12.30 11.24
CA GLY A 52 -5.33 11.74 12.58
C GLY A 52 -5.94 10.37 12.56
N ASN A 53 -6.91 10.19 11.68
CA ASN A 53 -7.57 8.92 11.55
C ASN A 53 -6.71 7.94 10.78
N ARG A 54 -6.79 6.69 11.14
CA ARG A 54 -6.01 5.67 10.49
C ARG A 54 -6.75 5.09 9.29
N THR A 55 -6.62 5.73 8.15
CA THR A 55 -7.16 5.16 6.94
C THR A 55 -6.16 4.11 6.50
N VAL A 56 -6.58 2.87 6.46
CA VAL A 56 -5.63 1.81 6.33
C VAL A 56 -5.04 1.61 4.97
N PRO A 57 -5.82 1.29 3.86
CA PRO A 57 -5.20 0.92 2.63
C PRO A 57 -4.56 2.12 1.90
N THR A 58 -3.54 2.55 2.46
CA THR A 58 -2.77 3.61 2.04
C THR A 58 -1.49 3.01 1.52
N VAL A 59 -1.21 3.22 0.28
CA VAL A 59 -0.07 2.61 -0.34
C VAL A 59 1.07 3.61 -0.46
N LYS A 60 2.25 3.14 -0.21
CA LYS A 60 3.44 3.93 -0.29
C LYS A 60 4.23 3.48 -1.52
N PHE A 61 4.31 4.35 -2.51
CA PHE A 61 4.99 4.05 -3.77
C PHE A 61 6.46 4.39 -3.70
N ALA A 62 7.18 4.12 -4.79
CA ALA A 62 8.60 4.44 -4.91
C ALA A 62 8.80 5.95 -4.96
N ASP A 63 7.69 6.68 -5.13
CA ASP A 63 7.67 8.14 -5.10
C ASP A 63 8.02 8.62 -3.71
N GLY A 64 7.86 7.74 -2.74
CA GLY A 64 8.08 8.09 -1.36
C GLY A 64 6.81 8.65 -0.73
N SER A 65 5.84 8.94 -1.56
CA SER A 65 4.60 9.48 -1.10
C SER A 65 3.58 8.35 -0.91
N THR A 66 2.51 8.66 -0.25
CA THR A 66 1.48 7.70 0.03
C THR A 66 0.17 8.06 -0.70
N LEU A 67 -0.51 7.08 -1.22
CA LEU A 67 -1.77 7.29 -1.88
C LEU A 67 -2.85 6.52 -1.14
N THR A 68 -3.73 7.26 -0.50
CA THR A 68 -4.78 6.69 0.30
C THR A 68 -5.96 6.20 -0.57
N ASN A 69 -6.26 4.90 -0.46
CA ASN A 69 -7.39 4.23 -1.14
C ASN A 69 -7.38 4.48 -2.66
N PRO A 70 -6.51 3.80 -3.37
CA PRO A 70 -6.42 3.92 -4.81
C PRO A 70 -7.18 2.77 -5.52
N SER A 71 -7.42 2.94 -6.78
CA SER A 71 -8.01 1.89 -7.57
C SER A 71 -6.87 0.95 -8.02
N ALA A 72 -7.18 -0.33 -8.21
CA ALA A 72 -6.16 -1.34 -8.55
C ALA A 72 -5.48 -1.01 -9.87
N ASP A 73 -6.27 -0.58 -10.83
CA ASP A 73 -5.76 -0.20 -12.15
C ASP A 73 -4.82 0.98 -12.05
N GLU A 74 -5.15 1.90 -11.16
CA GLU A 74 -4.34 3.09 -10.90
C GLU A 74 -3.00 2.69 -10.31
N VAL A 75 -3.05 1.74 -9.38
CA VAL A 75 -1.84 1.24 -8.75
C VAL A 75 -0.95 0.59 -9.78
N LYS A 76 -1.54 -0.21 -10.66
CA LYS A 76 -0.79 -0.92 -11.69
C LYS A 76 -0.12 0.09 -12.64
N ALA A 77 -0.87 1.08 -13.08
CA ALA A 77 -0.37 2.08 -14.01
C ALA A 77 0.69 2.98 -13.37
N LYS A 78 0.61 3.18 -12.09
CA LYS A 78 1.62 3.97 -11.41
C LYS A 78 2.82 3.07 -11.11
N LEU A 79 2.56 1.81 -10.77
CA LEU A 79 3.61 0.84 -10.45
C LEU A 79 4.57 0.70 -11.62
N VAL A 80 4.00 0.50 -12.79
CA VAL A 80 4.77 0.27 -14.01
C VAL A 80 5.69 1.44 -14.37
N LYS A 81 5.24 2.66 -14.10
CA LYS A 81 6.03 3.81 -14.44
C LYS A 81 7.12 4.07 -13.40
N ILE A 82 6.84 3.76 -12.15
CA ILE A 82 7.82 4.01 -11.11
C ILE A 82 8.81 2.86 -10.98
N ALA A 83 8.49 1.75 -11.62
CA ALA A 83 9.39 0.62 -11.69
C ALA A 83 10.35 0.80 -12.86
N GLY A 84 10.10 1.83 -13.62
CA GLY A 84 10.95 2.15 -14.72
C GLY A 84 10.51 1.48 -16.00
N LEU A 85 11.42 0.82 -16.63
CA LEU A 85 11.13 0.14 -17.87
C LEU A 85 10.85 -1.34 -17.60
N GLU A 86 11.10 -1.77 -16.36
CA GLU A 86 10.93 -3.16 -15.97
C GLU A 86 9.45 -3.54 -15.88
N HIS A 87 8.91 -4.02 -16.98
CA HIS A 87 7.52 -4.43 -17.03
C HIS A 87 7.41 -5.84 -17.64
N HIS A 88 8.54 -6.34 -18.13
CA HIS A 88 8.55 -7.62 -18.81
C HIS A 88 9.22 -8.62 -17.92
N MET A 1 9.43 -2.54 0.08
CA MET A 1 10.40 -2.22 1.13
C MET A 1 11.23 -3.44 1.55
N VAL A 2 10.62 -4.61 1.73
CA VAL A 2 11.41 -5.75 2.16
C VAL A 2 11.64 -6.74 1.04
N THR A 3 10.60 -7.18 0.40
CA THR A 3 10.74 -8.07 -0.74
C THR A 3 9.87 -7.64 -1.89
N ALA A 4 8.88 -6.84 -1.60
CA ALA A 4 8.03 -6.34 -2.62
C ALA A 4 8.44 -4.92 -2.92
N ALA A 5 8.09 -4.45 -4.09
CA ALA A 5 8.39 -3.09 -4.50
C ALA A 5 7.28 -2.17 -4.06
N LEU A 6 6.27 -2.74 -3.45
CA LEU A 6 5.13 -2.00 -3.01
C LEU A 6 4.91 -2.28 -1.54
N THR A 7 4.61 -1.27 -0.80
CA THR A 7 4.35 -1.42 0.59
C THR A 7 2.96 -0.89 0.90
N ILE A 8 2.21 -1.62 1.68
CA ILE A 8 0.89 -1.22 2.03
C ILE A 8 0.73 -1.21 3.54
N TYR A 9 0.19 -0.13 4.04
CA TYR A 9 0.00 0.04 5.44
C TYR A 9 -1.40 -0.46 5.83
N THR A 10 -1.49 -1.73 6.17
CA THR A 10 -2.75 -2.36 6.53
C THR A 10 -2.65 -3.07 7.87
N THR A 11 -3.77 -3.33 8.46
CA THR A 11 -3.87 -4.14 9.64
C THR A 11 -4.67 -5.37 9.24
N SER A 12 -4.68 -6.39 10.07
CA SER A 12 -5.56 -7.52 9.82
C SER A 12 -7.01 -7.11 10.12
N TRP A 13 -7.16 -5.96 10.78
CA TRP A 13 -8.45 -5.48 11.22
C TRP A 13 -9.05 -4.61 10.13
N CYS A 14 -9.55 -5.23 9.11
CA CYS A 14 -10.09 -4.48 8.01
C CYS A 14 -11.05 -5.36 7.23
N GLY A 15 -11.92 -4.71 6.49
CA GLY A 15 -12.86 -5.41 5.65
C GLY A 15 -12.77 -4.91 4.24
N TYR A 16 -12.68 -3.59 4.08
CA TYR A 16 -12.62 -3.00 2.75
C TYR A 16 -11.26 -3.25 2.08
N CYS A 17 -10.21 -3.42 2.88
CA CYS A 17 -8.85 -3.62 2.37
C CYS A 17 -8.79 -4.79 1.39
N LEU A 18 -9.64 -5.80 1.62
CA LEU A 18 -9.75 -6.98 0.79
C LEU A 18 -10.01 -6.62 -0.68
N ARG A 19 -10.76 -5.54 -0.90
CA ARG A 19 -11.13 -5.07 -2.25
C ARG A 19 -9.86 -4.77 -3.05
N LEU A 20 -8.92 -4.13 -2.40
CA LEU A 20 -7.70 -3.75 -3.06
C LEU A 20 -6.71 -4.92 -3.06
N LYS A 21 -6.67 -5.64 -1.95
CA LYS A 21 -5.77 -6.78 -1.76
C LYS A 21 -5.92 -7.82 -2.86
N THR A 22 -7.15 -8.21 -3.13
CA THR A 22 -7.42 -9.22 -4.12
C THR A 22 -7.08 -8.70 -5.52
N ALA A 23 -7.42 -7.44 -5.75
CA ALA A 23 -7.19 -6.77 -7.03
C ALA A 23 -5.70 -6.74 -7.37
N LEU A 24 -4.89 -6.39 -6.40
CA LEU A 24 -3.46 -6.33 -6.61
C LEU A 24 -2.89 -7.73 -6.79
N THR A 25 -3.34 -8.65 -5.97
CA THR A 25 -2.87 -10.02 -6.03
C THR A 25 -3.26 -10.69 -7.38
N ALA A 26 -4.44 -10.34 -7.89
CA ALA A 26 -4.90 -10.85 -9.19
C ALA A 26 -4.11 -10.22 -10.32
N ASN A 27 -3.61 -9.04 -10.07
CA ASN A 27 -2.80 -8.32 -11.05
C ASN A 27 -1.33 -8.61 -10.87
N ARG A 28 -1.04 -9.62 -10.04
CA ARG A 28 0.31 -10.15 -9.77
C ARG A 28 1.18 -9.11 -9.07
N ILE A 29 0.56 -8.18 -8.41
CA ILE A 29 1.26 -7.16 -7.69
C ILE A 29 1.52 -7.64 -6.26
N ALA A 30 2.73 -7.52 -5.81
CA ALA A 30 3.12 -7.93 -4.48
C ALA A 30 3.22 -6.71 -3.60
N TYR A 31 2.96 -6.89 -2.32
CA TYR A 31 2.98 -5.79 -1.39
C TYR A 31 3.44 -6.23 0.00
N ASP A 32 4.27 -5.42 0.62
CA ASP A 32 4.72 -5.69 1.97
C ASP A 32 3.69 -5.04 2.90
N GLU A 33 2.94 -5.82 3.63
CA GLU A 33 2.01 -5.28 4.61
C GLU A 33 2.77 -5.00 5.91
N VAL A 34 2.66 -3.79 6.39
CA VAL A 34 3.42 -3.32 7.53
C VAL A 34 2.89 -3.90 8.88
N ASP A 35 3.79 -3.96 9.86
CA ASP A 35 3.56 -4.48 11.22
C ASP A 35 2.63 -3.61 12.10
N ILE A 36 2.15 -2.50 11.53
CA ILE A 36 1.40 -1.41 12.26
C ILE A 36 0.32 -1.84 13.25
N GLU A 37 -0.26 -3.01 13.10
CA GLU A 37 -1.27 -3.43 14.05
C GLU A 37 -0.66 -3.70 15.42
N HIS A 38 0.60 -4.02 15.42
CA HIS A 38 1.34 -4.23 16.64
C HIS A 38 2.30 -3.06 16.82
N ASN A 39 2.95 -2.67 15.73
CA ASN A 39 3.93 -1.60 15.78
C ASN A 39 3.27 -0.25 15.75
N ARG A 40 3.21 0.38 16.89
CA ARG A 40 2.60 1.68 16.99
C ARG A 40 3.46 2.76 16.33
N ALA A 41 4.77 2.51 16.22
CA ALA A 41 5.67 3.50 15.66
C ALA A 41 5.39 3.81 14.20
N ALA A 42 5.05 2.79 13.43
CA ALA A 42 4.68 3.01 12.04
C ALA A 42 3.19 3.32 11.94
N ALA A 43 2.44 2.92 12.97
CA ALA A 43 1.00 3.12 13.01
C ALA A 43 0.65 4.60 13.10
N GLU A 44 1.48 5.36 13.79
CA GLU A 44 1.29 6.79 13.88
C GLU A 44 1.59 7.46 12.53
N PHE A 45 2.51 6.87 11.78
CA PHE A 45 2.87 7.39 10.45
C PHE A 45 1.69 7.25 9.50
N VAL A 46 0.91 6.19 9.69
CA VAL A 46 -0.31 5.95 8.90
C VAL A 46 -1.30 7.09 9.11
N GLY A 47 -1.28 7.65 10.31
CA GLY A 47 -2.12 8.76 10.62
C GLY A 47 -1.65 10.02 9.93
N SER A 48 -0.33 10.23 9.95
CA SER A 48 0.31 11.38 9.33
C SER A 48 0.00 11.49 7.83
N VAL A 49 0.00 10.36 7.13
CA VAL A 49 -0.24 10.36 5.69
C VAL A 49 -1.73 10.47 5.34
N ASN A 50 -2.58 10.39 6.33
CA ASN A 50 -4.01 10.50 6.11
C ASN A 50 -4.55 11.82 6.61
N GLY A 51 -4.30 12.13 7.85
CA GLY A 51 -4.76 13.37 8.41
C GLY A 51 -5.29 13.21 9.80
N GLY A 52 -6.55 12.89 9.89
CA GLY A 52 -7.18 12.76 11.17
C GLY A 52 -7.37 11.33 11.57
N ASN A 53 -7.79 10.51 10.64
CA ASN A 53 -8.05 9.11 10.92
C ASN A 53 -7.27 8.22 10.00
N ARG A 54 -6.91 7.07 10.50
CA ARG A 54 -6.15 6.10 9.77
C ARG A 54 -7.01 5.29 8.82
N THR A 55 -7.02 5.70 7.59
CA THR A 55 -7.69 4.97 6.55
C THR A 55 -6.84 3.76 6.21
N VAL A 56 -7.43 2.57 6.23
CA VAL A 56 -6.68 1.38 5.97
C VAL A 56 -5.94 1.13 4.75
N PRO A 57 -6.53 0.87 3.59
CA PRO A 57 -5.71 0.45 2.53
C PRO A 57 -4.96 1.62 1.82
N THR A 58 -3.92 2.04 2.44
CA THR A 58 -3.10 3.10 1.96
C THR A 58 -1.77 2.50 1.47
N VAL A 59 -1.48 2.70 0.22
CA VAL A 59 -0.30 2.15 -0.39
C VAL A 59 0.81 3.19 -0.40
N LYS A 60 2.02 2.74 -0.21
CA LYS A 60 3.17 3.58 -0.22
C LYS A 60 4.11 3.10 -1.29
N PHE A 61 4.53 3.99 -2.14
CA PHE A 61 5.44 3.67 -3.20
C PHE A 61 6.83 4.18 -2.82
N ALA A 62 7.87 3.49 -3.29
CA ALA A 62 9.27 3.86 -3.00
C ALA A 62 9.65 5.20 -3.64
N ASP A 63 8.78 5.66 -4.52
CA ASP A 63 8.92 6.93 -5.22
C ASP A 63 8.61 8.10 -4.28
N GLY A 64 8.00 7.77 -3.14
CA GLY A 64 7.67 8.74 -2.13
C GLY A 64 6.18 8.97 -2.05
N SER A 65 5.51 8.63 -3.10
CA SER A 65 4.10 8.80 -3.21
C SER A 65 3.33 7.82 -2.32
N THR A 66 2.29 8.32 -1.68
CA THR A 66 1.43 7.47 -0.90
C THR A 66 0.03 7.69 -1.45
N LEU A 67 -0.73 6.64 -1.60
CA LEU A 67 -2.08 6.73 -2.14
C LEU A 67 -3.06 6.02 -1.25
N THR A 68 -4.02 6.75 -0.74
CA THR A 68 -5.02 6.19 0.11
C THR A 68 -6.20 5.73 -0.73
N ASN A 69 -6.39 4.41 -0.76
CA ASN A 69 -7.53 3.78 -1.46
C ASN A 69 -7.60 4.14 -2.97
N PRO A 70 -6.72 3.58 -3.79
CA PRO A 70 -6.80 3.71 -5.22
C PRO A 70 -7.34 2.41 -5.85
N SER A 71 -7.63 2.43 -7.13
CA SER A 71 -8.01 1.22 -7.79
C SER A 71 -6.74 0.48 -8.21
N ALA A 72 -6.85 -0.79 -8.57
CA ALA A 72 -5.70 -1.61 -8.98
C ALA A 72 -5.01 -1.02 -10.20
N ASP A 73 -5.82 -0.41 -11.06
CA ASP A 73 -5.38 0.23 -12.31
C ASP A 73 -4.32 1.25 -12.01
N GLU A 74 -4.54 1.97 -10.93
CA GLU A 74 -3.69 3.06 -10.51
C GLU A 74 -2.37 2.51 -10.04
N VAL A 75 -2.46 1.58 -9.13
CA VAL A 75 -1.30 0.98 -8.52
C VAL A 75 -0.42 0.27 -9.55
N LYS A 76 -1.05 -0.40 -10.47
CA LYS A 76 -0.36 -1.16 -11.50
C LYS A 76 0.47 -0.24 -12.42
N ALA A 77 -0.07 0.92 -12.72
CA ALA A 77 0.62 1.87 -13.58
C ALA A 77 1.63 2.70 -12.80
N LYS A 78 1.45 2.79 -11.50
CA LYS A 78 2.39 3.50 -10.69
C LYS A 78 3.55 2.59 -10.30
N LEU A 79 3.24 1.32 -10.07
CA LEU A 79 4.24 0.31 -9.70
C LEU A 79 5.34 0.27 -10.75
N VAL A 80 4.93 0.26 -11.99
CA VAL A 80 5.85 0.19 -13.10
C VAL A 80 6.76 1.42 -13.20
N LYS A 81 6.21 2.61 -12.96
CA LYS A 81 7.01 3.83 -13.08
C LYS A 81 7.93 4.03 -11.87
N ILE A 82 7.56 3.44 -10.73
CA ILE A 82 8.38 3.58 -9.56
C ILE A 82 9.52 2.57 -9.57
N ALA A 83 9.30 1.47 -10.27
CA ALA A 83 10.31 0.46 -10.46
C ALA A 83 11.34 0.94 -11.47
N GLY A 84 10.90 1.78 -12.37
CA GLY A 84 11.78 2.34 -13.35
C GLY A 84 11.09 2.50 -14.67
N LEU A 85 11.65 1.89 -15.68
CA LEU A 85 11.14 1.95 -17.04
C LEU A 85 11.00 0.54 -17.52
N GLU A 86 10.75 -0.30 -16.54
CA GLU A 86 10.71 -1.73 -16.70
C GLU A 86 9.39 -2.15 -17.33
N HIS A 87 8.31 -1.78 -16.67
CA HIS A 87 6.94 -2.09 -17.06
C HIS A 87 6.72 -3.61 -17.16
N HIS A 88 6.51 -4.23 -16.03
CA HIS A 88 6.24 -5.65 -15.98
C HIS A 88 4.83 -5.88 -15.47
N MET A 1 16.66 -7.57 0.44
CA MET A 1 15.77 -7.02 1.45
C MET A 1 14.80 -6.06 0.81
N VAL A 2 13.79 -5.61 1.58
CA VAL A 2 12.68 -4.77 1.08
C VAL A 2 11.79 -5.59 0.12
N THR A 3 12.33 -5.88 -1.07
CA THR A 3 11.72 -6.73 -2.09
C THR A 3 10.51 -6.08 -2.81
N ALA A 4 9.59 -5.53 -2.06
CA ALA A 4 8.40 -4.93 -2.63
C ALA A 4 8.56 -3.42 -2.72
N ALA A 5 7.97 -2.84 -3.74
CA ALA A 5 8.00 -1.41 -3.93
C ALA A 5 6.78 -0.78 -3.26
N LEU A 6 5.76 -1.59 -3.07
CA LEU A 6 4.54 -1.17 -2.41
C LEU A 6 4.60 -1.50 -0.94
N THR A 7 4.33 -0.53 -0.15
CA THR A 7 4.18 -0.74 1.26
C THR A 7 2.75 -0.36 1.60
N ILE A 8 1.93 -1.33 1.89
CA ILE A 8 0.52 -1.11 2.12
C ILE A 8 0.20 -1.27 3.57
N TYR A 9 -0.55 -0.36 4.08
CA TYR A 9 -0.94 -0.40 5.44
C TYR A 9 -2.20 -1.26 5.57
N THR A 10 -2.13 -2.28 6.42
CA THR A 10 -3.24 -3.19 6.59
C THR A 10 -3.42 -3.55 8.07
N THR A 11 -4.39 -4.38 8.32
CA THR A 11 -4.65 -4.94 9.61
C THR A 11 -5.01 -6.38 9.32
N SER A 12 -4.78 -7.26 10.27
CA SER A 12 -5.15 -8.66 10.15
C SER A 12 -6.61 -8.80 9.69
N TRP A 13 -7.49 -7.99 10.26
CA TRP A 13 -8.86 -7.95 9.84
C TRP A 13 -9.14 -6.61 9.16
N CYS A 14 -9.72 -6.66 7.99
CA CYS A 14 -10.16 -5.46 7.31
C CYS A 14 -11.11 -5.86 6.20
N GLY A 15 -12.12 -5.06 5.98
CA GLY A 15 -13.06 -5.33 4.94
C GLY A 15 -12.73 -4.55 3.69
N TYR A 16 -12.51 -3.27 3.86
CA TYR A 16 -12.26 -2.37 2.76
C TYR A 16 -10.86 -2.57 2.17
N CYS A 17 -9.90 -2.90 3.01
CA CYS A 17 -8.52 -3.12 2.56
C CYS A 17 -8.46 -4.29 1.59
N LEU A 18 -9.28 -5.31 1.86
CA LEU A 18 -9.28 -6.55 1.11
C LEU A 18 -9.73 -6.33 -0.34
N ARG A 19 -10.55 -5.29 -0.55
CA ARG A 19 -11.06 -4.90 -1.88
C ARG A 19 -9.89 -4.68 -2.84
N LEU A 20 -8.97 -3.85 -2.42
CA LEU A 20 -7.83 -3.48 -3.23
C LEU A 20 -6.77 -4.58 -3.15
N LYS A 21 -6.62 -5.15 -1.98
CA LYS A 21 -5.61 -6.17 -1.68
C LYS A 21 -5.76 -7.38 -2.61
N THR A 22 -6.99 -7.82 -2.81
CA THR A 22 -7.26 -8.98 -3.64
C THR A 22 -7.04 -8.63 -5.14
N ALA A 23 -7.31 -7.38 -5.49
CA ALA A 23 -7.16 -6.90 -6.87
C ALA A 23 -5.69 -6.92 -7.26
N LEU A 24 -4.87 -6.41 -6.36
CA LEU A 24 -3.44 -6.33 -6.60
C LEU A 24 -2.84 -7.72 -6.73
N THR A 25 -3.25 -8.61 -5.85
CA THR A 25 -2.77 -9.98 -5.87
C THR A 25 -3.16 -10.68 -7.20
N ALA A 26 -4.35 -10.37 -7.69
CA ALA A 26 -4.85 -10.95 -8.94
C ALA A 26 -4.16 -10.32 -10.16
N ASN A 27 -3.59 -9.16 -9.96
CA ASN A 27 -2.91 -8.43 -11.03
C ASN A 27 -1.41 -8.68 -10.97
N ARG A 28 -1.01 -9.66 -10.15
CA ARG A 28 0.41 -10.04 -9.95
C ARG A 28 1.22 -8.91 -9.32
N ILE A 29 0.56 -8.05 -8.59
CA ILE A 29 1.22 -6.93 -7.94
C ILE A 29 1.65 -7.34 -6.54
N ALA A 30 2.95 -7.28 -6.29
CA ALA A 30 3.48 -7.63 -4.99
C ALA A 30 3.45 -6.42 -4.09
N TYR A 31 3.23 -6.63 -2.83
CA TYR A 31 3.12 -5.56 -1.88
C TYR A 31 3.53 -6.05 -0.52
N ASP A 32 4.08 -5.18 0.26
CA ASP A 32 4.46 -5.54 1.60
C ASP A 32 3.53 -4.82 2.54
N GLU A 33 2.75 -5.56 3.28
CA GLU A 33 1.81 -4.96 4.19
C GLU A 33 2.46 -4.70 5.55
N VAL A 34 2.04 -3.64 6.20
CA VAL A 34 2.70 -3.17 7.41
C VAL A 34 2.09 -3.78 8.70
N ASP A 35 2.94 -3.88 9.70
CA ASP A 35 2.72 -4.44 11.04
C ASP A 35 1.95 -3.48 12.01
N ILE A 36 1.54 -2.29 11.49
CA ILE A 36 1.01 -1.12 12.32
C ILE A 36 0.01 -1.45 13.45
N GLU A 37 -0.66 -2.57 13.40
CA GLU A 37 -1.60 -2.90 14.47
C GLU A 37 -0.82 -3.33 15.72
N HIS A 38 0.39 -3.76 15.48
CA HIS A 38 1.30 -4.21 16.49
C HIS A 38 2.45 -3.19 16.63
N ASN A 39 2.85 -2.59 15.51
CA ASN A 39 3.94 -1.60 15.51
C ASN A 39 3.37 -0.20 15.69
N ARG A 40 3.69 0.42 16.81
CA ARG A 40 3.19 1.77 17.09
C ARG A 40 3.85 2.82 16.20
N ALA A 41 5.10 2.58 15.81
CA ALA A 41 5.86 3.57 15.07
C ALA A 41 5.30 3.83 13.67
N ALA A 42 5.00 2.79 12.94
CA ALA A 42 4.45 2.98 11.60
C ALA A 42 2.99 3.39 11.69
N ALA A 43 2.33 3.01 12.78
CA ALA A 43 0.93 3.38 13.01
C ALA A 43 0.84 4.89 13.20
N GLU A 44 1.79 5.41 13.97
CA GLU A 44 1.95 6.83 14.22
C GLU A 44 2.17 7.56 12.90
N PHE A 45 2.95 6.94 12.02
CA PHE A 45 3.28 7.48 10.72
C PHE A 45 2.03 7.59 9.82
N VAL A 46 1.08 6.66 10.01
CA VAL A 46 -0.18 6.68 9.23
C VAL A 46 -0.93 7.99 9.51
N GLY A 47 -0.80 8.47 10.74
CA GLY A 47 -1.43 9.71 11.15
C GLY A 47 -0.87 10.92 10.41
N SER A 48 0.29 10.77 9.83
CA SER A 48 0.90 11.85 9.10
C SER A 48 0.31 11.95 7.69
N VAL A 49 -0.18 10.83 7.16
CA VAL A 49 -0.71 10.85 5.80
C VAL A 49 -2.24 10.95 5.77
N ASN A 50 -2.89 10.55 6.83
CA ASN A 50 -4.34 10.70 6.94
C ASN A 50 -4.73 10.91 8.38
N GLY A 51 -5.85 11.57 8.60
CA GLY A 51 -6.29 11.86 9.93
C GLY A 51 -7.80 11.78 10.04
N GLY A 52 -8.31 11.82 11.24
CA GLY A 52 -9.73 11.71 11.46
C GLY A 52 -10.11 10.26 11.53
N ASN A 53 -10.30 9.67 10.38
CA ASN A 53 -10.54 8.26 10.26
C ASN A 53 -9.28 7.65 9.76
N ARG A 54 -8.75 6.68 10.48
CA ARG A 54 -7.55 6.04 10.04
C ARG A 54 -7.80 5.25 8.78
N THR A 55 -7.33 5.79 7.70
CA THR A 55 -7.46 5.17 6.44
C THR A 55 -6.43 4.08 6.37
N VAL A 56 -6.87 2.86 6.38
CA VAL A 56 -5.95 1.76 6.44
C VAL A 56 -5.29 1.50 5.14
N PRO A 57 -6.05 1.20 3.98
CA PRO A 57 -5.43 0.69 2.77
C PRO A 57 -4.61 1.76 1.98
N THR A 58 -3.86 2.47 2.71
CA THR A 58 -3.00 3.47 2.26
C THR A 58 -1.73 2.78 1.75
N VAL A 59 -1.21 3.23 0.65
CA VAL A 59 -0.05 2.63 0.08
C VAL A 59 1.06 3.65 -0.08
N LYS A 60 2.24 3.26 0.27
CA LYS A 60 3.41 4.07 0.09
C LYS A 60 4.31 3.38 -0.90
N PHE A 61 4.74 4.10 -1.87
CA PHE A 61 5.62 3.59 -2.88
C PHE A 61 7.05 3.99 -2.58
N ALA A 62 7.99 3.17 -3.02
CA ALA A 62 9.42 3.35 -2.78
C ALA A 62 10.00 4.62 -3.41
N ASP A 63 9.22 5.29 -4.24
CA ASP A 63 9.65 6.53 -4.89
C ASP A 63 9.28 7.73 -4.01
N GLY A 64 8.43 7.48 -3.03
CA GLY A 64 8.01 8.53 -2.14
C GLY A 64 6.56 8.93 -2.35
N SER A 65 5.88 8.25 -3.24
CA SER A 65 4.49 8.53 -3.46
C SER A 65 3.63 7.82 -2.42
N THR A 66 2.73 8.53 -1.81
CA THR A 66 1.76 7.91 -0.96
C THR A 66 0.41 8.10 -1.61
N LEU A 67 -0.39 7.08 -1.59
CA LEU A 67 -1.70 7.12 -2.18
C LEU A 67 -2.72 6.65 -1.18
N THR A 68 -3.60 7.53 -0.81
CA THR A 68 -4.62 7.25 0.16
C THR A 68 -5.92 6.87 -0.57
N ASN A 69 -6.31 5.60 -0.45
CA ASN A 69 -7.47 5.01 -1.17
C ASN A 69 -7.38 5.19 -2.70
N PRO A 70 -6.45 4.50 -3.35
CA PRO A 70 -6.35 4.53 -4.79
C PRO A 70 -7.08 3.35 -5.44
N SER A 71 -7.17 3.37 -6.74
CA SER A 71 -7.69 2.26 -7.46
C SER A 71 -6.51 1.39 -7.87
N ALA A 72 -6.76 0.14 -8.21
CA ALA A 72 -5.72 -0.78 -8.65
C ALA A 72 -5.03 -0.24 -9.90
N ASP A 73 -5.78 0.53 -10.67
CA ASP A 73 -5.31 1.19 -11.89
C ASP A 73 -4.12 2.07 -11.59
N GLU A 74 -4.28 2.88 -10.55
CA GLU A 74 -3.29 3.84 -10.12
C GLU A 74 -2.06 3.13 -9.60
N VAL A 75 -2.29 2.09 -8.84
CA VAL A 75 -1.23 1.29 -8.26
C VAL A 75 -0.38 0.66 -9.36
N LYS A 76 -1.06 0.03 -10.30
CA LYS A 76 -0.41 -0.63 -11.42
C LYS A 76 0.37 0.38 -12.26
N ALA A 77 -0.24 1.54 -12.51
CA ALA A 77 0.39 2.60 -13.31
C ALA A 77 1.60 3.20 -12.60
N LYS A 78 1.50 3.36 -11.28
CA LYS A 78 2.60 3.87 -10.48
C LYS A 78 3.73 2.86 -10.49
N LEU A 79 3.38 1.59 -10.30
CA LEU A 79 4.36 0.53 -10.21
C LEU A 79 5.18 0.44 -11.49
N VAL A 80 4.50 0.42 -12.62
CA VAL A 80 5.18 0.29 -13.91
C VAL A 80 6.04 1.50 -14.25
N LYS A 81 5.67 2.68 -13.78
CA LYS A 81 6.45 3.86 -14.11
C LYS A 81 7.69 3.96 -13.24
N ILE A 82 7.59 3.51 -11.98
CA ILE A 82 8.72 3.59 -11.09
C ILE A 82 9.67 2.41 -11.28
N ALA A 83 9.15 1.32 -11.80
CA ALA A 83 9.97 0.18 -12.10
C ALA A 83 10.60 0.36 -13.48
N GLY A 84 9.87 1.03 -14.36
CA GLY A 84 10.34 1.29 -15.69
C GLY A 84 10.05 0.12 -16.61
N LEU A 85 10.63 -0.99 -16.26
CA LEU A 85 10.49 -2.23 -16.99
C LEU A 85 10.24 -3.31 -15.95
N GLU A 86 10.62 -4.54 -16.25
CA GLU A 86 10.51 -5.71 -15.35
C GLU A 86 9.06 -6.12 -15.15
N HIS A 87 8.32 -5.34 -14.37
CA HIS A 87 6.91 -5.63 -14.13
C HIS A 87 6.12 -5.13 -15.33
N HIS A 88 6.71 -4.15 -15.96
CA HIS A 88 6.20 -3.55 -17.15
C HIS A 88 6.82 -4.27 -18.32
N MET A 1 8.27 -2.74 0.57
CA MET A 1 9.52 -2.07 0.91
C MET A 1 10.64 -2.31 -0.12
N VAL A 2 11.36 -3.40 0.01
CA VAL A 2 12.48 -3.70 -0.88
C VAL A 2 12.26 -5.07 -1.48
N THR A 3 11.86 -5.97 -0.63
CA THR A 3 11.55 -7.33 -0.97
C THR A 3 10.49 -7.35 -2.08
N ALA A 4 9.51 -6.50 -1.94
CA ALA A 4 8.61 -6.21 -2.98
C ALA A 4 8.68 -4.71 -3.19
N ALA A 5 8.48 -4.29 -4.42
CA ALA A 5 8.64 -2.88 -4.80
C ALA A 5 7.65 -1.95 -4.09
N LEU A 6 6.55 -2.47 -3.59
CA LEU A 6 5.54 -1.64 -3.02
C LEU A 6 5.44 -1.80 -1.50
N THR A 7 5.01 -0.76 -0.83
CA THR A 7 4.79 -0.77 0.61
C THR A 7 3.33 -0.42 0.88
N ILE A 8 2.61 -1.31 1.52
CA ILE A 8 1.22 -1.07 1.85
C ILE A 8 1.00 -1.14 3.34
N TYR A 9 0.32 -0.17 3.85
CA TYR A 9 -0.07 -0.14 5.23
C TYR A 9 -1.49 -0.69 5.31
N THR A 10 -1.71 -1.69 6.17
CA THR A 10 -3.03 -2.31 6.32
C THR A 10 -3.23 -2.85 7.73
N THR A 11 -4.42 -3.37 7.96
CA THR A 11 -4.77 -4.03 9.17
C THR A 11 -5.47 -5.33 8.74
N SER A 12 -5.36 -6.41 9.53
CA SER A 12 -6.00 -7.68 9.15
C SER A 12 -7.51 -7.51 9.25
N TRP A 13 -7.91 -6.65 10.14
CA TRP A 13 -9.24 -6.22 10.29
C TRP A 13 -9.45 -5.06 9.28
N CYS A 14 -10.09 -5.41 8.19
CA CYS A 14 -10.42 -4.51 7.10
C CYS A 14 -11.47 -5.15 6.22
N GLY A 15 -12.17 -4.34 5.47
CA GLY A 15 -12.99 -4.84 4.40
C GLY A 15 -12.46 -4.29 3.10
N TYR A 16 -12.51 -2.99 3.00
CA TYR A 16 -12.00 -2.21 1.87
C TYR A 16 -10.50 -2.47 1.58
N CYS A 17 -9.72 -2.79 2.62
CA CYS A 17 -8.31 -3.11 2.42
C CYS A 17 -8.20 -4.41 1.64
N LEU A 18 -9.02 -5.39 2.03
CA LEU A 18 -8.99 -6.73 1.45
C LEU A 18 -9.35 -6.69 -0.01
N ARG A 19 -10.38 -5.90 -0.32
CA ARG A 19 -10.87 -5.75 -1.68
C ARG A 19 -9.77 -5.24 -2.61
N LEU A 20 -8.97 -4.31 -2.13
CA LEU A 20 -7.86 -3.79 -2.90
C LEU A 20 -6.70 -4.79 -2.90
N LYS A 21 -6.41 -5.31 -1.73
CA LYS A 21 -5.30 -6.24 -1.51
C LYS A 21 -5.42 -7.50 -2.40
N THR A 22 -6.61 -8.07 -2.49
CA THR A 22 -6.80 -9.22 -3.34
C THR A 22 -6.75 -8.81 -4.83
N ALA A 23 -7.18 -7.58 -5.12
CA ALA A 23 -7.16 -7.05 -6.48
C ALA A 23 -5.73 -6.94 -6.95
N LEU A 24 -4.90 -6.41 -6.07
CA LEU A 24 -3.49 -6.24 -6.35
C LEU A 24 -2.83 -7.60 -6.56
N THR A 25 -3.20 -8.56 -5.75
CA THR A 25 -2.65 -9.89 -5.87
C THR A 25 -3.15 -10.57 -7.18
N ALA A 26 -4.37 -10.26 -7.59
CA ALA A 26 -4.97 -10.81 -8.80
C ALA A 26 -4.35 -10.21 -10.04
N ASN A 27 -4.12 -8.95 -9.99
CA ASN A 27 -3.65 -8.16 -11.11
C ASN A 27 -2.12 -8.08 -11.15
N ARG A 28 -1.49 -9.01 -10.43
CA ARG A 28 -0.04 -9.14 -10.34
C ARG A 28 0.65 -7.86 -9.90
N ILE A 29 0.37 -7.47 -8.72
CA ILE A 29 1.02 -6.36 -8.11
C ILE A 29 1.71 -6.86 -6.86
N ALA A 30 2.99 -6.63 -6.78
CA ALA A 30 3.78 -7.10 -5.67
C ALA A 30 3.88 -6.04 -4.61
N TYR A 31 3.70 -6.42 -3.37
CA TYR A 31 3.69 -5.47 -2.27
C TYR A 31 4.06 -6.13 -0.95
N ASP A 32 4.65 -5.36 -0.07
CA ASP A 32 4.91 -5.81 1.29
C ASP A 32 3.98 -5.03 2.17
N GLU A 33 3.34 -5.66 3.11
CA GLU A 33 2.46 -4.93 4.00
C GLU A 33 3.15 -4.71 5.34
N VAL A 34 2.92 -3.57 5.92
CA VAL A 34 3.60 -3.16 7.13
C VAL A 34 2.92 -3.73 8.41
N ASP A 35 3.71 -3.85 9.46
CA ASP A 35 3.35 -4.48 10.77
C ASP A 35 2.39 -3.62 11.60
N ILE A 36 2.04 -2.43 11.09
CA ILE A 36 1.33 -1.35 11.86
C ILE A 36 0.16 -1.78 12.77
N GLU A 37 -0.49 -2.90 12.49
CA GLU A 37 -1.55 -3.37 13.37
C GLU A 37 -0.96 -3.70 14.76
N HIS A 38 0.20 -4.30 14.73
CA HIS A 38 0.90 -4.69 15.92
C HIS A 38 1.91 -3.61 16.28
N ASN A 39 2.59 -3.08 15.29
CA ASN A 39 3.60 -2.07 15.54
C ASN A 39 3.00 -0.69 15.60
N ARG A 40 3.00 -0.14 16.78
CA ARG A 40 2.46 1.17 17.02
C ARG A 40 3.39 2.27 16.52
N ALA A 41 4.66 1.93 16.28
CA ALA A 41 5.62 2.93 15.88
C ALA A 41 5.48 3.37 14.44
N ALA A 42 5.29 2.43 13.53
CA ALA A 42 5.08 2.78 12.13
C ALA A 42 3.63 3.19 11.91
N ALA A 43 2.76 2.72 12.80
CA ALA A 43 1.34 3.02 12.73
C ALA A 43 1.11 4.50 12.95
N GLU A 44 2.01 5.12 13.68
CA GLU A 44 1.94 6.52 14.00
C GLU A 44 2.05 7.36 12.72
N PHE A 45 2.84 6.86 11.75
CA PHE A 45 3.00 7.54 10.47
C PHE A 45 1.70 7.50 9.69
N VAL A 46 0.99 6.40 9.82
CA VAL A 46 -0.28 6.20 9.12
C VAL A 46 -1.31 7.20 9.64
N GLY A 47 -1.37 7.34 10.95
CA GLY A 47 -2.29 8.29 11.56
C GLY A 47 -1.87 9.73 11.29
N SER A 48 -0.61 9.90 10.97
CA SER A 48 -0.05 11.20 10.70
C SER A 48 -0.34 11.64 9.25
N VAL A 49 -0.21 10.71 8.31
CA VAL A 49 -0.40 11.02 6.91
C VAL A 49 -1.89 11.03 6.51
N ASN A 50 -2.68 10.21 7.16
CA ASN A 50 -4.11 10.13 6.87
C ASN A 50 -4.88 10.99 7.85
N GLY A 51 -5.84 11.72 7.34
CA GLY A 51 -6.56 12.66 8.14
C GLY A 51 -7.84 12.10 8.73
N GLY A 52 -8.05 12.41 9.99
CA GLY A 52 -9.23 11.99 10.68
C GLY A 52 -9.12 10.61 11.25
N ASN A 53 -9.46 9.64 10.45
CA ASN A 53 -9.44 8.24 10.87
C ASN A 53 -8.11 7.66 10.47
N ARG A 54 -7.73 6.54 11.05
CA ARG A 54 -6.54 5.89 10.58
C ARG A 54 -6.94 5.02 9.42
N THR A 55 -7.02 5.63 8.28
CA THR A 55 -7.37 4.95 7.07
C THR A 55 -6.35 3.87 6.80
N VAL A 56 -6.81 2.66 6.58
CA VAL A 56 -5.92 1.61 6.29
C VAL A 56 -5.15 1.51 5.08
N PRO A 57 -5.72 1.14 3.93
CA PRO A 57 -4.89 0.80 2.85
C PRO A 57 -4.23 2.04 2.21
N THR A 58 -3.11 2.35 2.73
CA THR A 58 -2.35 3.45 2.34
C THR A 58 -1.09 2.90 1.73
N VAL A 59 -0.91 3.16 0.49
CA VAL A 59 0.21 2.63 -0.22
C VAL A 59 1.29 3.70 -0.38
N LYS A 60 2.51 3.29 -0.22
CA LYS A 60 3.63 4.17 -0.33
C LYS A 60 4.46 3.73 -1.51
N PHE A 61 4.65 4.61 -2.46
CA PHE A 61 5.43 4.30 -3.64
C PHE A 61 6.81 4.91 -3.50
N ALA A 62 7.77 4.33 -4.22
CA ALA A 62 9.16 4.83 -4.27
C ALA A 62 9.20 6.22 -4.95
N ASP A 63 8.06 6.59 -5.53
CA ASP A 63 7.83 7.89 -6.16
C ASP A 63 7.89 9.00 -5.10
N GLY A 64 7.75 8.61 -3.84
CA GLY A 64 7.83 9.55 -2.75
C GLY A 64 6.49 10.08 -2.33
N SER A 65 5.45 9.40 -2.71
CA SER A 65 4.12 9.82 -2.40
C SER A 65 3.32 8.64 -1.88
N THR A 66 2.32 8.93 -1.09
CA THR A 66 1.45 7.94 -0.54
C THR A 66 0.04 8.14 -1.12
N LEU A 67 -0.62 7.06 -1.44
CA LEU A 67 -1.97 7.12 -1.96
C LEU A 67 -2.91 6.37 -1.02
N THR A 68 -3.92 7.05 -0.57
CA THR A 68 -4.88 6.49 0.35
C THR A 68 -6.12 6.01 -0.44
N ASN A 69 -6.32 4.69 -0.46
CA ASN A 69 -7.34 4.00 -1.30
C ASN A 69 -7.23 4.36 -2.78
N PRO A 70 -6.17 3.93 -3.46
CA PRO A 70 -6.07 4.10 -4.90
C PRO A 70 -6.78 2.94 -5.60
N SER A 71 -7.03 3.08 -6.86
CA SER A 71 -7.63 2.03 -7.62
C SER A 71 -6.51 1.07 -8.09
N ALA A 72 -6.88 -0.16 -8.44
CA ALA A 72 -5.93 -1.18 -8.86
C ALA A 72 -5.07 -0.72 -10.03
N ASP A 73 -5.73 -0.09 -11.01
CA ASP A 73 -5.04 0.45 -12.20
C ASP A 73 -3.98 1.45 -11.81
N GLU A 74 -4.35 2.29 -10.86
CA GLU A 74 -3.46 3.32 -10.34
C GLU A 74 -2.23 2.72 -9.71
N VAL A 75 -2.43 1.68 -8.94
CA VAL A 75 -1.34 1.04 -8.24
C VAL A 75 -0.39 0.37 -9.24
N LYS A 76 -0.96 -0.36 -10.19
CA LYS A 76 -0.19 -1.11 -11.18
C LYS A 76 0.64 -0.15 -12.05
N ALA A 77 0.03 0.95 -12.47
CA ALA A 77 0.70 1.92 -13.33
C ALA A 77 1.75 2.70 -12.56
N LYS A 78 1.49 2.98 -11.31
CA LYS A 78 2.48 3.68 -10.51
C LYS A 78 3.61 2.74 -10.14
N LEU A 79 3.29 1.46 -10.00
CA LEU A 79 4.27 0.43 -9.66
C LEU A 79 5.30 0.33 -10.78
N VAL A 80 4.81 0.23 -12.00
CA VAL A 80 5.68 0.05 -13.14
C VAL A 80 6.60 1.23 -13.38
N LYS A 81 6.15 2.43 -13.03
CA LYS A 81 6.98 3.60 -13.23
C LYS A 81 8.01 3.74 -12.12
N ILE A 82 7.72 3.19 -10.95
CA ILE A 82 8.65 3.28 -9.85
C ILE A 82 9.69 2.17 -9.91
N ALA A 83 9.29 1.02 -10.43
CA ALA A 83 10.19 -0.09 -10.61
C ALA A 83 11.02 0.14 -11.87
N GLY A 84 10.35 0.21 -13.00
CA GLY A 84 11.03 0.46 -14.24
C GLY A 84 10.86 -0.63 -15.24
N LEU A 85 11.94 -1.36 -15.48
CA LEU A 85 11.98 -2.42 -16.48
C LEU A 85 11.09 -3.58 -16.06
N GLU A 86 11.17 -3.96 -14.81
CA GLU A 86 10.37 -5.04 -14.28
C GLU A 86 8.95 -4.59 -14.03
N HIS A 87 8.11 -4.90 -14.98
CA HIS A 87 6.73 -4.57 -14.91
C HIS A 87 5.95 -5.78 -14.43
N HIS A 88 5.15 -5.55 -13.44
CA HIS A 88 4.33 -6.58 -12.90
C HIS A 88 2.97 -6.50 -13.55
N MET A 1 13.16 -10.71 -3.27
CA MET A 1 12.93 -9.32 -2.90
C MET A 1 12.04 -9.25 -1.69
N VAL A 2 12.56 -8.80 -0.58
CA VAL A 2 11.74 -8.59 0.61
C VAL A 2 11.39 -7.09 0.67
N THR A 3 12.08 -6.33 -0.17
CA THR A 3 11.88 -4.93 -0.29
C THR A 3 10.53 -4.65 -0.95
N ALA A 4 9.74 -3.89 -0.27
CA ALA A 4 8.41 -3.57 -0.72
C ALA A 4 8.43 -2.44 -1.72
N ALA A 5 8.00 -2.73 -2.92
CA ALA A 5 7.80 -1.71 -3.92
C ALA A 5 6.53 -0.96 -3.56
N LEU A 6 5.60 -1.70 -2.98
CA LEU A 6 4.38 -1.15 -2.47
C LEU A 6 4.33 -1.43 -1.01
N THR A 7 4.29 -0.40 -0.22
CA THR A 7 4.19 -0.58 1.19
C THR A 7 2.74 -0.30 1.57
N ILE A 8 2.00 -1.32 1.91
CA ILE A 8 0.60 -1.17 2.22
C ILE A 8 0.37 -1.34 3.70
N TYR A 9 -0.39 -0.46 4.24
CA TYR A 9 -0.72 -0.47 5.63
C TYR A 9 -1.99 -1.27 5.83
N THR A 10 -1.93 -2.34 6.63
CA THR A 10 -3.09 -3.18 6.91
C THR A 10 -3.12 -3.61 8.38
N THR A 11 -4.29 -4.06 8.83
CA THR A 11 -4.56 -4.52 10.20
C THR A 11 -5.75 -5.47 10.15
N SER A 12 -6.21 -5.93 11.30
CA SER A 12 -7.44 -6.70 11.38
C SER A 12 -8.66 -5.77 11.26
N TRP A 13 -8.42 -4.46 11.32
CA TRP A 13 -9.47 -3.44 11.21
C TRP A 13 -9.72 -3.21 9.71
N CYS A 14 -9.79 -4.28 8.98
CA CYS A 14 -9.73 -4.24 7.57
C CYS A 14 -10.79 -5.09 6.89
N GLY A 15 -11.53 -4.46 6.01
CA GLY A 15 -12.44 -5.17 5.15
C GLY A 15 -12.21 -4.78 3.70
N TYR A 16 -12.57 -3.54 3.38
CA TYR A 16 -12.44 -2.98 2.02
C TYR A 16 -10.97 -2.93 1.51
N CYS A 17 -10.02 -3.01 2.41
CA CYS A 17 -8.60 -3.03 2.04
C CYS A 17 -8.24 -4.36 1.38
N LEU A 18 -8.89 -5.43 1.83
CA LEU A 18 -8.64 -6.77 1.34
C LEU A 18 -9.05 -6.87 -0.10
N ARG A 19 -10.15 -6.19 -0.42
CA ARG A 19 -10.70 -6.12 -1.78
C ARG A 19 -9.62 -5.67 -2.76
N LEU A 20 -8.93 -4.62 -2.39
CA LEU A 20 -7.91 -4.04 -3.23
C LEU A 20 -6.65 -4.89 -3.25
N LYS A 21 -6.20 -5.35 -2.09
CA LYS A 21 -4.94 -6.03 -2.03
C LYS A 21 -5.01 -7.43 -2.68
N THR A 22 -6.19 -8.04 -2.69
CA THR A 22 -6.35 -9.31 -3.37
C THR A 22 -6.40 -9.10 -4.88
N ALA A 23 -6.87 -7.92 -5.30
CA ALA A 23 -6.86 -7.54 -6.71
C ALA A 23 -5.45 -7.40 -7.18
N LEU A 24 -4.63 -6.79 -6.34
CA LEU A 24 -3.23 -6.62 -6.61
C LEU A 24 -2.55 -7.99 -6.70
N THR A 25 -2.82 -8.84 -5.71
CA THR A 25 -2.26 -10.19 -5.67
C THR A 25 -2.63 -10.98 -6.94
N ALA A 26 -3.90 -10.93 -7.33
CA ALA A 26 -4.41 -11.64 -8.51
C ALA A 26 -3.77 -11.13 -9.80
N ASN A 27 -3.33 -9.91 -9.77
CA ASN A 27 -2.72 -9.29 -10.93
C ASN A 27 -1.21 -9.38 -10.89
N ARG A 28 -0.69 -10.15 -9.92
CA ARG A 28 0.75 -10.37 -9.72
C ARG A 28 1.48 -9.11 -9.29
N ILE A 29 0.76 -8.21 -8.71
CA ILE A 29 1.32 -7.01 -8.19
C ILE A 29 1.87 -7.31 -6.81
N ALA A 30 3.14 -7.10 -6.64
CA ALA A 30 3.80 -7.42 -5.40
C ALA A 30 3.71 -6.27 -4.41
N TYR A 31 3.25 -6.57 -3.22
CA TYR A 31 3.12 -5.57 -2.18
C TYR A 31 3.54 -6.18 -0.86
N ASP A 32 3.69 -5.36 0.13
CA ASP A 32 3.99 -5.84 1.46
C ASP A 32 3.14 -5.10 2.46
N GLU A 33 2.70 -5.80 3.46
CA GLU A 33 1.81 -5.24 4.46
C GLU A 33 2.56 -4.96 5.77
N VAL A 34 2.38 -3.77 6.30
CA VAL A 34 3.14 -3.28 7.47
C VAL A 34 2.65 -3.84 8.83
N ASP A 35 3.64 -4.09 9.70
CA ASP A 35 3.53 -4.63 11.10
C ASP A 35 2.68 -3.78 12.06
N ILE A 36 2.14 -2.66 11.60
CA ILE A 36 1.49 -1.61 12.46
C ILE A 36 0.55 -2.10 13.58
N GLU A 37 -0.05 -3.26 13.44
CA GLU A 37 -0.95 -3.74 14.47
C GLU A 37 -0.14 -4.12 15.72
N HIS A 38 1.11 -4.45 15.50
CA HIS A 38 2.02 -4.83 16.55
C HIS A 38 2.88 -3.64 16.95
N ASN A 39 3.25 -2.81 16.00
CA ASN A 39 4.07 -1.65 16.30
C ASN A 39 3.32 -0.34 16.10
N ARG A 40 3.18 0.40 17.17
CA ARG A 40 2.40 1.63 17.18
C ARG A 40 3.11 2.78 16.51
N ALA A 41 4.42 2.67 16.37
CA ALA A 41 5.19 3.74 15.75
C ALA A 41 4.76 3.98 14.32
N ALA A 42 4.74 2.95 13.52
CA ALA A 42 4.28 3.07 12.16
C ALA A 42 2.75 3.25 12.10
N ALA A 43 2.06 2.85 13.16
CA ALA A 43 0.60 2.97 13.22
C ALA A 43 0.19 4.43 13.32
N GLU A 44 0.98 5.22 14.02
CA GLU A 44 0.72 6.64 14.15
C GLU A 44 1.06 7.36 12.85
N PHE A 45 2.02 6.80 12.12
CA PHE A 45 2.45 7.35 10.83
C PHE A 45 1.31 7.26 9.82
N VAL A 46 0.46 6.24 10.00
CA VAL A 46 -0.71 6.04 9.17
C VAL A 46 -1.68 7.23 9.33
N GLY A 47 -1.68 7.82 10.51
CA GLY A 47 -2.53 8.96 10.77
C GLY A 47 -2.04 10.17 10.02
N SER A 48 -0.74 10.36 10.04
CA SER A 48 -0.09 11.48 9.39
C SER A 48 -0.23 11.43 7.84
N VAL A 49 -0.35 10.22 7.27
CA VAL A 49 -0.50 10.11 5.82
C VAL A 49 -1.96 10.26 5.38
N ASN A 50 -2.85 10.38 6.35
CA ASN A 50 -4.25 10.62 6.09
C ASN A 50 -4.59 12.04 6.39
N GLY A 51 -4.25 12.47 7.59
CA GLY A 51 -4.52 13.82 8.01
C GLY A 51 -4.88 13.87 9.48
N GLY A 52 -5.63 12.88 9.91
CA GLY A 52 -6.05 12.83 11.27
C GLY A 52 -6.62 11.48 11.61
N ASN A 53 -7.49 10.99 10.77
CA ASN A 53 -8.09 9.68 10.97
C ASN A 53 -7.20 8.63 10.32
N ARG A 54 -7.56 7.39 10.44
CA ARG A 54 -6.78 6.35 9.83
C ARG A 54 -7.60 5.45 8.94
N THR A 55 -7.27 5.47 7.69
CA THR A 55 -7.85 4.60 6.71
C THR A 55 -6.88 3.45 6.52
N VAL A 56 -7.37 2.28 6.16
CA VAL A 56 -6.46 1.17 6.00
C VAL A 56 -5.72 1.19 4.74
N PRO A 57 -6.37 0.94 3.53
CA PRO A 57 -5.61 0.61 2.41
C PRO A 57 -4.90 1.82 1.82
N THR A 58 -3.79 2.06 2.35
CA THR A 58 -2.99 3.14 2.07
C THR A 58 -1.67 2.57 1.61
N VAL A 59 -1.26 2.97 0.44
CA VAL A 59 -0.07 2.44 -0.16
C VAL A 59 0.99 3.52 -0.31
N LYS A 60 2.20 3.17 0.01
CA LYS A 60 3.34 4.03 -0.18
C LYS A 60 4.22 3.42 -1.27
N PHE A 61 4.46 4.19 -2.30
CA PHE A 61 5.26 3.76 -3.45
C PHE A 61 6.71 4.13 -3.27
N ALA A 62 7.54 3.70 -4.21
CA ALA A 62 9.00 3.93 -4.16
C ALA A 62 9.35 5.42 -4.29
N ASP A 63 8.45 6.19 -4.88
CA ASP A 63 8.65 7.65 -4.99
C ASP A 63 8.26 8.36 -3.72
N GLY A 64 7.82 7.60 -2.75
CA GLY A 64 7.41 8.16 -1.47
C GLY A 64 5.97 8.60 -1.49
N SER A 65 5.33 8.43 -2.62
CA SER A 65 3.95 8.79 -2.80
C SER A 65 3.07 7.87 -1.95
N THR A 66 2.17 8.46 -1.20
CA THR A 66 1.23 7.69 -0.43
C THR A 66 -0.16 7.95 -0.97
N LEU A 67 -0.95 6.92 -1.08
CA LEU A 67 -2.30 7.05 -1.55
C LEU A 67 -3.24 6.26 -0.69
N THR A 68 -4.18 6.94 -0.13
CA THR A 68 -5.22 6.35 0.62
C THR A 68 -6.38 6.06 -0.32
N ASN A 69 -6.77 4.79 -0.37
CA ASN A 69 -7.82 4.28 -1.25
C ASN A 69 -7.55 4.54 -2.73
N PRO A 70 -6.51 3.93 -3.31
CA PRO A 70 -6.29 3.99 -4.75
C PRO A 70 -7.12 2.91 -5.46
N SER A 71 -7.00 2.84 -6.76
CA SER A 71 -7.70 1.84 -7.53
C SER A 71 -6.67 0.86 -8.10
N ALA A 72 -7.08 -0.39 -8.30
CA ALA A 72 -6.20 -1.49 -8.71
C ALA A 72 -5.38 -1.20 -9.99
N ASP A 73 -5.99 -0.58 -10.98
CA ASP A 73 -5.29 -0.30 -12.24
C ASP A 73 -4.40 0.92 -12.07
N GLU A 74 -4.86 1.86 -11.26
CA GLU A 74 -4.10 3.07 -10.97
C GLU A 74 -2.83 2.72 -10.21
N VAL A 75 -2.93 1.74 -9.31
CA VAL A 75 -1.77 1.25 -8.57
C VAL A 75 -0.75 0.67 -9.54
N LYS A 76 -1.25 -0.07 -10.52
CA LYS A 76 -0.42 -0.67 -11.54
C LYS A 76 0.32 0.39 -12.37
N ALA A 77 -0.37 1.47 -12.70
CA ALA A 77 0.23 2.57 -13.48
C ALA A 77 1.28 3.33 -12.65
N LYS A 78 1.07 3.39 -11.37
CA LYS A 78 2.04 4.00 -10.48
C LYS A 78 3.20 3.05 -10.23
N LEU A 79 2.89 1.78 -10.29
CA LEU A 79 3.87 0.74 -10.09
C LEU A 79 4.88 0.77 -11.25
N VAL A 80 4.38 0.96 -12.46
CA VAL A 80 5.25 0.99 -13.64
C VAL A 80 6.20 2.18 -13.62
N LYS A 81 5.75 3.34 -13.12
CA LYS A 81 6.62 4.51 -13.11
C LYS A 81 7.70 4.36 -12.05
N ILE A 82 7.35 3.73 -10.94
CA ILE A 82 8.29 3.60 -9.86
C ILE A 82 9.33 2.51 -10.16
N ALA A 83 8.91 1.49 -10.89
CA ALA A 83 9.82 0.43 -11.29
C ALA A 83 10.68 0.88 -12.46
N GLY A 84 10.05 1.48 -13.45
CA GLY A 84 10.77 1.97 -14.61
C GLY A 84 11.04 0.86 -15.61
N LEU A 85 11.83 -0.10 -15.21
CA LEU A 85 12.16 -1.22 -16.04
C LEU A 85 11.30 -2.40 -15.62
N GLU A 86 11.51 -3.55 -16.29
CA GLU A 86 10.84 -4.82 -16.00
C GLU A 86 9.39 -4.84 -16.49
N HIS A 87 8.62 -3.85 -16.07
CA HIS A 87 7.24 -3.71 -16.52
C HIS A 87 7.21 -3.25 -17.95
N HIS A 88 8.28 -2.63 -18.35
CA HIS A 88 8.48 -2.16 -19.66
C HIS A 88 9.74 -2.82 -20.15
N MET A 1 16.03 -9.99 -0.02
CA MET A 1 14.78 -9.25 0.09
C MET A 1 14.84 -8.03 -0.79
N VAL A 2 14.12 -8.06 -1.88
CA VAL A 2 14.10 -6.95 -2.82
C VAL A 2 13.18 -5.85 -2.32
N THR A 3 12.13 -6.28 -1.64
CA THR A 3 11.02 -5.46 -1.12
C THR A 3 10.22 -4.81 -2.25
N ALA A 4 8.94 -4.74 -2.08
CA ALA A 4 8.10 -4.17 -3.07
C ALA A 4 8.17 -2.67 -3.01
N ALA A 5 7.97 -2.05 -4.15
CA ALA A 5 8.05 -0.59 -4.25
C ALA A 5 6.78 0.06 -3.69
N LEU A 6 5.83 -0.75 -3.32
CA LEU A 6 4.63 -0.30 -2.68
C LEU A 6 4.48 -0.96 -1.34
N THR A 7 4.39 -0.17 -0.35
CA THR A 7 4.19 -0.63 0.98
C THR A 7 2.78 -0.25 1.41
N ILE A 8 1.95 -1.24 1.58
CA ILE A 8 0.56 -1.05 1.89
C ILE A 8 0.32 -1.19 3.38
N TYR A 9 -0.46 -0.31 3.89
CA TYR A 9 -0.82 -0.32 5.27
C TYR A 9 -2.10 -1.13 5.43
N THR A 10 -2.03 -2.21 6.17
CA THR A 10 -3.17 -3.08 6.39
C THR A 10 -3.38 -3.34 7.87
N THR A 11 -4.60 -3.68 8.24
CA THR A 11 -4.90 -4.01 9.60
C THR A 11 -5.86 -5.19 9.63
N SER A 12 -6.16 -5.67 10.81
CA SER A 12 -7.15 -6.72 10.98
C SER A 12 -8.54 -6.07 11.08
N TRP A 13 -8.54 -4.74 11.24
CA TRP A 13 -9.72 -3.97 11.58
C TRP A 13 -10.58 -3.67 10.37
N CYS A 14 -10.00 -3.75 9.20
CA CYS A 14 -10.68 -3.34 8.01
C CYS A 14 -11.06 -4.48 7.11
N GLY A 15 -12.14 -4.32 6.41
CA GLY A 15 -12.53 -5.25 5.40
C GLY A 15 -12.19 -4.69 4.03
N TYR A 16 -12.47 -3.39 3.85
CA TYR A 16 -12.25 -2.69 2.56
C TYR A 16 -10.79 -2.72 2.09
N CYS A 17 -9.87 -2.87 3.03
CA CYS A 17 -8.45 -2.94 2.70
C CYS A 17 -8.16 -4.24 1.96
N LEU A 18 -8.81 -5.30 2.41
CA LEU A 18 -8.60 -6.63 1.92
C LEU A 18 -9.11 -6.79 0.49
N ARG A 19 -10.12 -6.01 0.13
CA ARG A 19 -10.69 -6.05 -1.22
C ARG A 19 -9.68 -5.63 -2.26
N LEU A 20 -9.04 -4.48 -2.04
CA LEU A 20 -8.01 -3.99 -2.96
C LEU A 20 -6.78 -4.90 -2.89
N LYS A 21 -6.49 -5.36 -1.69
CA LYS A 21 -5.39 -6.29 -1.43
C LYS A 21 -5.52 -7.56 -2.30
N THR A 22 -6.74 -8.01 -2.48
CA THR A 22 -7.01 -9.18 -3.30
C THR A 22 -6.86 -8.82 -4.81
N ALA A 23 -7.36 -7.63 -5.18
CA ALA A 23 -7.28 -7.13 -6.56
C ALA A 23 -5.84 -7.00 -7.01
N LEU A 24 -4.99 -6.51 -6.14
CA LEU A 24 -3.58 -6.36 -6.43
C LEU A 24 -2.92 -7.73 -6.61
N THR A 25 -3.40 -8.70 -5.86
CA THR A 25 -2.91 -10.05 -5.97
C THR A 25 -3.24 -10.64 -7.37
N ALA A 26 -4.47 -10.41 -7.82
CA ALA A 26 -4.92 -10.87 -9.14
C ALA A 26 -4.21 -10.11 -10.26
N ASN A 27 -3.80 -8.90 -9.95
CA ASN A 27 -3.08 -8.02 -10.87
C ASN A 27 -1.59 -8.30 -10.88
N ARG A 28 -1.19 -9.34 -10.14
CA ARG A 28 0.20 -9.81 -10.01
C ARG A 28 1.09 -8.70 -9.43
N ILE A 29 0.53 -7.96 -8.52
CA ILE A 29 1.25 -6.90 -7.89
C ILE A 29 1.85 -7.38 -6.59
N ALA A 30 3.14 -7.26 -6.48
CA ALA A 30 3.84 -7.61 -5.28
C ALA A 30 3.75 -6.44 -4.32
N TYR A 31 3.27 -6.69 -3.14
CA TYR A 31 3.12 -5.65 -2.17
C TYR A 31 3.61 -6.10 -0.83
N ASP A 32 4.10 -5.19 -0.07
CA ASP A 32 4.49 -5.44 1.30
C ASP A 32 3.54 -4.73 2.19
N GLU A 33 2.91 -5.45 3.08
CA GLU A 33 1.98 -4.85 3.99
C GLU A 33 2.68 -4.56 5.32
N VAL A 34 2.22 -3.55 6.02
CA VAL A 34 2.92 -3.08 7.21
C VAL A 34 2.44 -3.75 8.50
N ASP A 35 3.40 -3.97 9.36
CA ASP A 35 3.31 -4.58 10.70
C ASP A 35 2.45 -3.80 11.71
N ILE A 36 1.93 -2.62 11.31
CA ILE A 36 1.16 -1.69 12.20
C ILE A 36 0.11 -2.39 13.10
N GLU A 37 -0.37 -3.55 12.69
CA GLU A 37 -1.33 -4.35 13.45
C GLU A 37 -0.81 -4.66 14.86
N HIS A 38 0.49 -4.78 14.98
CA HIS A 38 1.14 -5.10 16.25
C HIS A 38 2.26 -4.11 16.56
N ASN A 39 2.21 -2.94 15.94
CA ASN A 39 3.25 -1.93 16.15
C ASN A 39 2.66 -0.55 16.13
N ARG A 40 2.86 0.17 17.21
CA ARG A 40 2.38 1.52 17.32
C ARG A 40 3.26 2.50 16.53
N ALA A 41 4.56 2.17 16.36
CA ALA A 41 5.50 3.11 15.77
C ALA A 41 5.27 3.39 14.29
N ALA A 42 4.87 2.39 13.54
CA ALA A 42 4.56 2.60 12.15
C ALA A 42 3.12 3.08 12.01
N ALA A 43 2.31 2.74 13.01
CA ALA A 43 0.91 3.13 13.03
C ALA A 43 0.78 4.64 13.23
N GLU A 44 1.75 5.20 13.93
CA GLU A 44 1.83 6.61 14.19
C GLU A 44 2.03 7.36 12.85
N PHE A 45 2.79 6.76 11.94
CA PHE A 45 3.01 7.34 10.61
C PHE A 45 1.70 7.33 9.81
N VAL A 46 0.87 6.33 10.05
CA VAL A 46 -0.41 6.24 9.38
C VAL A 46 -1.30 7.40 9.86
N GLY A 47 -1.09 7.81 11.10
CA GLY A 47 -1.80 8.93 11.66
C GLY A 47 -1.23 10.25 11.16
N SER A 48 0.02 10.22 10.74
CA SER A 48 0.67 11.37 10.17
C SER A 48 0.03 11.67 8.80
N VAL A 49 -0.21 10.64 8.01
CA VAL A 49 -0.83 10.83 6.71
C VAL A 49 -2.35 10.97 6.82
N ASN A 50 -2.97 10.19 7.68
CA ASN A 50 -4.40 10.26 7.87
C ASN A 50 -4.75 10.92 9.18
N GLY A 51 -5.27 12.10 9.10
CA GLY A 51 -5.64 12.85 10.27
C GLY A 51 -6.99 12.42 10.82
N GLY A 52 -7.03 12.11 12.09
CA GLY A 52 -8.25 11.68 12.72
C GLY A 52 -8.54 10.23 12.45
N ASN A 53 -9.16 9.97 11.32
CA ASN A 53 -9.51 8.63 10.94
C ASN A 53 -8.38 7.99 10.18
N ARG A 54 -7.91 6.88 10.68
CA ARG A 54 -6.85 6.15 10.03
C ARG A 54 -7.43 5.32 8.89
N THR A 55 -7.41 5.88 7.71
CA THR A 55 -7.81 5.16 6.53
C THR A 55 -6.81 4.06 6.30
N VAL A 56 -7.28 2.84 6.23
CA VAL A 56 -6.34 1.76 6.18
C VAL A 56 -5.64 1.62 4.91
N PRO A 57 -6.33 1.38 3.73
CA PRO A 57 -5.60 0.99 2.61
C PRO A 57 -4.89 2.17 1.92
N THR A 58 -3.90 2.59 2.58
CA THR A 58 -3.04 3.61 2.23
C THR A 58 -1.75 2.93 1.82
N VAL A 59 -1.11 3.43 0.83
CA VAL A 59 0.06 2.79 0.30
C VAL A 59 1.17 3.80 0.03
N LYS A 60 2.37 3.44 0.34
CA LYS A 60 3.51 4.25 0.09
C LYS A 60 4.26 3.69 -1.09
N PHE A 61 4.55 4.53 -2.05
CA PHE A 61 5.31 4.12 -3.20
C PHE A 61 6.65 4.79 -3.20
N ALA A 62 7.53 4.28 -4.04
CA ALA A 62 8.82 4.89 -4.35
C ALA A 62 8.61 6.18 -5.15
N ASP A 63 7.35 6.36 -5.57
CA ASP A 63 6.85 7.52 -6.32
C ASP A 63 6.98 8.82 -5.49
N GLY A 64 7.18 8.67 -4.19
CA GLY A 64 7.46 9.82 -3.34
C GLY A 64 6.25 10.36 -2.63
N SER A 65 5.16 9.64 -2.70
CA SER A 65 3.96 10.06 -2.05
C SER A 65 3.15 8.82 -1.68
N THR A 66 2.08 9.03 -0.95
CA THR A 66 1.24 7.96 -0.50
C THR A 66 -0.12 8.07 -1.17
N LEU A 67 -0.66 6.96 -1.56
CA LEU A 67 -1.97 6.93 -2.14
C LEU A 67 -2.94 6.37 -1.13
N THR A 68 -4.16 6.75 -1.23
CA THR A 68 -5.16 6.33 -0.29
C THR A 68 -6.37 5.85 -1.07
N ASN A 69 -6.66 4.55 -0.97
CA ASN A 69 -7.75 3.89 -1.73
C ASN A 69 -7.55 3.97 -3.27
N PRO A 70 -6.33 3.72 -3.84
CA PRO A 70 -6.14 3.80 -5.29
C PRO A 70 -6.68 2.55 -5.99
N SER A 71 -6.94 2.66 -7.26
CA SER A 71 -7.41 1.53 -8.00
C SER A 71 -6.22 0.66 -8.43
N ALA A 72 -6.48 -0.62 -8.66
CA ALA A 72 -5.47 -1.61 -9.02
C ALA A 72 -4.67 -1.18 -10.25
N ASP A 73 -5.36 -0.64 -11.24
CA ASP A 73 -4.72 -0.16 -12.47
C ASP A 73 -3.73 0.96 -12.19
N GLU A 74 -4.10 1.86 -11.28
CA GLU A 74 -3.27 3.00 -10.93
C GLU A 74 -2.02 2.52 -10.22
N VAL A 75 -2.20 1.55 -9.36
CA VAL A 75 -1.11 0.94 -8.63
C VAL A 75 -0.13 0.31 -9.61
N LYS A 76 -0.68 -0.39 -10.59
CA LYS A 76 0.12 -1.05 -11.59
C LYS A 76 0.84 -0.03 -12.49
N ALA A 77 0.12 1.03 -12.85
CA ALA A 77 0.66 2.09 -13.71
C ALA A 77 1.78 2.85 -12.99
N LYS A 78 1.61 3.09 -11.70
CA LYS A 78 2.66 3.70 -10.92
C LYS A 78 3.80 2.74 -10.76
N LEU A 79 3.50 1.49 -10.55
CA LEU A 79 4.51 0.47 -10.33
C LEU A 79 5.43 0.37 -11.54
N VAL A 80 4.84 0.23 -12.72
CA VAL A 80 5.61 0.07 -13.94
C VAL A 80 6.51 1.26 -14.24
N LYS A 81 6.08 2.46 -13.86
CA LYS A 81 6.90 3.62 -14.12
C LYS A 81 8.02 3.77 -13.09
N ILE A 82 7.71 3.59 -11.81
CA ILE A 82 8.72 3.80 -10.77
C ILE A 82 9.66 2.61 -10.58
N ALA A 83 9.23 1.45 -11.02
CA ALA A 83 10.04 0.25 -10.85
C ALA A 83 10.77 -0.11 -12.15
N GLY A 84 10.62 0.74 -13.14
CA GLY A 84 11.37 0.58 -14.36
C GLY A 84 10.74 -0.37 -15.36
N LEU A 85 11.41 -0.51 -16.50
CA LEU A 85 10.97 -1.33 -17.63
C LEU A 85 10.90 -2.80 -17.24
N GLU A 86 11.72 -3.15 -16.26
CA GLU A 86 11.90 -4.51 -15.79
C GLU A 86 10.64 -5.05 -15.12
N HIS A 87 9.83 -4.17 -14.58
CA HIS A 87 8.65 -4.59 -13.89
C HIS A 87 7.42 -4.42 -14.75
N HIS A 88 6.85 -5.54 -15.11
CA HIS A 88 5.71 -5.64 -15.98
C HIS A 88 5.04 -6.96 -15.69
N MET A 1 15.03 -9.54 -4.72
CA MET A 1 13.97 -9.12 -5.64
C MET A 1 13.24 -7.99 -4.98
N VAL A 2 12.71 -7.07 -5.75
CA VAL A 2 12.00 -5.95 -5.19
C VAL A 2 10.63 -6.41 -4.71
N THR A 3 10.53 -6.71 -3.44
CA THR A 3 9.30 -7.14 -2.85
C THR A 3 8.44 -5.93 -2.50
N ALA A 4 9.05 -4.95 -1.87
CA ALA A 4 8.33 -3.79 -1.46
C ALA A 4 8.50 -2.66 -2.44
N ALA A 5 7.80 -2.77 -3.55
CA ALA A 5 7.75 -1.70 -4.52
C ALA A 5 6.70 -0.72 -4.04
N LEU A 6 5.79 -1.25 -3.26
CA LEU A 6 4.77 -0.52 -2.59
C LEU A 6 4.56 -1.12 -1.22
N THR A 7 4.56 -0.29 -0.25
CA THR A 7 4.35 -0.66 1.09
C THR A 7 2.91 -0.28 1.46
N ILE A 8 2.12 -1.27 1.80
CA ILE A 8 0.72 -1.07 2.07
C ILE A 8 0.43 -1.23 3.54
N TYR A 9 -0.33 -0.33 4.05
CA TYR A 9 -0.74 -0.38 5.41
C TYR A 9 -1.99 -1.25 5.54
N THR A 10 -1.94 -2.23 6.44
CA THR A 10 -3.04 -3.16 6.63
C THR A 10 -3.36 -3.34 8.11
N THR A 11 -4.52 -3.86 8.39
CA THR A 11 -4.95 -4.20 9.72
C THR A 11 -5.87 -5.43 9.57
N SER A 12 -5.95 -6.28 10.59
CA SER A 12 -6.88 -7.42 10.57
C SER A 12 -8.32 -6.91 10.40
N TRP A 13 -8.62 -5.84 11.11
CA TRP A 13 -9.81 -5.10 10.89
C TRP A 13 -9.60 -4.32 9.56
N CYS A 14 -10.07 -4.93 8.50
CA CYS A 14 -10.01 -4.40 7.17
C CYS A 14 -10.96 -5.11 6.24
N GLY A 15 -11.90 -4.39 5.73
CA GLY A 15 -12.77 -4.89 4.72
C GLY A 15 -12.40 -4.26 3.41
N TYR A 16 -12.43 -2.94 3.38
CA TYR A 16 -12.11 -2.20 2.17
C TYR A 16 -10.63 -2.29 1.80
N CYS A 17 -9.78 -2.61 2.76
CA CYS A 17 -8.35 -2.75 2.48
C CYS A 17 -8.15 -4.05 1.71
N LEU A 18 -8.96 -5.04 2.06
CA LEU A 18 -8.82 -6.36 1.52
C LEU A 18 -9.26 -6.38 0.06
N ARG A 19 -10.19 -5.49 -0.26
CA ARG A 19 -10.71 -5.31 -1.62
C ARG A 19 -9.57 -4.93 -2.59
N LEU A 20 -8.66 -4.13 -2.11
CA LEU A 20 -7.52 -3.72 -2.90
C LEU A 20 -6.44 -4.80 -2.84
N LYS A 21 -6.26 -5.35 -1.66
CA LYS A 21 -5.23 -6.35 -1.40
C LYS A 21 -5.40 -7.59 -2.30
N THR A 22 -6.62 -8.08 -2.41
CA THR A 22 -6.91 -9.23 -3.26
C THR A 22 -6.67 -8.86 -4.75
N ALA A 23 -7.02 -7.62 -5.10
CA ALA A 23 -6.89 -7.13 -6.46
C ALA A 23 -5.45 -7.09 -6.90
N LEU A 24 -4.60 -6.57 -6.04
CA LEU A 24 -3.19 -6.45 -6.35
C LEU A 24 -2.52 -7.81 -6.45
N THR A 25 -2.92 -8.72 -5.60
CA THR A 25 -2.37 -10.07 -5.60
C THR A 25 -2.78 -10.80 -6.89
N ALA A 26 -4.03 -10.66 -7.28
CA ALA A 26 -4.53 -11.27 -8.52
C ALA A 26 -3.88 -10.62 -9.73
N ASN A 27 -3.42 -9.40 -9.57
CA ASN A 27 -2.77 -8.65 -10.64
C ASN A 27 -1.26 -8.83 -10.62
N ARG A 28 -0.78 -9.72 -9.73
CA ARG A 28 0.65 -10.06 -9.61
C ARG A 28 1.51 -8.87 -9.16
N ILE A 29 0.88 -7.94 -8.49
CA ILE A 29 1.57 -6.78 -8.00
C ILE A 29 2.15 -7.11 -6.64
N ALA A 30 3.46 -7.00 -6.52
CA ALA A 30 4.16 -7.31 -5.30
C ALA A 30 4.15 -6.13 -4.36
N TYR A 31 3.71 -6.36 -3.16
CA TYR A 31 3.62 -5.33 -2.15
C TYR A 31 4.01 -5.93 -0.82
N ASP A 32 4.22 -5.09 0.14
CA ASP A 32 4.55 -5.53 1.48
C ASP A 32 3.62 -4.83 2.45
N GLU A 33 3.07 -5.54 3.41
CA GLU A 33 2.13 -4.95 4.33
C GLU A 33 2.79 -4.59 5.66
N VAL A 34 2.40 -3.46 6.23
CA VAL A 34 3.07 -2.90 7.40
C VAL A 34 2.60 -3.49 8.74
N ASP A 35 3.56 -3.55 9.63
CA ASP A 35 3.51 -4.03 11.02
C ASP A 35 2.61 -3.21 11.98
N ILE A 36 1.97 -2.13 11.51
CA ILE A 36 1.20 -1.18 12.37
C ILE A 36 0.23 -1.82 13.39
N GLU A 37 -0.21 -3.04 13.14
CA GLU A 37 -1.10 -3.75 14.03
C GLU A 37 -0.36 -4.15 15.34
N HIS A 38 0.94 -4.25 15.23
CA HIS A 38 1.79 -4.62 16.36
C HIS A 38 2.64 -3.43 16.78
N ASN A 39 3.06 -2.67 15.81
CA ASN A 39 3.95 -1.55 15.98
C ASN A 39 3.21 -0.23 15.98
N ARG A 40 3.36 0.52 17.04
CA ARG A 40 2.74 1.84 17.15
C ARG A 40 3.51 2.87 16.31
N ALA A 41 4.80 2.64 16.07
CA ALA A 41 5.63 3.65 15.43
C ALA A 41 5.27 3.91 13.98
N ALA A 42 4.89 2.89 13.26
CA ALA A 42 4.45 3.08 11.90
C ALA A 42 2.97 3.41 11.90
N ALA A 43 2.29 3.02 12.96
CA ALA A 43 0.86 3.22 13.07
C ALA A 43 0.53 4.70 13.23
N GLU A 44 1.35 5.38 14.01
CA GLU A 44 1.16 6.81 14.21
C GLU A 44 1.51 7.58 12.95
N PHE A 45 2.37 6.98 12.12
CA PHE A 45 2.74 7.58 10.86
C PHE A 45 1.52 7.61 9.92
N VAL A 46 0.65 6.60 10.04
CA VAL A 46 -0.58 6.54 9.26
C VAL A 46 -1.48 7.70 9.68
N GLY A 47 -1.49 7.96 10.97
CA GLY A 47 -2.27 9.06 11.53
C GLY A 47 -1.65 10.40 11.21
N SER A 48 -0.39 10.38 10.85
CA SER A 48 0.33 11.56 10.48
C SER A 48 0.00 11.95 9.02
N VAL A 49 -0.04 10.96 8.14
CA VAL A 49 -0.33 11.22 6.72
C VAL A 49 -1.83 11.33 6.42
N ASN A 50 -2.64 10.58 7.14
CA ASN A 50 -4.07 10.58 6.93
C ASN A 50 -4.77 11.39 8.00
N GLY A 51 -5.97 11.80 7.72
CA GLY A 51 -6.70 12.61 8.66
C GLY A 51 -8.07 12.07 8.92
N GLY A 52 -8.57 12.35 10.11
CA GLY A 52 -9.87 11.86 10.50
C GLY A 52 -9.76 10.47 11.06
N ASN A 53 -10.29 9.53 10.36
CA ASN A 53 -10.16 8.13 10.74
C ASN A 53 -8.92 7.61 10.04
N ARG A 54 -8.22 6.69 10.65
CA ARG A 54 -7.05 6.14 10.02
C ARG A 54 -7.41 5.25 8.87
N THR A 55 -7.35 5.83 7.69
CA THR A 55 -7.54 5.13 6.47
C THR A 55 -6.44 4.10 6.38
N VAL A 56 -6.81 2.84 6.41
CA VAL A 56 -5.79 1.84 6.43
C VAL A 56 -5.14 1.64 5.10
N PRO A 57 -5.88 1.35 3.97
CA PRO A 57 -5.22 0.97 2.78
C PRO A 57 -4.55 2.17 2.07
N THR A 58 -3.48 2.54 2.63
CA THR A 58 -2.68 3.59 2.21
C THR A 58 -1.45 2.95 1.60
N VAL A 59 -1.15 3.30 0.39
CA VAL A 59 -0.06 2.69 -0.32
C VAL A 59 1.09 3.66 -0.45
N LYS A 60 2.20 3.26 0.06
CA LYS A 60 3.40 4.03 0.01
C LYS A 60 4.32 3.41 -1.02
N PHE A 61 4.50 4.09 -2.12
CA PHE A 61 5.34 3.57 -3.19
C PHE A 61 6.80 3.79 -2.87
N ALA A 62 7.66 3.03 -3.52
CA ALA A 62 9.11 3.04 -3.31
C ALA A 62 9.73 4.43 -3.48
N ASP A 63 9.08 5.28 -4.24
CA ASP A 63 9.60 6.63 -4.50
C ASP A 63 9.31 7.56 -3.33
N GLY A 64 8.38 7.17 -2.48
CA GLY A 64 8.04 7.96 -1.32
C GLY A 64 6.67 8.59 -1.40
N SER A 65 6.04 8.49 -2.54
CA SER A 65 4.72 9.04 -2.71
C SER A 65 3.71 8.06 -2.09
N THR A 66 2.77 8.58 -1.35
CA THR A 66 1.79 7.75 -0.70
C THR A 66 0.42 8.07 -1.26
N LEU A 67 -0.38 7.07 -1.50
CA LEU A 67 -1.70 7.25 -2.03
C LEU A 67 -2.74 6.67 -1.11
N THR A 68 -3.84 7.33 -1.01
CA THR A 68 -4.91 6.93 -0.15
C THR A 68 -5.97 6.20 -0.98
N ASN A 69 -6.16 4.90 -0.66
CA ASN A 69 -7.15 3.98 -1.31
C ASN A 69 -7.40 4.18 -2.81
N PRO A 70 -6.45 3.76 -3.66
CA PRO A 70 -6.61 3.80 -5.10
C PRO A 70 -7.19 2.47 -5.61
N SER A 71 -7.13 2.25 -6.89
CA SER A 71 -7.58 1.01 -7.48
C SER A 71 -6.38 0.28 -8.08
N ALA A 72 -6.56 -0.98 -8.50
CA ALA A 72 -5.46 -1.79 -9.04
C ALA A 72 -4.84 -1.15 -10.27
N ASP A 73 -5.68 -0.59 -11.15
CA ASP A 73 -5.19 0.06 -12.37
C ASP A 73 -4.36 1.28 -12.06
N GLU A 74 -4.73 1.97 -11.00
CA GLU A 74 -4.00 3.15 -10.53
C GLU A 74 -2.61 2.72 -10.11
N VAL A 75 -2.57 1.70 -9.27
CA VAL A 75 -1.33 1.17 -8.73
C VAL A 75 -0.44 0.65 -9.85
N LYS A 76 -1.03 -0.07 -10.76
CA LYS A 76 -0.33 -0.64 -11.90
C LYS A 76 0.36 0.44 -12.77
N ALA A 77 -0.37 1.51 -13.07
CA ALA A 77 0.18 2.58 -13.91
C ALA A 77 1.23 3.40 -13.16
N LYS A 78 1.17 3.37 -11.86
CA LYS A 78 2.17 4.01 -11.02
C LYS A 78 3.37 3.08 -10.91
N LEU A 79 3.09 1.81 -10.76
CA LEU A 79 4.09 0.78 -10.60
C LEU A 79 5.06 0.82 -11.76
N VAL A 80 4.50 0.90 -12.96
CA VAL A 80 5.29 0.94 -14.18
C VAL A 80 6.23 2.17 -14.21
N LYS A 81 5.75 3.30 -13.70
CA LYS A 81 6.58 4.50 -13.70
C LYS A 81 7.58 4.55 -12.54
N ILE A 82 7.19 4.07 -11.38
CA ILE A 82 8.08 4.18 -10.22
C ILE A 82 9.10 3.05 -10.13
N ALA A 83 8.75 1.90 -10.64
CA ALA A 83 9.67 0.80 -10.65
C ALA A 83 10.44 0.79 -11.95
N GLY A 84 9.80 1.27 -12.99
CA GLY A 84 10.42 1.34 -14.28
C GLY A 84 10.04 0.16 -15.12
N LEU A 85 10.97 -0.30 -15.91
CA LEU A 85 10.73 -1.41 -16.81
C LEU A 85 10.59 -2.70 -16.04
N GLU A 86 11.26 -2.79 -14.92
CA GLU A 86 11.17 -3.96 -14.11
C GLU A 86 10.18 -3.74 -12.99
N HIS A 87 8.97 -4.13 -13.22
CA HIS A 87 7.92 -4.04 -12.24
C HIS A 87 7.38 -5.42 -11.90
N HIS A 88 7.94 -6.41 -12.56
CA HIS A 88 7.70 -7.80 -12.30
C HIS A 88 9.04 -8.53 -12.34
N MET A 1 9.44 -15.09 0.96
CA MET A 1 8.48 -14.02 0.71
C MET A 1 9.11 -12.90 -0.08
N VAL A 2 8.34 -11.92 -0.45
CA VAL A 2 8.80 -10.88 -1.35
C VAL A 2 9.29 -9.63 -0.64
N THR A 3 9.76 -8.71 -1.44
CA THR A 3 10.17 -7.40 -1.06
C THR A 3 9.82 -6.51 -2.24
N ALA A 4 8.94 -5.58 -2.07
CA ALA A 4 8.54 -4.75 -3.19
C ALA A 4 8.59 -3.27 -2.85
N ALA A 5 8.36 -2.45 -3.85
CA ALA A 5 8.34 -0.99 -3.70
C ALA A 5 7.02 -0.51 -3.12
N LEU A 6 6.15 -1.46 -2.83
CA LEU A 6 4.86 -1.18 -2.24
C LEU A 6 4.91 -1.42 -0.78
N THR A 7 4.95 -0.38 -0.04
CA THR A 7 4.87 -0.48 1.37
C THR A 7 3.44 -0.10 1.72
N ILE A 8 2.64 -1.05 2.09
CA ILE A 8 1.25 -0.81 2.29
C ILE A 8 0.91 -0.81 3.75
N TYR A 9 0.22 0.20 4.14
CA TYR A 9 -0.25 0.34 5.46
C TYR A 9 -1.66 -0.20 5.52
N THR A 10 -1.83 -1.35 6.12
CA THR A 10 -3.12 -1.99 6.26
C THR A 10 -3.25 -2.63 7.63
N THR A 11 -4.43 -2.55 8.19
CA THR A 11 -4.72 -3.20 9.43
C THR A 11 -5.09 -4.65 9.11
N SER A 12 -4.90 -5.55 10.05
CA SER A 12 -5.28 -6.92 9.87
C SER A 12 -6.78 -7.01 9.68
N TRP A 13 -7.52 -6.40 10.59
CA TRP A 13 -8.95 -6.35 10.49
C TRP A 13 -9.40 -5.18 9.57
N CYS A 14 -9.57 -5.50 8.31
CA CYS A 14 -10.03 -4.52 7.34
C CYS A 14 -10.52 -5.24 6.09
N GLY A 15 -11.80 -5.09 5.79
CA GLY A 15 -12.36 -5.74 4.63
C GLY A 15 -12.12 -4.94 3.38
N TYR A 16 -12.17 -3.63 3.52
CA TYR A 16 -11.94 -2.71 2.42
C TYR A 16 -10.51 -2.87 1.89
N CYS A 17 -9.59 -3.06 2.82
CA CYS A 17 -8.18 -3.30 2.52
C CYS A 17 -8.00 -4.64 1.83
N LEU A 18 -8.76 -5.64 2.30
CA LEU A 18 -8.69 -7.01 1.82
C LEU A 18 -9.01 -7.07 0.33
N ARG A 19 -9.98 -6.26 -0.10
CA ARG A 19 -10.39 -6.17 -1.50
C ARG A 19 -9.21 -5.79 -2.41
N LEU A 20 -8.36 -4.91 -1.93
CA LEU A 20 -7.21 -4.48 -2.71
C LEU A 20 -6.10 -5.52 -2.64
N LYS A 21 -5.86 -6.04 -1.44
CA LYS A 21 -4.82 -7.04 -1.19
C LYS A 21 -4.97 -8.26 -2.10
N THR A 22 -6.16 -8.79 -2.15
CA THR A 22 -6.44 -9.95 -2.98
C THR A 22 -6.29 -9.64 -4.47
N ALA A 23 -6.63 -8.41 -4.85
CA ALA A 23 -6.50 -7.95 -6.23
C ALA A 23 -5.05 -7.89 -6.63
N LEU A 24 -4.21 -7.39 -5.73
CA LEU A 24 -2.80 -7.27 -5.98
C LEU A 24 -2.17 -8.65 -6.15
N THR A 25 -2.47 -9.57 -5.22
CA THR A 25 -1.99 -10.94 -5.30
C THR A 25 -2.38 -11.59 -6.66
N ALA A 26 -3.60 -11.35 -7.10
CA ALA A 26 -4.11 -11.95 -8.33
C ALA A 26 -3.55 -11.29 -9.59
N ASN A 27 -2.94 -10.14 -9.42
CA ASN A 27 -2.39 -9.39 -10.53
C ASN A 27 -0.87 -9.41 -10.54
N ARG A 28 -0.30 -10.32 -9.73
CA ARG A 28 1.17 -10.52 -9.57
C ARG A 28 1.85 -9.32 -8.93
N ILE A 29 1.09 -8.48 -8.31
CA ILE A 29 1.64 -7.29 -7.70
C ILE A 29 2.09 -7.65 -6.30
N ALA A 30 3.37 -7.53 -6.07
CA ALA A 30 3.95 -7.83 -4.79
C ALA A 30 3.85 -6.62 -3.88
N TYR A 31 3.63 -6.84 -2.62
CA TYR A 31 3.50 -5.75 -1.67
C TYR A 31 3.93 -6.19 -0.29
N ASP A 32 4.40 -5.24 0.47
CA ASP A 32 4.78 -5.47 1.86
C ASP A 32 3.85 -4.68 2.74
N GLU A 33 3.03 -5.37 3.51
CA GLU A 33 2.12 -4.68 4.40
C GLU A 33 2.78 -4.49 5.77
N VAL A 34 2.50 -3.39 6.40
CA VAL A 34 3.19 -2.98 7.60
C VAL A 34 2.52 -3.49 8.91
N ASP A 35 3.37 -3.65 9.92
CA ASP A 35 3.14 -4.12 11.31
C ASP A 35 2.05 -3.32 12.08
N ILE A 36 1.50 -2.27 11.49
CA ILE A 36 0.64 -1.25 12.17
C ILE A 36 -0.52 -1.79 13.02
N GLU A 37 -0.96 -3.00 12.76
CA GLU A 37 -2.07 -3.55 13.49
C GLU A 37 -1.67 -3.93 14.93
N HIS A 38 -0.37 -3.97 15.17
CA HIS A 38 0.17 -4.10 16.50
C HIS A 38 1.22 -3.00 16.79
N ASN A 39 1.97 -2.61 15.76
CA ASN A 39 3.01 -1.58 15.90
C ASN A 39 2.40 -0.21 15.86
N ARG A 40 2.34 0.42 17.00
CA ARG A 40 1.77 1.74 17.12
C ARG A 40 2.64 2.83 16.45
N ALA A 41 3.94 2.57 16.30
CA ALA A 41 4.82 3.58 15.76
C ALA A 41 4.60 3.84 14.27
N ALA A 42 4.40 2.80 13.51
CA ALA A 42 4.11 2.95 12.10
C ALA A 42 2.65 3.31 11.92
N ALA A 43 1.84 2.93 12.91
CA ALA A 43 0.43 3.26 12.92
C ALA A 43 0.25 4.76 13.10
N GLU A 44 1.14 5.33 13.91
CA GLU A 44 1.20 6.75 14.13
C GLU A 44 1.48 7.47 12.81
N PHE A 45 2.36 6.87 12.01
CA PHE A 45 2.71 7.42 10.70
C PHE A 45 1.50 7.38 9.76
N VAL A 46 0.64 6.38 9.95
CA VAL A 46 -0.58 6.28 9.15
C VAL A 46 -1.48 7.48 9.44
N GLY A 47 -1.48 7.91 10.70
CA GLY A 47 -2.24 9.07 11.10
C GLY A 47 -1.55 10.36 10.69
N SER A 48 -0.26 10.26 10.42
CA SER A 48 0.51 11.40 9.97
C SER A 48 0.21 11.68 8.50
N VAL A 49 -0.11 10.63 7.73
CA VAL A 49 -0.41 10.79 6.31
C VAL A 49 -1.91 10.83 6.03
N ASN A 50 -2.70 10.48 7.03
CA ASN A 50 -4.14 10.57 6.92
C ASN A 50 -4.64 11.40 8.06
N GLY A 51 -5.02 12.61 7.76
CA GLY A 51 -5.43 13.53 8.77
C GLY A 51 -6.76 13.21 9.39
N GLY A 52 -6.82 13.29 10.70
CA GLY A 52 -8.03 13.09 11.45
C GLY A 52 -8.33 11.63 11.73
N ASN A 53 -8.46 10.87 10.69
CA ASN A 53 -8.83 9.47 10.80
C ASN A 53 -7.81 8.60 10.10
N ARG A 54 -7.37 7.56 10.75
CA ARG A 54 -6.47 6.61 10.14
C ARG A 54 -7.17 5.81 9.07
N THR A 55 -7.02 6.27 7.86
CA THR A 55 -7.58 5.59 6.72
C THR A 55 -6.69 4.42 6.42
N VAL A 56 -7.29 3.24 6.24
CA VAL A 56 -6.53 2.06 5.97
C VAL A 56 -5.65 1.93 4.84
N PRO A 57 -6.10 1.45 3.68
CA PRO A 57 -5.17 1.04 2.70
C PRO A 57 -4.40 2.23 2.08
N THR A 58 -3.27 2.50 2.64
CA THR A 58 -2.46 3.58 2.25
C THR A 58 -1.13 2.99 1.80
N VAL A 59 -0.85 3.10 0.54
CA VAL A 59 0.33 2.52 -0.04
C VAL A 59 1.39 3.59 -0.30
N LYS A 60 2.59 3.27 0.06
CA LYS A 60 3.71 4.10 -0.15
C LYS A 60 4.59 3.46 -1.23
N PHE A 61 4.73 4.15 -2.33
CA PHE A 61 5.55 3.67 -3.44
C PHE A 61 6.90 4.37 -3.40
N ALA A 62 7.78 4.02 -4.34
CA ALA A 62 9.11 4.68 -4.53
C ALA A 62 8.90 6.14 -4.97
N ASP A 63 7.66 6.44 -5.27
CA ASP A 63 7.17 7.77 -5.64
C ASP A 63 7.35 8.75 -4.45
N GLY A 64 7.52 8.21 -3.26
CA GLY A 64 7.79 9.00 -2.07
C GLY A 64 6.54 9.48 -1.37
N SER A 65 5.46 9.54 -2.10
CA SER A 65 4.22 9.96 -1.53
C SER A 65 3.38 8.73 -1.25
N THR A 66 2.29 8.92 -0.59
CA THR A 66 1.43 7.85 -0.23
C THR A 66 0.11 8.02 -0.96
N LEU A 67 -0.43 6.93 -1.39
CA LEU A 67 -1.68 6.93 -2.07
C LEU A 67 -2.68 6.18 -1.22
N THR A 68 -3.76 6.81 -0.91
CA THR A 68 -4.74 6.22 -0.04
C THR A 68 -5.94 5.75 -0.85
N ASN A 69 -6.53 4.63 -0.43
CA ASN A 69 -7.71 3.99 -1.10
C ASN A 69 -7.52 3.80 -2.62
N PRO A 70 -6.35 3.24 -3.07
CA PRO A 70 -6.05 3.13 -4.49
C PRO A 70 -6.74 1.93 -5.14
N SER A 71 -6.83 2.00 -6.43
CA SER A 71 -7.34 0.92 -7.20
C SER A 71 -6.14 0.12 -7.73
N ALA A 72 -6.32 -1.17 -8.00
CA ALA A 72 -5.23 -2.05 -8.43
C ALA A 72 -4.57 -1.54 -9.72
N ASP A 73 -5.39 -0.97 -10.60
CA ASP A 73 -4.91 -0.41 -11.86
C ASP A 73 -3.95 0.74 -11.62
N GLU A 74 -4.31 1.61 -10.69
CA GLU A 74 -3.50 2.77 -10.34
C GLU A 74 -2.18 2.33 -9.77
N VAL A 75 -2.24 1.30 -8.93
CA VAL A 75 -1.06 0.71 -8.32
C VAL A 75 -0.09 0.23 -9.39
N LYS A 76 -0.61 -0.55 -10.32
CA LYS A 76 0.17 -1.08 -11.42
C LYS A 76 0.77 0.04 -12.29
N ALA A 77 -0.05 1.03 -12.60
CA ALA A 77 0.37 2.15 -13.44
C ALA A 77 1.44 3.01 -12.75
N LYS A 78 1.31 3.21 -11.45
CA LYS A 78 2.32 3.96 -10.71
C LYS A 78 3.61 3.17 -10.65
N LEU A 79 3.48 1.88 -10.43
CA LEU A 79 4.63 1.01 -10.26
C LEU A 79 5.48 1.00 -11.52
N VAL A 80 4.83 0.79 -12.66
CA VAL A 80 5.54 0.72 -13.92
C VAL A 80 6.27 2.01 -14.26
N LYS A 81 5.67 3.14 -13.91
CA LYS A 81 6.29 4.39 -14.22
C LYS A 81 7.37 4.77 -13.21
N ILE A 82 7.22 4.34 -11.93
CA ILE A 82 8.25 4.67 -10.95
C ILE A 82 9.49 3.83 -11.14
N ALA A 83 9.32 2.70 -11.79
CA ALA A 83 10.41 1.80 -12.12
C ALA A 83 11.05 2.24 -13.44
N GLY A 84 10.58 3.36 -13.95
CA GLY A 84 11.05 3.90 -15.18
C GLY A 84 10.16 3.48 -16.28
N LEU A 85 10.64 2.55 -17.06
CA LEU A 85 9.86 1.90 -18.11
C LEU A 85 10.17 0.44 -18.09
N GLU A 86 10.70 0.01 -16.97
CA GLU A 86 11.08 -1.37 -16.78
C GLU A 86 9.95 -2.05 -16.03
N HIS A 87 9.68 -3.31 -16.37
CA HIS A 87 8.51 -4.07 -15.87
C HIS A 87 7.24 -3.62 -16.56
N HIS A 88 7.42 -2.82 -17.57
CA HIS A 88 6.35 -2.33 -18.39
C HIS A 88 6.48 -2.99 -19.75
N MET A 1 14.89 -5.48 3.49
CA MET A 1 13.44 -5.60 3.73
C MET A 1 12.65 -5.23 2.49
N VAL A 2 13.30 -4.68 1.48
CA VAL A 2 12.61 -4.28 0.27
C VAL A 2 12.39 -5.50 -0.61
N THR A 3 11.48 -6.33 -0.18
CA THR A 3 11.17 -7.55 -0.87
C THR A 3 10.16 -7.27 -1.99
N ALA A 4 9.45 -6.18 -1.86
CA ALA A 4 8.44 -5.80 -2.81
C ALA A 4 8.59 -4.33 -3.15
N ALA A 5 7.99 -3.90 -4.23
CA ALA A 5 8.09 -2.50 -4.67
C ALA A 5 6.91 -1.68 -4.18
N LEU A 6 6.01 -2.31 -3.46
CA LEU A 6 4.84 -1.65 -2.98
C LEU A 6 4.66 -1.96 -1.51
N THR A 7 4.41 -0.97 -0.73
CA THR A 7 4.17 -1.14 0.68
C THR A 7 2.72 -0.76 1.00
N ILE A 8 1.97 -1.66 1.60
CA ILE A 8 0.58 -1.43 1.93
C ILE A 8 0.39 -1.52 3.43
N TYR A 9 -0.49 -0.72 3.95
CA TYR A 9 -0.80 -0.74 5.34
C TYR A 9 -2.07 -1.55 5.58
N THR A 10 -2.05 -2.46 6.56
CA THR A 10 -3.19 -3.33 6.80
C THR A 10 -3.45 -3.54 8.30
N THR A 11 -4.70 -3.85 8.63
CA THR A 11 -5.15 -4.18 9.96
C THR A 11 -6.24 -5.23 9.81
N SER A 12 -6.58 -5.90 10.88
CA SER A 12 -7.65 -6.88 10.85
C SER A 12 -9.02 -6.23 11.08
N TRP A 13 -9.02 -4.92 11.29
CA TRP A 13 -10.24 -4.17 11.64
C TRP A 13 -10.87 -3.62 10.37
N CYS A 14 -10.63 -4.27 9.28
CA CYS A 14 -10.96 -3.73 7.98
C CYS A 14 -11.36 -4.80 6.99
N GLY A 15 -12.20 -4.40 6.03
CA GLY A 15 -12.61 -5.28 4.97
C GLY A 15 -12.38 -4.66 3.60
N TYR A 16 -12.42 -3.33 3.54
CA TYR A 16 -12.24 -2.57 2.31
C TYR A 16 -10.82 -2.76 1.76
N CYS A 17 -9.86 -2.84 2.66
CA CYS A 17 -8.46 -3.04 2.32
C CYS A 17 -8.25 -4.35 1.58
N LEU A 18 -9.07 -5.35 1.93
CA LEU A 18 -8.98 -6.69 1.37
C LEU A 18 -9.32 -6.71 -0.11
N ARG A 19 -10.17 -5.78 -0.53
CA ARG A 19 -10.57 -5.66 -1.93
C ARG A 19 -9.34 -5.38 -2.78
N LEU A 20 -8.65 -4.32 -2.43
CA LEU A 20 -7.48 -3.87 -3.16
C LEU A 20 -6.36 -4.90 -3.03
N LYS A 21 -6.23 -5.44 -1.84
CA LYS A 21 -5.19 -6.39 -1.50
C LYS A 21 -5.26 -7.63 -2.41
N THR A 22 -6.46 -8.15 -2.59
CA THR A 22 -6.67 -9.31 -3.44
C THR A 22 -6.49 -8.97 -4.93
N ALA A 23 -6.94 -7.77 -5.31
CA ALA A 23 -6.83 -7.27 -6.68
C ALA A 23 -5.37 -7.18 -7.10
N LEU A 24 -4.54 -6.68 -6.20
CA LEU A 24 -3.14 -6.51 -6.48
C LEU A 24 -2.44 -7.86 -6.59
N THR A 25 -2.76 -8.78 -5.69
CA THR A 25 -2.19 -10.11 -5.74
C THR A 25 -2.59 -10.82 -7.05
N ALA A 26 -3.86 -10.66 -7.44
CA ALA A 26 -4.39 -11.28 -8.67
C ALA A 26 -3.76 -10.63 -9.91
N ASN A 27 -3.21 -9.47 -9.73
CA ASN A 27 -2.54 -8.74 -10.79
C ASN A 27 -1.04 -8.93 -10.75
N ARG A 28 -0.58 -9.85 -9.89
CA ARG A 28 0.85 -10.19 -9.73
C ARG A 28 1.67 -9.03 -9.18
N ILE A 29 1.00 -8.14 -8.49
CA ILE A 29 1.64 -7.01 -7.88
C ILE A 29 2.12 -7.43 -6.50
N ALA A 30 3.40 -7.34 -6.30
CA ALA A 30 4.00 -7.71 -5.05
C ALA A 30 4.03 -6.53 -4.10
N TYR A 31 3.51 -6.74 -2.93
CA TYR A 31 3.44 -5.71 -1.94
C TYR A 31 3.84 -6.27 -0.58
N ASP A 32 4.36 -5.42 0.26
CA ASP A 32 4.66 -5.79 1.63
C ASP A 32 3.69 -5.03 2.51
N GLU A 33 3.13 -5.68 3.49
CA GLU A 33 2.16 -5.02 4.34
C GLU A 33 2.80 -4.65 5.67
N VAL A 34 2.36 -3.55 6.23
CA VAL A 34 2.99 -3.02 7.43
C VAL A 34 2.27 -3.43 8.71
N ASP A 35 3.10 -3.82 9.65
CA ASP A 35 2.82 -4.28 11.03
C ASP A 35 1.99 -3.32 11.89
N ILE A 36 1.61 -2.14 11.38
CA ILE A 36 1.02 -0.99 12.16
C ILE A 36 -0.05 -1.38 13.21
N GLU A 37 -0.73 -2.49 13.02
CA GLU A 37 -1.71 -2.95 13.97
C GLU A 37 -1.03 -3.17 15.33
N HIS A 38 0.11 -3.83 15.27
CA HIS A 38 0.90 -4.13 16.45
C HIS A 38 2.06 -3.14 16.59
N ASN A 39 2.56 -2.63 15.48
CA ASN A 39 3.66 -1.68 15.51
C ASN A 39 3.12 -0.27 15.62
N ARG A 40 3.21 0.31 16.78
CA ARG A 40 2.67 1.64 16.99
C ARG A 40 3.53 2.71 16.31
N ALA A 41 4.77 2.37 15.96
CA ALA A 41 5.66 3.35 15.38
C ALA A 41 5.28 3.71 13.94
N ALA A 42 5.02 2.72 13.13
CA ALA A 42 4.60 2.99 11.75
C ALA A 42 3.15 3.45 11.74
N ALA A 43 2.40 3.06 12.76
CA ALA A 43 1.01 3.45 12.88
C ALA A 43 0.89 4.95 13.12
N GLU A 44 1.88 5.50 13.81
CA GLU A 44 1.93 6.91 14.11
C GLU A 44 2.13 7.68 12.81
N PHE A 45 2.96 7.10 11.94
CA PHE A 45 3.24 7.66 10.63
C PHE A 45 1.96 7.69 9.80
N VAL A 46 1.23 6.60 9.83
CA VAL A 46 -0.05 6.48 9.13
C VAL A 46 -1.02 7.58 9.58
N GLY A 47 -1.04 7.83 10.89
CA GLY A 47 -1.89 8.88 11.45
C GLY A 47 -1.55 10.26 10.88
N SER A 48 -0.29 10.48 10.58
CA SER A 48 0.14 11.75 10.03
C SER A 48 -0.12 11.81 8.51
N VAL A 49 -0.16 10.65 7.86
CA VAL A 49 -0.41 10.58 6.42
C VAL A 49 -1.90 10.73 6.13
N ASN A 50 -2.71 10.13 6.95
CA ASN A 50 -4.15 10.17 6.78
C ASN A 50 -4.75 11.43 7.39
N GLY A 51 -6.06 11.52 7.38
CA GLY A 51 -6.73 12.67 7.90
C GLY A 51 -7.06 12.56 9.38
N GLY A 52 -8.25 12.08 9.68
CA GLY A 52 -8.71 12.04 11.05
C GLY A 52 -8.41 10.72 11.75
N ASN A 53 -8.71 9.64 11.10
CA ASN A 53 -8.51 8.32 11.67
C ASN A 53 -7.68 7.48 10.71
N ARG A 54 -6.93 6.52 11.24
CA ARG A 54 -6.06 5.66 10.43
C ARG A 54 -6.87 4.90 9.36
N THR A 55 -6.63 5.28 8.14
CA THR A 55 -7.25 4.69 7.01
C THR A 55 -6.39 3.52 6.61
N VAL A 56 -6.98 2.38 6.34
CA VAL A 56 -6.19 1.20 6.15
C VAL A 56 -5.48 1.12 4.87
N PRO A 57 -6.16 1.03 3.68
CA PRO A 57 -5.46 0.63 2.51
C PRO A 57 -4.62 1.77 1.88
N THR A 58 -3.88 2.36 2.69
CA THR A 58 -2.97 3.36 2.39
C THR A 58 -1.74 2.66 1.83
N VAL A 59 -1.20 3.17 0.78
CA VAL A 59 -0.11 2.52 0.11
C VAL A 59 1.08 3.48 -0.02
N LYS A 60 2.25 2.93 0.00
CA LYS A 60 3.47 3.64 -0.15
C LYS A 60 4.27 2.97 -1.25
N PHE A 61 4.56 3.70 -2.29
CA PHE A 61 5.30 3.19 -3.43
C PHE A 61 6.77 3.34 -3.21
N ALA A 62 7.56 2.57 -3.97
CA ALA A 62 9.04 2.64 -3.95
C ALA A 62 9.56 4.03 -4.37
N ASP A 63 8.65 4.84 -4.89
CA ASP A 63 8.92 6.22 -5.28
C ASP A 63 8.97 7.11 -4.02
N GLY A 64 8.40 6.61 -2.94
CA GLY A 64 8.35 7.37 -1.70
C GLY A 64 7.00 8.00 -1.47
N SER A 65 6.20 8.02 -2.51
CA SER A 65 4.89 8.63 -2.45
C SER A 65 3.84 7.68 -1.85
N THR A 66 2.92 8.26 -1.11
CA THR A 66 1.86 7.52 -0.48
C THR A 66 0.51 7.92 -1.07
N LEU A 67 -0.42 6.99 -1.12
CA LEU A 67 -1.77 7.26 -1.58
C LEU A 67 -2.75 6.71 -0.56
N THR A 68 -3.76 7.48 -0.25
CA THR A 68 -4.80 7.05 0.64
C THR A 68 -6.01 6.62 -0.22
N ASN A 69 -6.38 5.35 -0.10
CA ASN A 69 -7.50 4.73 -0.88
C ASN A 69 -7.29 4.84 -2.39
N PRO A 70 -6.29 4.16 -2.96
CA PRO A 70 -6.08 4.15 -4.39
C PRO A 70 -6.88 3.04 -5.09
N SER A 71 -7.12 3.22 -6.35
CA SER A 71 -7.76 2.24 -7.13
C SER A 71 -6.71 1.25 -7.63
N ALA A 72 -7.10 -0.01 -7.83
CA ALA A 72 -6.19 -1.05 -8.28
C ALA A 72 -5.60 -0.70 -9.63
N ASP A 73 -6.41 -0.02 -10.43
CA ASP A 73 -5.99 0.44 -11.75
C ASP A 73 -4.84 1.41 -11.63
N GLU A 74 -4.99 2.42 -10.76
CA GLU A 74 -3.92 3.37 -10.58
C GLU A 74 -2.70 2.72 -9.99
N VAL A 75 -2.89 1.84 -9.02
CA VAL A 75 -1.75 1.17 -8.38
C VAL A 75 -0.93 0.41 -9.42
N LYS A 76 -1.61 -0.30 -10.29
CA LYS A 76 -0.95 -1.06 -11.33
C LYS A 76 -0.24 -0.13 -12.33
N ALA A 77 -0.91 0.93 -12.74
CA ALA A 77 -0.35 1.89 -13.69
C ALA A 77 0.81 2.69 -13.07
N LYS A 78 0.75 2.93 -11.78
CA LYS A 78 1.83 3.61 -11.10
C LYS A 78 2.99 2.63 -10.87
N LEU A 79 2.66 1.38 -10.56
CA LEU A 79 3.65 0.34 -10.32
C LEU A 79 4.53 0.18 -11.55
N VAL A 80 3.90 0.09 -12.71
CA VAL A 80 4.61 -0.14 -13.95
C VAL A 80 5.60 0.97 -14.27
N LYS A 81 5.26 2.21 -13.94
CA LYS A 81 6.14 3.31 -14.18
C LYS A 81 7.23 3.44 -13.09
N ILE A 82 6.86 3.23 -11.82
CA ILE A 82 7.80 3.43 -10.71
C ILE A 82 8.82 2.30 -10.60
N ALA A 83 8.57 1.23 -11.31
CA ALA A 83 9.49 0.11 -11.34
C ALA A 83 10.61 0.36 -12.36
N GLY A 84 10.60 1.54 -12.97
CA GLY A 84 11.61 1.91 -13.93
C GLY A 84 11.34 1.29 -15.26
N LEU A 85 12.37 0.94 -15.98
CA LEU A 85 12.21 0.28 -17.24
C LEU A 85 12.32 -1.22 -16.96
N GLU A 86 11.18 -1.88 -16.96
CA GLU A 86 11.10 -3.28 -16.62
C GLU A 86 9.94 -3.94 -17.36
N HIS A 87 8.81 -3.31 -17.27
CA HIS A 87 7.61 -3.83 -17.89
C HIS A 87 7.61 -3.53 -19.37
N HIS A 88 7.90 -2.30 -19.69
CA HIS A 88 7.93 -1.84 -21.03
C HIS A 88 9.24 -1.13 -21.25
N MET A 1 8.50 -11.05 -0.40
CA MET A 1 9.76 -11.62 -0.91
C MET A 1 10.79 -10.53 -1.09
N VAL A 2 10.52 -9.59 -1.98
CA VAL A 2 11.49 -8.56 -2.32
C VAL A 2 11.22 -7.26 -1.59
N THR A 3 12.01 -6.24 -1.91
CA THR A 3 11.88 -4.92 -1.33
C THR A 3 10.44 -4.39 -1.53
N ALA A 4 9.88 -3.82 -0.48
CA ALA A 4 8.54 -3.28 -0.52
C ALA A 4 8.44 -2.04 -1.40
N ALA A 5 8.16 -2.27 -2.66
CA ALA A 5 7.94 -1.17 -3.59
C ALA A 5 6.61 -0.52 -3.27
N LEU A 6 5.70 -1.35 -2.77
CA LEU A 6 4.41 -0.91 -2.33
C LEU A 6 4.34 -1.20 -0.86
N THR A 7 4.23 -0.19 -0.08
CA THR A 7 4.09 -0.37 1.34
C THR A 7 2.62 -0.16 1.66
N ILE A 8 1.93 -1.22 1.99
CA ILE A 8 0.51 -1.15 2.22
C ILE A 8 0.21 -1.21 3.69
N TYR A 9 -0.61 -0.34 4.14
CA TYR A 9 -1.00 -0.27 5.51
C TYR A 9 -2.30 -1.06 5.70
N THR A 10 -2.25 -2.08 6.54
CA THR A 10 -3.41 -2.92 6.81
C THR A 10 -3.49 -3.24 8.29
N THR A 11 -4.67 -3.56 8.75
CA THR A 11 -4.90 -3.92 10.13
C THR A 11 -5.95 -5.02 10.17
N SER A 12 -6.31 -5.44 11.36
CA SER A 12 -7.39 -6.37 11.55
C SER A 12 -8.74 -5.68 11.34
N TRP A 13 -8.71 -4.38 11.04
CA TRP A 13 -9.90 -3.60 10.78
C TRP A 13 -10.13 -3.60 9.27
N CYS A 14 -9.32 -4.38 8.58
CA CYS A 14 -9.38 -4.42 7.15
C CYS A 14 -10.30 -5.47 6.60
N GLY A 15 -11.28 -4.98 5.91
CA GLY A 15 -12.17 -5.79 5.15
C GLY A 15 -12.11 -5.29 3.74
N TYR A 16 -12.40 -3.99 3.54
CA TYR A 16 -12.36 -3.38 2.21
C TYR A 16 -10.95 -3.30 1.66
N CYS A 17 -9.95 -3.39 2.54
CA CYS A 17 -8.54 -3.36 2.14
C CYS A 17 -8.21 -4.59 1.28
N LEU A 18 -8.92 -5.69 1.54
CA LEU A 18 -8.65 -6.97 0.93
C LEU A 18 -8.99 -6.98 -0.55
N ARG A 19 -9.96 -6.16 -0.93
CA ARG A 19 -10.41 -6.09 -2.32
C ARG A 19 -9.28 -5.58 -3.22
N LEU A 20 -8.46 -4.72 -2.68
CA LEU A 20 -7.31 -4.20 -3.39
C LEU A 20 -6.15 -5.16 -3.26
N LYS A 21 -5.97 -5.66 -2.05
CA LYS A 21 -4.88 -6.56 -1.70
C LYS A 21 -4.86 -7.80 -2.61
N THR A 22 -5.99 -8.49 -2.67
CA THR A 22 -6.12 -9.69 -3.47
C THR A 22 -5.96 -9.36 -4.98
N ALA A 23 -6.33 -8.16 -5.36
CA ALA A 23 -6.20 -7.71 -6.74
C ALA A 23 -4.74 -7.55 -7.10
N LEU A 24 -3.97 -7.08 -6.17
CA LEU A 24 -2.55 -6.89 -6.36
C LEU A 24 -1.87 -8.25 -6.43
N THR A 25 -2.32 -9.17 -5.58
CA THR A 25 -1.84 -10.55 -5.59
C THR A 25 -2.11 -11.18 -6.98
N ALA A 26 -3.30 -10.94 -7.52
CA ALA A 26 -3.69 -11.44 -8.82
C ALA A 26 -2.87 -10.79 -9.93
N ASN A 27 -2.60 -9.52 -9.77
CA ASN A 27 -1.82 -8.72 -10.72
C ASN A 27 -0.31 -8.95 -10.62
N ARG A 28 0.09 -9.91 -9.77
CA ARG A 28 1.51 -10.27 -9.54
C ARG A 28 2.30 -9.10 -8.98
N ILE A 29 1.64 -8.21 -8.29
CA ILE A 29 2.28 -7.04 -7.74
C ILE A 29 2.88 -7.40 -6.37
N ALA A 30 4.17 -7.15 -6.24
CA ALA A 30 4.90 -7.50 -5.02
C ALA A 30 4.82 -6.38 -4.00
N TYR A 31 4.20 -6.65 -2.88
CA TYR A 31 3.95 -5.63 -1.88
C TYR A 31 4.19 -6.16 -0.48
N ASP A 32 4.31 -5.24 0.44
CA ASP A 32 4.48 -5.58 1.84
C ASP A 32 3.45 -4.85 2.65
N GLU A 33 2.70 -5.57 3.43
CA GLU A 33 1.70 -4.99 4.27
C GLU A 33 2.21 -4.84 5.70
N VAL A 34 2.00 -3.67 6.25
CA VAL A 34 2.63 -3.31 7.50
C VAL A 34 1.91 -3.82 8.76
N ASP A 35 2.74 -4.35 9.64
CA ASP A 35 2.48 -4.93 11.00
C ASP A 35 1.76 -3.97 11.99
N ILE A 36 1.46 -2.74 11.54
CA ILE A 36 1.10 -1.55 12.38
C ILE A 36 0.16 -1.77 13.56
N GLU A 37 -0.71 -2.74 13.52
CA GLU A 37 -1.70 -2.87 14.57
C GLU A 37 -1.10 -3.26 15.92
N HIS A 38 0.14 -3.68 15.94
CA HIS A 38 0.79 -4.00 17.19
C HIS A 38 1.98 -3.06 17.44
N ASN A 39 2.28 -2.20 16.47
CA ASN A 39 3.45 -1.32 16.60
C ASN A 39 3.13 0.14 16.33
N ARG A 40 3.16 0.88 17.43
CA ARG A 40 2.82 2.31 17.49
C ARG A 40 3.57 3.18 16.46
N ALA A 41 4.85 2.85 16.22
CA ALA A 41 5.71 3.66 15.34
C ALA A 41 5.12 3.86 13.96
N ALA A 42 4.73 2.80 13.34
CA ALA A 42 4.20 2.87 12.00
C ALA A 42 2.69 3.13 12.03
N ALA A 43 2.03 2.72 13.11
CA ALA A 43 0.59 2.91 13.24
C ALA A 43 0.26 4.39 13.35
N GLU A 44 1.11 5.11 14.05
CA GLU A 44 0.92 6.52 14.24
C GLU A 44 1.22 7.26 12.92
N PHE A 45 2.11 6.68 12.13
CA PHE A 45 2.50 7.23 10.84
C PHE A 45 1.34 7.16 9.84
N VAL A 46 0.47 6.16 10.02
CA VAL A 46 -0.71 6.00 9.17
C VAL A 46 -1.65 7.20 9.36
N GLY A 47 -1.65 7.75 10.56
CA GLY A 47 -2.45 8.91 10.84
C GLY A 47 -1.84 10.14 10.21
N SER A 48 -0.52 10.21 10.27
CA SER A 48 0.25 11.34 9.74
C SER A 48 0.12 11.47 8.21
N VAL A 49 -0.09 10.36 7.52
CA VAL A 49 -0.21 10.41 6.06
C VAL A 49 -1.66 10.58 5.60
N ASN A 50 -2.60 10.57 6.53
CA ASN A 50 -4.00 10.72 6.16
C ASN A 50 -4.62 11.97 6.73
N GLY A 51 -4.16 12.38 7.90
CA GLY A 51 -4.69 13.56 8.51
C GLY A 51 -5.51 13.24 9.73
N GLY A 52 -4.84 12.71 10.74
CA GLY A 52 -5.51 12.44 12.01
C GLY A 52 -6.08 11.05 12.08
N ASN A 53 -6.75 10.66 11.04
CA ASN A 53 -7.43 9.37 10.98
C ASN A 53 -6.50 8.33 10.42
N ARG A 54 -6.74 7.11 10.77
CA ARG A 54 -5.96 6.02 10.27
C ARG A 54 -6.75 5.26 9.24
N THR A 55 -6.73 5.78 8.04
CA THR A 55 -7.40 5.17 6.93
C THR A 55 -6.62 3.96 6.49
N VAL A 56 -7.31 2.82 6.37
CA VAL A 56 -6.67 1.60 6.02
C VAL A 56 -5.87 1.40 4.84
N PRO A 57 -6.42 1.03 3.66
CA PRO A 57 -5.58 0.61 2.63
C PRO A 57 -4.84 1.78 1.91
N THR A 58 -3.85 2.25 2.56
CA THR A 58 -3.04 3.30 2.09
C THR A 58 -1.75 2.67 1.60
N VAL A 59 -1.35 3.02 0.43
CA VAL A 59 -0.16 2.49 -0.13
C VAL A 59 0.87 3.59 -0.31
N LYS A 60 2.05 3.32 0.13
CA LYS A 60 3.15 4.21 -0.07
C LYS A 60 4.02 3.64 -1.16
N PHE A 61 4.18 4.38 -2.22
CA PHE A 61 5.00 3.95 -3.33
C PHE A 61 6.42 4.41 -3.14
N ALA A 62 7.30 3.88 -3.97
CA ALA A 62 8.70 4.28 -3.99
C ALA A 62 8.85 5.70 -4.54
N ASP A 63 7.75 6.20 -5.08
CA ASP A 63 7.66 7.56 -5.63
C ASP A 63 7.70 8.60 -4.50
N GLY A 64 7.40 8.15 -3.30
CA GLY A 64 7.36 9.01 -2.15
C GLY A 64 5.95 9.43 -1.81
N SER A 65 5.08 9.34 -2.79
CA SER A 65 3.70 9.69 -2.63
C SER A 65 2.92 8.52 -2.00
N THR A 66 1.89 8.83 -1.26
CA THR A 66 1.06 7.82 -0.69
C THR A 66 -0.31 7.93 -1.32
N LEU A 67 -0.91 6.83 -1.61
CA LEU A 67 -2.23 6.81 -2.16
C LEU A 67 -3.15 6.10 -1.23
N THR A 68 -4.10 6.83 -0.73
CA THR A 68 -5.05 6.29 0.15
C THR A 68 -6.21 5.72 -0.65
N ASN A 69 -6.33 4.40 -0.61
CA ASN A 69 -7.38 3.64 -1.30
C ASN A 69 -7.44 3.95 -2.83
N PRO A 70 -6.45 3.50 -3.60
CA PRO A 70 -6.48 3.61 -5.07
C PRO A 70 -7.05 2.33 -5.70
N SER A 71 -7.07 2.25 -7.00
CA SER A 71 -7.51 1.05 -7.65
C SER A 71 -6.30 0.24 -8.09
N ALA A 72 -6.52 -1.04 -8.41
CA ALA A 72 -5.46 -1.97 -8.75
C ALA A 72 -4.74 -1.57 -10.03
N ASP A 73 -5.52 -1.16 -11.03
CA ASP A 73 -4.98 -0.73 -12.33
C ASP A 73 -4.05 0.46 -12.16
N GLU A 74 -4.41 1.33 -11.24
CA GLU A 74 -3.65 2.52 -10.96
C GLU A 74 -2.35 2.16 -10.31
N VAL A 75 -2.40 1.20 -9.38
CA VAL A 75 -1.20 0.73 -8.70
C VAL A 75 -0.22 0.17 -9.73
N LYS A 76 -0.75 -0.58 -10.69
CA LYS A 76 0.03 -1.14 -11.77
C LYS A 76 0.69 -0.02 -12.62
N ALA A 77 -0.08 1.02 -12.93
CA ALA A 77 0.41 2.13 -13.77
C ALA A 77 1.37 3.06 -13.00
N LYS A 78 1.25 3.08 -11.71
CA LYS A 78 2.19 3.85 -10.89
C LYS A 78 3.42 3.00 -10.63
N LEU A 79 3.25 1.69 -10.68
CA LEU A 79 4.34 0.77 -10.43
C LEU A 79 5.33 0.86 -11.58
N VAL A 80 4.81 0.96 -12.79
CA VAL A 80 5.63 1.03 -13.98
C VAL A 80 6.56 2.25 -13.98
N LYS A 81 6.11 3.36 -13.40
CA LYS A 81 6.95 4.54 -13.37
C LYS A 81 7.97 4.46 -12.24
N ILE A 82 7.62 3.78 -11.15
CA ILE A 82 8.49 3.75 -10.00
C ILE A 82 9.55 2.66 -10.11
N ALA A 83 9.20 1.57 -10.74
CA ALA A 83 10.11 0.48 -10.94
C ALA A 83 10.68 0.50 -12.34
N GLY A 84 9.80 0.37 -13.32
CA GLY A 84 10.23 0.30 -14.70
C GLY A 84 10.66 -1.09 -15.08
N LEU A 85 10.19 -2.07 -14.32
CA LEU A 85 10.57 -3.43 -14.58
C LEU A 85 9.49 -4.17 -15.35
N GLU A 86 8.24 -4.01 -14.91
CA GLU A 86 7.11 -4.63 -15.58
C GLU A 86 6.87 -3.93 -16.93
N HIS A 87 6.94 -2.63 -16.90
CA HIS A 87 6.83 -1.72 -18.04
C HIS A 87 7.28 -0.39 -17.56
N HIS A 88 7.28 0.59 -18.43
CA HIS A 88 7.59 1.94 -18.06
C HIS A 88 6.71 2.87 -18.88
N MET A 1 13.83 -9.35 -1.38
CA MET A 1 13.33 -10.62 -1.91
C MET A 1 12.58 -10.39 -3.21
N VAL A 2 11.52 -9.62 -3.13
CA VAL A 2 10.71 -9.31 -4.29
C VAL A 2 10.68 -7.82 -4.50
N THR A 3 10.12 -7.40 -5.59
CA THR A 3 10.04 -6.00 -5.92
C THR A 3 8.84 -5.34 -5.20
N ALA A 4 9.01 -5.11 -3.93
CA ALA A 4 8.00 -4.47 -3.15
C ALA A 4 8.27 -2.99 -3.12
N ALA A 5 7.78 -2.31 -4.12
CA ALA A 5 8.00 -0.88 -4.28
C ALA A 5 6.89 -0.08 -3.63
N LEU A 6 5.96 -0.79 -3.03
CA LEU A 6 4.85 -0.20 -2.35
C LEU A 6 4.66 -0.81 -0.99
N THR A 7 4.44 0.04 -0.05
CA THR A 7 4.20 -0.34 1.29
C THR A 7 2.72 -0.08 1.58
N ILE A 8 2.01 -1.07 2.02
CA ILE A 8 0.58 -0.95 2.26
C ILE A 8 0.29 -1.05 3.74
N TYR A 9 -0.53 -0.17 4.20
CA TYR A 9 -0.96 -0.17 5.57
C TYR A 9 -2.15 -1.10 5.71
N THR A 10 -2.08 -2.01 6.67
CA THR A 10 -3.11 -3.01 6.85
C THR A 10 -3.44 -3.28 8.33
N THR A 11 -4.69 -3.60 8.57
CA THR A 11 -5.17 -4.06 9.85
C THR A 11 -6.34 -5.00 9.54
N SER A 12 -6.48 -6.08 10.29
CA SER A 12 -7.46 -7.12 9.97
C SER A 12 -8.93 -6.68 10.19
N TRP A 13 -9.08 -5.47 10.71
CA TRP A 13 -10.37 -4.85 10.96
C TRP A 13 -11.13 -4.62 9.69
N CYS A 14 -10.39 -4.24 8.69
CA CYS A 14 -10.89 -3.78 7.46
C CYS A 14 -11.01 -4.87 6.41
N GLY A 15 -12.16 -4.91 5.76
CA GLY A 15 -12.40 -5.87 4.71
C GLY A 15 -12.06 -5.31 3.34
N TYR A 16 -12.31 -4.02 3.14
CA TYR A 16 -12.03 -3.37 1.84
C TYR A 16 -10.53 -3.39 1.54
N CYS A 17 -9.76 -3.24 2.58
CA CYS A 17 -8.32 -3.27 2.51
C CYS A 17 -7.84 -4.59 1.90
N LEU A 18 -8.49 -5.68 2.32
CA LEU A 18 -8.17 -7.01 1.89
C LEU A 18 -8.63 -7.22 0.43
N ARG A 19 -9.68 -6.53 0.05
CA ARG A 19 -10.25 -6.61 -1.28
C ARG A 19 -9.23 -6.12 -2.32
N LEU A 20 -8.63 -4.99 -2.03
CA LEU A 20 -7.61 -4.44 -2.91
C LEU A 20 -6.32 -5.24 -2.80
N LYS A 21 -6.01 -5.65 -1.58
CA LYS A 21 -4.82 -6.41 -1.25
C LYS A 21 -4.73 -7.69 -2.09
N THR A 22 -5.85 -8.42 -2.17
CA THR A 22 -5.93 -9.63 -2.93
C THR A 22 -5.87 -9.35 -4.44
N ALA A 23 -6.47 -8.23 -4.85
CA ALA A 23 -6.45 -7.80 -6.25
C ALA A 23 -5.03 -7.56 -6.70
N LEU A 24 -4.26 -6.89 -5.87
CA LEU A 24 -2.88 -6.62 -6.15
C LEU A 24 -2.09 -7.91 -6.22
N THR A 25 -2.41 -8.85 -5.35
CA THR A 25 -1.75 -10.14 -5.32
C THR A 25 -2.07 -10.92 -6.61
N ALA A 26 -3.32 -10.90 -7.03
CA ALA A 26 -3.75 -11.56 -8.26
C ALA A 26 -3.13 -10.91 -9.49
N ASN A 27 -2.74 -9.68 -9.33
CA ASN A 27 -2.12 -8.91 -10.39
C ASN A 27 -0.59 -8.96 -10.30
N ARG A 28 -0.09 -9.87 -9.45
CA ARG A 28 1.34 -10.17 -9.27
C ARG A 28 2.09 -8.95 -8.66
N ILE A 29 1.35 -8.02 -8.11
CA ILE A 29 1.93 -6.85 -7.53
C ILE A 29 2.50 -7.18 -6.16
N ALA A 30 3.78 -6.95 -5.99
CA ALA A 30 4.45 -7.25 -4.76
C ALA A 30 4.44 -6.02 -3.87
N TYR A 31 4.04 -6.22 -2.65
CA TYR A 31 3.89 -5.14 -1.69
C TYR A 31 4.29 -5.62 -0.33
N ASP A 32 4.59 -4.70 0.54
CA ASP A 32 4.91 -5.04 1.90
C ASP A 32 3.90 -4.38 2.81
N GLU A 33 3.24 -5.16 3.63
CA GLU A 33 2.23 -4.62 4.50
C GLU A 33 2.86 -4.26 5.85
N VAL A 34 2.36 -3.22 6.45
CA VAL A 34 2.92 -2.72 7.67
C VAL A 34 2.33 -3.46 8.89
N ASP A 35 3.08 -3.45 9.97
CA ASP A 35 2.82 -4.14 11.25
C ASP A 35 1.88 -3.37 12.19
N ILE A 36 1.42 -2.18 11.73
CA ILE A 36 0.69 -1.17 12.58
C ILE A 36 -0.37 -1.73 13.56
N GLU A 37 -1.01 -2.84 13.22
CA GLU A 37 -2.03 -3.45 14.06
C GLU A 37 -1.44 -3.83 15.41
N HIS A 38 -0.19 -4.23 15.38
CA HIS A 38 0.55 -4.65 16.54
C HIS A 38 1.81 -3.82 16.68
N ASN A 39 1.77 -2.63 16.12
CA ASN A 39 2.89 -1.70 16.20
C ASN A 39 2.39 -0.28 16.18
N ARG A 40 2.33 0.33 17.32
CA ARG A 40 1.86 1.70 17.43
C ARG A 40 2.83 2.71 16.79
N ALA A 41 4.09 2.32 16.61
CA ALA A 41 5.07 3.24 16.06
C ALA A 41 4.79 3.61 14.61
N ALA A 42 4.43 2.63 13.82
CA ALA A 42 4.09 2.88 12.43
C ALA A 42 2.63 3.30 12.34
N ALA A 43 1.85 2.95 13.35
CA ALA A 43 0.44 3.31 13.40
C ALA A 43 0.28 4.82 13.47
N GLU A 44 1.19 5.45 14.23
CA GLU A 44 1.28 6.91 14.33
C GLU A 44 1.50 7.51 12.94
N PHE A 45 2.32 6.83 12.15
CA PHE A 45 2.71 7.28 10.84
C PHE A 45 1.52 7.24 9.86
N VAL A 46 0.59 6.31 10.09
CA VAL A 46 -0.63 6.21 9.27
C VAL A 46 -1.45 7.48 9.42
N GLY A 47 -1.56 7.93 10.65
CA GLY A 47 -2.28 9.15 10.94
C GLY A 47 -1.52 10.37 10.46
N SER A 48 -0.23 10.21 10.24
CA SER A 48 0.60 11.27 9.77
C SER A 48 0.48 11.41 8.24
N VAL A 49 0.23 10.30 7.54
CA VAL A 49 0.07 10.36 6.09
C VAL A 49 -1.34 10.79 5.71
N ASN A 50 -2.32 10.34 6.48
CA ASN A 50 -3.66 10.83 6.31
C ASN A 50 -4.12 11.48 7.59
N GLY A 51 -3.78 12.76 7.66
CA GLY A 51 -3.93 13.57 8.86
C GLY A 51 -5.28 13.51 9.53
N GLY A 52 -5.27 13.05 10.76
CA GLY A 52 -6.47 13.02 11.55
C GLY A 52 -7.17 11.69 11.58
N ASN A 53 -6.91 10.84 10.62
CA ASN A 53 -7.59 9.56 10.55
C ASN A 53 -6.56 8.45 10.45
N ARG A 54 -7.00 7.24 10.56
CA ARG A 54 -6.16 6.11 10.27
C ARG A 54 -6.82 5.31 9.19
N THR A 55 -6.84 5.85 8.00
CA THR A 55 -7.43 5.18 6.87
C THR A 55 -6.49 4.05 6.50
N VAL A 56 -7.00 2.81 6.49
CA VAL A 56 -6.12 1.68 6.35
C VAL A 56 -5.50 1.53 5.02
N PRO A 57 -6.25 1.26 3.88
CA PRO A 57 -5.58 0.86 2.72
C PRO A 57 -4.92 2.03 1.99
N THR A 58 -3.91 2.46 2.58
CA THR A 58 -3.12 3.50 2.16
C THR A 58 -1.82 2.88 1.68
N VAL A 59 -1.39 3.27 0.54
CA VAL A 59 -0.22 2.74 -0.03
C VAL A 59 0.82 3.84 -0.16
N LYS A 60 2.00 3.52 0.22
CA LYS A 60 3.11 4.40 0.07
C LYS A 60 4.06 3.80 -0.93
N PHE A 61 4.28 4.48 -2.01
CA PHE A 61 5.19 4.01 -3.00
C PHE A 61 6.58 4.50 -2.67
N ALA A 62 7.58 3.83 -3.22
CA ALA A 62 9.00 4.20 -3.04
C ALA A 62 9.26 5.63 -3.50
N ASP A 63 8.36 6.12 -4.34
CA ASP A 63 8.39 7.48 -4.88
C ASP A 63 8.11 8.52 -3.77
N GLY A 64 7.55 8.08 -2.66
CA GLY A 64 7.25 8.98 -1.54
C GLY A 64 5.81 9.38 -1.53
N SER A 65 5.14 9.04 -2.58
CA SER A 65 3.77 9.34 -2.75
C SER A 65 2.89 8.35 -2.00
N THR A 66 1.89 8.87 -1.32
CA THR A 66 0.97 8.04 -0.62
C THR A 66 -0.39 8.18 -1.27
N LEU A 67 -1.06 7.08 -1.40
CA LEU A 67 -2.37 7.02 -2.00
C LEU A 67 -3.30 6.30 -1.06
N THR A 68 -4.41 6.91 -0.77
CA THR A 68 -5.38 6.34 0.11
C THR A 68 -6.57 5.84 -0.71
N ASN A 69 -6.88 4.55 -0.54
CA ASN A 69 -7.96 3.85 -1.26
C ASN A 69 -7.84 3.96 -2.79
N PRO A 70 -6.69 3.58 -3.39
CA PRO A 70 -6.54 3.63 -4.84
C PRO A 70 -7.12 2.39 -5.51
N SER A 71 -7.28 2.45 -6.79
CA SER A 71 -7.73 1.31 -7.53
C SER A 71 -6.50 0.48 -7.92
N ALA A 72 -6.69 -0.81 -8.15
CA ALA A 72 -5.59 -1.72 -8.47
C ALA A 72 -4.89 -1.32 -9.76
N ASP A 73 -5.69 -0.84 -10.72
CA ASP A 73 -5.17 -0.38 -12.01
C ASP A 73 -4.29 0.84 -11.84
N GLU A 74 -4.65 1.69 -10.87
CA GLU A 74 -3.88 2.87 -10.58
C GLU A 74 -2.55 2.47 -10.02
N VAL A 75 -2.57 1.51 -9.10
CA VAL A 75 -1.36 0.99 -8.48
C VAL A 75 -0.45 0.39 -9.54
N LYS A 76 -1.04 -0.40 -10.43
CA LYS A 76 -0.34 -1.02 -11.54
C LYS A 76 0.33 0.03 -12.45
N ALA A 77 -0.42 1.05 -12.83
CA ALA A 77 0.10 2.11 -13.71
C ALA A 77 1.13 2.99 -13.00
N LYS A 78 1.09 3.03 -11.69
CA LYS A 78 2.11 3.74 -10.94
C LYS A 78 3.33 2.87 -10.81
N LEU A 79 3.12 1.59 -10.53
CA LEU A 79 4.19 0.62 -10.31
C LEU A 79 5.15 0.62 -11.50
N VAL A 80 4.57 0.54 -12.69
CA VAL A 80 5.34 0.49 -13.90
C VAL A 80 6.23 1.73 -14.07
N LYS A 81 5.70 2.90 -13.75
CA LYS A 81 6.42 4.13 -13.94
C LYS A 81 7.42 4.42 -12.82
N ILE A 82 7.06 4.11 -11.58
CA ILE A 82 7.94 4.42 -10.46
C ILE A 82 9.04 3.39 -10.27
N ALA A 83 8.72 2.12 -10.48
CA ALA A 83 9.71 1.08 -10.33
C ALA A 83 10.53 0.95 -11.60
N GLY A 84 9.90 1.25 -12.73
CA GLY A 84 10.59 1.27 -14.01
C GLY A 84 10.81 -0.11 -14.61
N LEU A 85 11.33 -1.02 -13.84
CA LEU A 85 11.68 -2.35 -14.30
C LEU A 85 10.46 -3.31 -14.26
N GLU A 86 9.27 -2.77 -14.37
CA GLU A 86 8.11 -3.61 -14.44
C GLU A 86 7.57 -3.46 -15.86
N HIS A 87 7.91 -4.44 -16.70
CA HIS A 87 7.57 -4.45 -18.12
C HIS A 87 8.12 -3.16 -18.76
N HIS A 88 9.42 -3.12 -18.89
CA HIS A 88 10.09 -1.94 -19.34
C HIS A 88 10.12 -1.89 -20.85
#